data_7RHG
#
_entry.id   7RHG
#
_cell.length_a   1.00
_cell.length_b   1.00
_cell.length_c   1.00
_cell.angle_alpha   90.00
_cell.angle_beta   90.00
_cell.angle_gamma   90.00
#
_symmetry.space_group_name_H-M   'P 1'
#
loop_
_entity.id
_entity.type
_entity.pdbx_description
1 polymer 'cGMP-gated cation channel alpha-1'
2 polymer 'Cyclic nucleotide-gated cation channel beta-1'
3 non-polymer "ADENOSINE-3',5'-CYCLIC-MONOPHOSPHATE"
#
loop_
_entity_poly.entity_id
_entity_poly.type
_entity_poly.pdbx_seq_one_letter_code
_entity_poly.pdbx_strand_id
1 'polypeptide(L)'
;MDYKDDDDKGGSASKDKKEEEKKEVVVIDPSGNTYYNWLFCITLPVMYNWTMVIARACFDELQSDYLEYWLILDYVSDIV
YLIDMFVRTRTGYLEQGLLVKEELKLINKYKSNLQFKLDVLSLIPTDLLYFKLGWNYPEIRLNRLLRFSRMFEFFQRTET
RTNYPNIFRISNLVMYIVIIIHWNACVFYSISKAIGFGNDTWVYPDINDPEFGRLARKYVYSLYWSTLTLTTIGETPPPV
RDSEYVFVVVDFLIGVLIFATIVGNIGSMISNMNAARAEFQARIDAIKQYMHFRNVSKDMEKRVIKWFDYLWTNKKTVDE
KEVLKYLPDKLRAEIAINVHLDTLKKVRIFADCEAGLLVELVLKLQPQVYSPGDYICKKGDIGREMYIIKEGKLAVVADD
GVTQFVVLSDGSYFGEISILNIKGSKAGNRRTANIKSIGYSDLFCLSKDDLMEALTEYPDAKTMLEEKGKQILMKDGLLD
LNIANAGSDPKDLEEKVTRMEGSVDLLQTRFARILAEYESMQQKLKQRLTKVEKFLKPLIDTEFSSIEGPGAESGPIDST
;
C,A,D
2 'polypeptide(L)'
;MDYKDDDDKGGSASSGVPATKQHPEVQVEDTDADSCPLMAEENPPSTVLPPPSPAKSDTLIVPSSASGTHRKKLPSEDDE
AEELKALSPAESPVVAWSDPTTPKDTDGQDRAASTASTNSAIINDRLQELVKLFKERTEKVKEKLIDPDVTSDEESPKPS
PAKKAPEPAPDTKPAEAEPVEEEHYCDMLCCKFKHRPWKKYQFPQSIDPLTNLMYVLWLFFVVMAWNWNCWLIPVRWAFP
YQTPDNIHHWLLMDYLCDLIYFLDITVFQTRLQFVRGGDIITDKKDMRNNYLKSRRFKMDLLSLLPLDFLYLKVGVNPLL
RLPRCLKYMAFFEFNSRLESILSKAYVYRVIRTTAYLLYSLHLNSCLYYWASAYQGLGSTHWVYDGVGNSYIRCYYFAVK
TLITIGGLPDPKTLFEIVFQLLNYFTGVFAFSVMIGQMRDVVGAATAGQTYYRSCMDSTVKYMNFYKIPKSVQNRVKTWY
EYTWHSQGMLDESELMVQLPDKMRLDLAIDVNYNIVSKVALFQGCDRQMIFDMLKRLRSVVYLPNDYVCKKGEIGREMYI
IQAGQVQVLGGPDGKSVLVTLKAGSVFGEISLLAVGGGNRRTANVVAHGFTNLFILDKKDLNEILVHYPESQKLLRKKAR
RMLRSNNKPKEEKSVLILPPRAGTPKLFNAALAMTGKMGGKGAKGGKLAHLRARLKELAALEAAAKQQELVEQAKSSQDV
KGEEGSAAPDQHTHPKEAATDPPAPRTPPEPPGSPPSSPPPASLGRPEGEEEGPAEPEEHSVRICMSPGPEPGEQILSVK
MPEEREEKAE
;
B
#
loop_
_chem_comp.id
_chem_comp.type
_chem_comp.name
_chem_comp.formula
CMP non-polymer ADENOSINE-3',5'-CYCLIC-MONOPHOSPHATE 'C10 H12 N5 O6 P'
#
# COMPACT_ATOMS: atom_id res chain seq x y z
N VAL A 26 -41.04 19.38 -12.44
CA VAL A 26 -39.65 19.30 -12.84
C VAL A 26 -38.80 18.87 -11.64
N VAL A 27 -37.76 18.07 -11.91
CA VAL A 27 -36.89 17.54 -10.86
C VAL A 27 -35.44 17.71 -11.31
N ILE A 28 -34.54 17.82 -10.35
CA ILE A 28 -33.11 17.98 -10.61
C ILE A 28 -32.42 16.65 -10.39
N ASP A 29 -31.70 16.19 -11.39
CA ASP A 29 -30.89 14.97 -11.25
C ASP A 29 -29.65 15.29 -10.43
N PRO A 30 -29.44 14.62 -9.29
CA PRO A 30 -28.22 14.89 -8.50
C PRO A 30 -26.93 14.56 -9.22
N SER A 31 -26.94 13.57 -10.11
CA SER A 31 -25.75 13.23 -10.89
C SER A 31 -25.60 14.08 -12.13
N GLY A 32 -26.54 14.98 -12.40
CA GLY A 32 -26.48 15.83 -13.58
C GLY A 32 -25.60 17.05 -13.38
N ASN A 33 -25.43 17.80 -14.46
CA ASN A 33 -24.60 18.99 -14.43
C ASN A 33 -25.30 20.16 -13.74
N THR A 34 -26.63 20.20 -13.78
CA THR A 34 -27.37 21.28 -13.14
C THR A 34 -27.21 21.24 -11.62
N TYR A 35 -27.23 20.05 -11.04
CA TYR A 35 -27.04 19.92 -9.60
C TYR A 35 -25.64 20.35 -9.18
N TYR A 36 -24.63 20.00 -9.98
CA TYR A 36 -23.27 20.43 -9.67
C TYR A 36 -23.12 21.93 -9.85
N ASN A 37 -23.78 22.51 -10.86
CA ASN A 37 -23.73 23.95 -11.05
C ASN A 37 -24.40 24.69 -9.90
N TRP A 38 -25.50 24.14 -9.37
CA TRP A 38 -26.11 24.74 -8.19
C TRP A 38 -25.25 24.53 -6.95
N LEU A 39 -24.51 23.42 -6.89
CA LEU A 39 -23.63 23.18 -5.76
C LEU A 39 -22.55 24.26 -5.66
N PHE A 40 -22.06 24.73 -6.81
CA PHE A 40 -21.17 25.88 -6.80
C PHE A 40 -21.88 27.15 -6.35
N CYS A 41 -23.13 27.32 -6.76
CA CYS A 41 -23.87 28.53 -6.43
C CYS A 41 -24.26 28.61 -4.97
N ILE A 42 -24.34 27.47 -4.27
CA ILE A 42 -24.56 27.48 -2.83
C ILE A 42 -23.25 27.46 -2.06
N THR A 43 -22.16 27.01 -2.68
CA THR A 43 -20.87 27.01 -2.01
C THR A 43 -20.36 28.42 -1.74
N LEU A 44 -20.67 29.37 -2.63
CA LEU A 44 -20.20 30.74 -2.43
C LEU A 44 -20.79 31.40 -1.18
N PRO A 45 -22.11 31.36 -0.92
CA PRO A 45 -22.60 31.91 0.36
C PRO A 45 -22.08 31.17 1.59
N VAL A 46 -21.88 29.86 1.49
CA VAL A 46 -21.34 29.12 2.64
C VAL A 46 -19.91 29.53 2.91
N MET A 47 -19.10 29.69 1.86
CA MET A 47 -17.73 30.15 2.02
C MET A 47 -17.69 31.58 2.53
N TYR A 48 -18.61 32.42 2.08
CA TYR A 48 -18.69 33.80 2.58
C TYR A 48 -19.05 33.81 4.06
N ASN A 49 -19.96 32.92 4.48
CA ASN A 49 -20.35 32.86 5.88
C ASN A 49 -19.27 32.20 6.73
N TRP A 50 -18.60 31.18 6.21
CA TRP A 50 -17.58 30.46 6.98
C TRP A 50 -16.27 31.22 7.09
N THR A 51 -16.11 32.31 6.35
CA THR A 51 -14.89 33.10 6.40
C THR A 51 -15.09 34.51 6.90
N MET A 52 -16.15 35.20 6.47
CA MET A 52 -16.26 36.62 6.74
C MET A 52 -17.16 36.96 7.92
N VAL A 53 -18.02 36.04 8.34
CA VAL A 53 -18.84 36.30 9.54
C VAL A 53 -17.96 36.40 10.78
N ILE A 54 -17.02 35.46 10.93
CA ILE A 54 -16.11 35.52 12.07
C ILE A 54 -15.15 36.71 11.95
N ALA A 55 -14.76 37.07 10.72
CA ALA A 55 -13.90 38.23 10.53
C ALA A 55 -14.59 39.53 10.93
N ARG A 56 -15.86 39.66 10.57
CA ARG A 56 -16.62 40.85 10.98
C ARG A 56 -16.93 40.82 12.47
N ALA A 57 -17.12 39.63 13.05
CA ALA A 57 -17.37 39.53 14.47
C ALA A 57 -16.14 39.93 15.28
N CYS A 58 -14.95 39.55 14.82
CA CYS A 58 -13.73 39.82 15.56
C CYS A 58 -13.13 41.18 15.22
N PHE A 59 -13.01 41.50 13.93
CA PHE A 59 -12.48 42.79 13.50
C PHE A 59 -13.65 43.76 13.37
N ASP A 60 -13.79 44.63 14.38
CA ASP A 60 -14.94 45.54 14.43
C ASP A 60 -14.89 46.59 13.32
N GLU A 61 -13.67 47.00 12.92
CA GLU A 61 -13.55 47.98 11.84
C GLU A 61 -14.04 47.41 10.52
N LEU A 62 -13.79 46.12 10.27
CA LEU A 62 -14.28 45.47 9.06
C LEU A 62 -15.80 45.44 9.02
N GLN A 63 -16.43 45.16 10.15
CA GLN A 63 -17.89 45.12 10.20
C GLN A 63 -18.48 46.53 10.08
N SER A 64 -17.85 47.52 10.71
CA SER A 64 -18.41 48.86 10.75
C SER A 64 -18.24 49.61 9.44
N ASP A 65 -17.08 49.43 8.78
CA ASP A 65 -16.78 50.26 7.61
C ASP A 65 -17.63 49.88 6.40
N TYR A 66 -17.75 48.58 6.14
CA TYR A 66 -18.41 48.07 4.93
C TYR A 66 -19.78 47.49 5.25
N LEU A 67 -20.51 48.15 6.17
CA LEU A 67 -21.75 47.61 6.72
C LEU A 67 -22.81 47.42 5.63
N GLU A 68 -22.92 48.38 4.71
CA GLU A 68 -23.91 48.25 3.64
C GLU A 68 -23.58 47.06 2.73
N TYR A 69 -22.31 46.88 2.40
CA TYR A 69 -21.91 45.73 1.59
C TYR A 69 -22.17 44.42 2.32
N TRP A 70 -21.91 44.39 3.63
CA TRP A 70 -22.19 43.18 4.40
C TRP A 70 -23.68 42.89 4.47
N LEU A 71 -24.50 43.93 4.58
CA LEU A 71 -25.95 43.73 4.56
C LEU A 71 -26.43 43.18 3.23
N ILE A 72 -25.90 43.73 2.12
CA ILE A 72 -26.27 43.25 0.79
C ILE A 72 -25.85 41.80 0.61
N LEU A 73 -24.62 41.46 1.01
CA LEU A 73 -24.14 40.10 0.86
C LEU A 73 -24.87 39.12 1.78
N ASP A 74 -25.23 39.56 2.99
CA ASP A 74 -25.99 38.71 3.90
C ASP A 74 -27.38 38.44 3.34
N TYR A 75 -28.04 39.46 2.79
CA TYR A 75 -29.37 39.27 2.22
C TYR A 75 -29.31 38.37 0.99
N VAL A 76 -28.28 38.54 0.16
CA VAL A 76 -28.13 37.69 -1.02
C VAL A 76 -27.86 36.24 -0.60
N SER A 77 -27.00 36.05 0.41
CA SER A 77 -26.70 34.70 0.88
C SER A 77 -27.94 34.05 1.49
N ASP A 78 -28.76 34.83 2.21
CA ASP A 78 -30.01 34.28 2.74
C ASP A 78 -30.96 33.88 1.61
N ILE A 79 -31.04 34.69 0.56
CA ILE A 79 -31.88 34.35 -0.59
C ILE A 79 -31.40 33.05 -1.23
N VAL A 80 -30.08 32.92 -1.40
CA VAL A 80 -29.53 31.68 -1.97
C VAL A 80 -29.78 30.50 -1.05
N TYR A 81 -29.78 30.72 0.27
CA TYR A 81 -30.10 29.65 1.21
C TYR A 81 -31.55 29.20 1.08
N LEU A 82 -32.48 30.14 0.94
CA LEU A 82 -33.88 29.76 0.68
C LEU A 82 -34.01 28.99 -0.63
N ILE A 83 -33.32 29.43 -1.68
CA ILE A 83 -33.40 28.73 -2.96
C ILE A 83 -32.78 27.33 -2.83
N ASP A 84 -31.74 27.20 -2.02
CA ASP A 84 -31.14 25.90 -1.77
C ASP A 84 -32.10 24.97 -1.05
N MET A 85 -32.83 25.49 -0.06
CA MET A 85 -33.87 24.67 0.56
C MET A 85 -34.97 24.32 -0.42
N PHE A 86 -35.24 25.20 -1.40
CA PHE A 86 -36.17 24.86 -2.46
C PHE A 86 -35.59 23.79 -3.40
N VAL A 87 -34.28 23.83 -3.63
CA VAL A 87 -33.64 22.86 -4.51
C VAL A 87 -33.73 21.45 -3.93
N ARG A 88 -33.49 21.32 -2.61
CA ARG A 88 -33.55 20.01 -1.97
C ARG A 88 -34.97 19.43 -1.95
N THR A 89 -35.99 20.28 -2.11
CA THR A 89 -37.35 19.77 -2.31
C THR A 89 -37.61 19.35 -3.75
N ARG A 90 -36.70 19.69 -4.67
CA ARG A 90 -36.86 19.34 -6.08
C ARG A 90 -35.69 18.50 -6.58
N THR A 91 -34.90 17.92 -5.67
CA THR A 91 -33.77 17.07 -6.03
C THR A 91 -34.20 15.62 -5.87
N GLY A 92 -34.16 14.87 -6.97
CA GLY A 92 -34.62 13.50 -6.95
C GLY A 92 -33.65 12.58 -6.22
N TYR A 93 -34.19 11.61 -5.50
CA TYR A 93 -33.42 10.54 -4.92
C TYR A 93 -33.69 9.25 -5.68
N LEU A 94 -32.70 8.37 -5.69
CA LEU A 94 -32.69 7.21 -6.58
C LEU A 94 -33.20 6.00 -5.79
N GLU A 95 -34.43 5.60 -6.06
CA GLU A 95 -34.99 4.37 -5.51
C GLU A 95 -35.44 3.46 -6.64
N GLN A 96 -35.18 2.15 -6.48
CA GLN A 96 -35.45 1.14 -7.50
C GLN A 96 -34.83 1.49 -8.85
N GLY A 97 -33.67 2.15 -8.81
CA GLY A 97 -32.96 2.52 -10.02
C GLY A 97 -33.57 3.67 -10.79
N LEU A 98 -34.67 4.25 -10.33
CA LEU A 98 -35.35 5.33 -11.03
C LEU A 98 -35.30 6.60 -10.18
N LEU A 99 -35.16 7.73 -10.85
CA LEU A 99 -35.17 9.01 -10.16
C LEU A 99 -36.59 9.36 -9.74
N VAL A 100 -36.76 9.72 -8.48
CA VAL A 100 -38.08 10.02 -7.94
C VAL A 100 -38.49 11.43 -8.39
N LYS A 101 -39.65 11.53 -9.03
CA LYS A 101 -40.16 12.81 -9.52
C LYS A 101 -41.42 13.24 -8.79
N GLU A 102 -41.94 12.43 -7.87
CA GLU A 102 -43.13 12.81 -7.11
C GLU A 102 -42.76 13.88 -6.10
N GLU A 103 -43.57 14.95 -6.07
CA GLU A 103 -43.26 16.10 -5.22
C GLU A 103 -43.33 15.75 -3.74
N LEU A 104 -44.36 14.99 -3.35
CA LEU A 104 -44.55 14.68 -1.93
C LEU A 104 -43.45 13.76 -1.42
N LYS A 105 -43.00 12.81 -2.23
CA LYS A 105 -41.89 11.95 -1.82
C LYS A 105 -40.61 12.75 -1.62
N LEU A 106 -40.34 13.71 -2.52
CA LEU A 106 -39.16 14.55 -2.36
C LEU A 106 -39.26 15.42 -1.10
N ILE A 107 -40.45 15.97 -0.84
CA ILE A 107 -40.65 16.80 0.34
C ILE A 107 -40.43 15.99 1.61
N ASN A 108 -41.01 14.79 1.66
CA ASN A 108 -40.86 13.95 2.86
C ASN A 108 -39.44 13.46 3.02
N LYS A 109 -38.75 13.13 1.92
CA LYS A 109 -37.36 12.72 2.00
C LYS A 109 -36.47 13.84 2.50
N TYR A 110 -36.72 15.07 2.06
CA TYR A 110 -35.96 16.20 2.55
C TYR A 110 -36.23 16.46 4.02
N LYS A 111 -37.51 16.45 4.43
CA LYS A 111 -37.86 16.77 5.80
C LYS A 111 -37.48 15.67 6.78
N SER A 112 -37.36 14.42 6.33
CA SER A 112 -37.02 13.33 7.23
C SER A 112 -35.56 13.38 7.65
N ASN A 113 -34.67 13.84 6.76
CA ASN A 113 -33.25 13.85 7.05
C ASN A 113 -32.89 14.96 8.04
N LEU A 114 -31.71 14.83 8.64
CA LEU A 114 -31.19 15.87 9.52
C LEU A 114 -30.87 17.16 8.77
N GLN A 115 -30.70 17.08 7.44
CA GLN A 115 -30.33 18.25 6.66
C GLN A 115 -31.41 19.33 6.68
N PHE A 116 -32.68 18.94 6.76
CA PHE A 116 -33.75 19.93 6.84
C PHE A 116 -33.67 20.71 8.15
N LYS A 117 -33.35 20.02 9.25
CA LYS A 117 -33.21 20.69 10.54
C LYS A 117 -32.04 21.67 10.52
N LEU A 118 -30.92 21.27 9.92
CA LEU A 118 -29.77 22.17 9.80
C LEU A 118 -30.09 23.36 8.91
N ASP A 119 -30.82 23.13 7.82
CA ASP A 119 -31.18 24.21 6.91
C ASP A 119 -32.13 25.21 7.58
N VAL A 120 -33.08 24.70 8.37
CA VAL A 120 -33.99 25.59 9.10
C VAL A 120 -33.22 26.37 10.15
N LEU A 121 -32.33 25.70 10.89
CA LEU A 121 -31.51 26.38 11.89
C LEU A 121 -30.54 27.36 11.25
N SER A 122 -30.10 27.09 10.02
CA SER A 122 -29.20 27.99 9.32
C SER A 122 -29.89 29.25 8.84
N LEU A 123 -31.23 29.31 8.88
CA LEU A 123 -31.97 30.48 8.43
C LEU A 123 -32.90 31.01 9.51
N ILE A 124 -32.61 30.71 10.78
CA ILE A 124 -33.38 31.30 11.88
C ILE A 124 -33.14 32.81 11.87
N PRO A 125 -34.18 33.64 11.92
CA PRO A 125 -33.96 35.09 11.83
C PRO A 125 -33.31 35.66 13.08
N THR A 126 -32.02 35.35 13.28
CA THR A 126 -31.24 35.91 14.36
C THR A 126 -30.80 37.34 14.07
N ASP A 127 -31.04 37.84 12.85
CA ASP A 127 -30.73 39.21 12.48
C ASP A 127 -31.61 40.22 13.21
N LEU A 128 -32.69 39.77 13.85
CA LEU A 128 -33.50 40.66 14.67
C LEU A 128 -32.75 41.16 15.91
N LEU A 129 -31.67 40.48 16.30
CA LEU A 129 -30.83 40.95 17.40
C LEU A 129 -29.95 42.13 17.00
N TYR A 130 -29.90 42.47 15.72
CA TYR A 130 -29.18 43.66 15.29
C TYR A 130 -29.81 44.93 15.87
N PHE A 131 -31.13 44.92 16.06
CA PHE A 131 -31.81 46.04 16.69
C PHE A 131 -31.75 45.98 18.21
N LYS A 132 -31.24 44.89 18.78
CA LYS A 132 -31.08 44.74 20.22
C LYS A 132 -29.63 44.89 20.66
N LEU A 133 -28.74 44.05 20.12
CA LEU A 133 -27.32 44.11 20.50
C LEU A 133 -26.61 45.26 19.81
N GLY A 134 -26.94 45.54 18.55
CA GLY A 134 -26.32 46.58 17.78
C GLY A 134 -25.82 46.07 16.45
N TRP A 135 -25.25 46.99 15.67
CA TRP A 135 -24.76 46.69 14.33
C TRP A 135 -23.34 46.13 14.34
N ASN A 136 -22.73 45.99 15.51
CA ASN A 136 -21.36 45.50 15.62
C ASN A 136 -21.29 44.06 16.12
N TYR A 137 -22.40 43.31 16.03
CA TYR A 137 -22.46 41.92 16.49
C TYR A 137 -22.97 41.04 15.36
N PRO A 138 -22.12 40.71 14.39
CA PRO A 138 -22.51 39.80 13.31
C PRO A 138 -22.29 38.32 13.62
N GLU A 139 -21.90 37.98 14.86
CA GLU A 139 -21.80 36.58 15.25
C GLU A 139 -23.16 35.94 15.47
N ILE A 140 -24.24 36.74 15.44
CA ILE A 140 -25.58 36.17 15.44
C ILE A 140 -25.86 35.40 14.16
N ARG A 141 -25.11 35.67 13.09
CA ARG A 141 -25.23 34.95 11.83
C ARG A 141 -24.33 33.72 11.79
N LEU A 142 -23.80 33.28 12.92
CA LEU A 142 -23.00 32.06 12.96
C LEU A 142 -23.83 30.81 12.72
N ASN A 143 -25.17 30.90 12.82
CA ASN A 143 -26.01 29.78 12.46
C ASN A 143 -25.97 29.49 10.97
N ARG A 144 -25.62 30.48 10.14
CA ARG A 144 -25.45 30.28 8.70
C ARG A 144 -24.29 29.35 8.36
N LEU A 145 -23.41 29.06 9.33
CA LEU A 145 -22.35 28.10 9.15
C LEU A 145 -22.85 26.67 9.10
N LEU A 146 -24.10 26.43 9.48
CA LEU A 146 -24.65 25.07 9.51
C LEU A 146 -24.92 24.52 8.12
N ARG A 147 -24.80 25.33 7.07
CA ARG A 147 -24.98 24.87 5.71
C ARG A 147 -23.66 24.35 5.12
N PHE A 148 -22.73 23.95 5.99
CA PHE A 148 -21.43 23.41 5.57
C PHE A 148 -21.55 22.14 4.74
N SER A 149 -22.66 21.40 4.90
CA SER A 149 -22.85 20.17 4.16
C SER A 149 -22.92 20.42 2.66
N ARG A 150 -23.50 21.56 2.25
CA ARG A 150 -23.52 21.90 0.83
C ARG A 150 -22.11 22.12 0.29
N MET A 151 -21.27 22.80 1.08
CA MET A 151 -19.87 23.03 0.70
C MET A 151 -19.12 21.70 0.57
N PHE A 152 -19.27 20.83 1.57
CA PHE A 152 -18.56 19.55 1.55
C PHE A 152 -19.07 18.66 0.42
N GLU A 153 -20.38 18.68 0.16
CA GLU A 153 -20.94 17.93 -0.96
C GLU A 153 -20.43 18.44 -2.29
N PHE A 154 -20.32 19.77 -2.43
CA PHE A 154 -19.77 20.35 -3.65
C PHE A 154 -18.32 19.93 -3.87
N PHE A 155 -17.52 19.91 -2.81
CA PHE A 155 -16.13 19.52 -2.96
C PHE A 155 -15.98 18.02 -3.22
N GLN A 156 -16.84 17.20 -2.61
CA GLN A 156 -16.82 15.77 -2.88
C GLN A 156 -17.30 15.46 -4.30
N ARG A 157 -18.22 16.26 -4.83
CA ARG A 157 -18.60 16.11 -6.23
C ARG A 157 -17.50 16.60 -7.16
N THR A 158 -16.78 17.64 -6.75
CA THR A 158 -15.70 18.17 -7.57
C THR A 158 -14.53 17.19 -7.66
N GLU A 159 -14.18 16.54 -6.56
CA GLU A 159 -13.09 15.56 -6.59
C GLU A 159 -13.44 14.33 -7.41
N THR A 160 -14.71 14.14 -7.77
CA THR A 160 -15.12 13.09 -8.69
C THR A 160 -15.11 13.59 -10.13
N ARG A 161 -15.74 14.75 -10.37
CA ARG A 161 -15.91 15.23 -11.74
C ARG A 161 -14.61 15.71 -12.36
N THR A 162 -13.72 16.29 -11.55
CA THR A 162 -12.56 17.02 -12.09
C THR A 162 -11.65 16.10 -12.90
N ASN A 163 -11.08 16.67 -13.96
CA ASN A 163 -10.08 15.95 -14.74
C ASN A 163 -8.80 15.74 -13.94
N TYR A 164 -8.46 16.73 -13.13
CA TYR A 164 -7.24 16.67 -12.31
C TYR A 164 -7.58 16.47 -10.84
N PRO A 165 -7.55 15.21 -10.37
CA PRO A 165 -7.90 15.03 -8.95
C PRO A 165 -6.86 15.59 -7.99
N ASN A 166 -5.58 15.55 -8.37
CA ASN A 166 -4.52 15.99 -7.48
C ASN A 166 -4.48 17.51 -7.34
N ILE A 167 -4.67 18.23 -8.44
CA ILE A 167 -4.67 19.69 -8.39
C ILE A 167 -5.84 20.19 -7.54
N PHE A 168 -7.02 19.59 -7.71
CA PHE A 168 -8.14 19.99 -6.88
C PHE A 168 -7.95 19.57 -5.44
N ARG A 169 -7.31 18.41 -5.21
CA ARG A 169 -7.08 17.96 -3.85
C ARG A 169 -6.13 18.90 -3.10
N ILE A 170 -5.05 19.33 -3.76
CA ILE A 170 -4.14 20.27 -3.11
C ILE A 170 -4.80 21.64 -2.96
N SER A 171 -5.62 22.06 -3.93
CA SER A 171 -6.34 23.32 -3.79
C SER A 171 -7.32 23.27 -2.62
N ASN A 172 -8.02 22.15 -2.45
CA ASN A 172 -8.98 22.00 -1.36
C ASN A 172 -8.27 21.95 -0.01
N LEU A 173 -7.11 21.27 0.06
CA LEU A 173 -6.32 21.27 1.28
C LEU A 173 -5.83 22.67 1.61
N VAL A 174 -5.35 23.41 0.60
CA VAL A 174 -4.91 24.78 0.81
C VAL A 174 -6.07 25.64 1.31
N MET A 175 -7.26 25.47 0.72
CA MET A 175 -8.42 26.25 1.13
C MET A 175 -8.81 25.95 2.57
N TYR A 176 -8.83 24.67 2.96
CA TYR A 176 -9.17 24.31 4.33
C TYR A 176 -8.14 24.86 5.32
N ILE A 177 -6.86 24.77 4.98
CA ILE A 177 -5.81 25.29 5.85
C ILE A 177 -5.93 26.81 5.98
N VAL A 178 -6.26 27.49 4.87
CA VAL A 178 -6.42 28.94 4.90
C VAL A 178 -7.64 29.33 5.73
N ILE A 179 -8.73 28.57 5.63
CA ILE A 179 -9.91 28.86 6.43
C ILE A 179 -9.62 28.68 7.92
N ILE A 180 -8.92 27.60 8.27
CA ILE A 180 -8.57 27.37 9.68
C ILE A 180 -7.61 28.45 10.18
N ILE A 181 -6.65 28.86 9.34
CA ILE A 181 -5.71 29.91 9.71
C ILE A 181 -6.43 31.24 9.89
N HIS A 182 -7.41 31.53 9.02
CA HIS A 182 -8.21 32.74 9.14
C HIS A 182 -9.03 32.74 10.43
N TRP A 183 -9.63 31.59 10.77
CA TRP A 183 -10.39 31.48 12.00
C TRP A 183 -9.49 31.67 13.22
N ASN A 184 -8.28 31.09 13.19
CA ASN A 184 -7.36 31.27 14.29
C ASN A 184 -6.84 32.71 14.37
N ALA A 185 -6.71 33.38 13.23
CA ALA A 185 -6.35 34.79 13.24
C ALA A 185 -7.44 35.63 13.89
N CYS A 186 -8.70 35.34 13.58
CA CYS A 186 -9.81 36.02 14.21
C CYS A 186 -9.83 35.73 15.72
N VAL A 187 -9.54 34.48 16.10
CA VAL A 187 -9.50 34.11 17.51
C VAL A 187 -8.38 34.86 18.24
N PHE A 188 -7.21 34.95 17.61
CA PHE A 188 -6.08 35.67 18.21
C PHE A 188 -6.40 37.15 18.36
N TYR A 189 -7.04 37.75 17.35
CA TYR A 189 -7.43 39.14 17.46
C TYR A 189 -8.48 39.35 18.55
N SER A 190 -9.42 38.41 18.69
CA SER A 190 -10.42 38.52 19.75
C SER A 190 -9.80 38.38 21.12
N ILE A 191 -8.82 37.47 21.27
CA ILE A 191 -8.13 37.32 22.54
C ILE A 191 -7.32 38.56 22.88
N SER A 192 -6.68 39.16 21.87
CA SER A 192 -5.96 40.41 22.08
C SER A 192 -6.91 41.53 22.48
N LYS A 193 -8.09 41.57 21.88
CA LYS A 193 -9.10 42.57 22.24
C LYS A 193 -9.59 42.38 23.68
N ALA A 194 -9.84 41.12 24.06
CA ALA A 194 -10.33 40.84 25.41
C ALA A 194 -9.28 41.15 26.46
N ILE A 195 -8.02 40.77 26.20
CA ILE A 195 -6.94 41.12 27.11
C ILE A 195 -6.67 42.61 27.07
N GLY A 196 -6.68 43.20 25.88
CA GLY A 196 -6.40 44.62 25.71
C GLY A 196 -5.25 44.79 24.74
N PHE A 197 -5.43 45.69 23.79
CA PHE A 197 -4.44 45.89 22.74
C PHE A 197 -3.24 46.65 23.29
N GLY A 198 -2.08 46.01 23.26
CA GLY A 198 -0.83 46.64 23.67
C GLY A 198 -0.50 46.59 25.14
N ASN A 199 -1.32 45.92 25.96
CA ASN A 199 -0.99 45.81 27.38
C ASN A 199 0.24 44.93 27.61
N ASP A 200 0.43 43.91 26.79
CA ASP A 200 1.63 43.10 26.83
C ASP A 200 2.17 42.94 25.41
N THR A 201 3.34 42.33 25.30
CA THR A 201 4.00 42.19 24.01
C THR A 201 3.43 41.06 23.15
N TRP A 202 2.62 40.17 23.72
CA TRP A 202 2.11 39.05 22.95
C TRP A 202 0.85 39.43 22.16
N VAL A 203 -0.03 40.23 22.74
CA VAL A 203 -1.28 40.60 22.11
C VAL A 203 -1.01 41.51 20.92
N TYR A 204 -2.03 41.72 20.09
CA TYR A 204 -1.93 42.69 19.02
C TYR A 204 -1.66 44.07 19.62
N PRO A 205 -0.76 44.87 19.04
CA PRO A 205 -0.39 46.15 19.65
C PRO A 205 -1.52 47.18 19.67
N ASP A 206 -1.23 48.36 20.21
CA ASP A 206 -2.25 49.38 20.39
C ASP A 206 -2.82 49.82 19.05
N ILE A 207 -4.15 49.74 18.92
CA ILE A 207 -4.81 50.10 17.67
C ILE A 207 -4.99 51.60 17.52
N ASN A 208 -4.59 52.40 18.52
CA ASN A 208 -4.54 53.84 18.36
C ASN A 208 -3.33 54.30 17.57
N ASP A 209 -2.32 53.43 17.43
CA ASP A 209 -1.18 53.74 16.60
C ASP A 209 -1.60 53.72 15.12
N PRO A 210 -1.16 54.71 14.33
CA PRO A 210 -1.60 54.77 12.92
C PRO A 210 -1.18 53.56 12.10
N GLU A 211 0.01 52.99 12.37
CA GLU A 211 0.42 51.80 11.64
C GLU A 211 -0.39 50.59 12.07
N PHE A 212 -0.52 50.37 13.38
CA PHE A 212 -1.22 49.21 13.90
C PHE A 212 -2.74 49.33 13.82
N GLY A 213 -3.27 50.55 13.69
CA GLY A 213 -4.69 50.74 13.65
C GLY A 213 -5.35 50.49 12.30
N ARG A 214 -4.56 50.22 11.27
CA ARG A 214 -5.13 49.96 9.95
C ARG A 214 -5.77 48.58 9.92
N LEU A 215 -6.98 48.52 9.35
CA LEU A 215 -7.71 47.25 9.30
C LEU A 215 -6.97 46.21 8.47
N ALA A 216 -6.39 46.64 7.34
CA ALA A 216 -5.58 45.72 6.54
C ALA A 216 -4.38 45.24 7.33
N ARG A 217 -3.71 46.14 8.05
CA ARG A 217 -2.59 45.74 8.90
C ARG A 217 -3.04 44.81 10.01
N LYS A 218 -4.19 45.09 10.62
CA LYS A 218 -4.73 44.23 11.68
C LYS A 218 -4.95 42.82 11.17
N TYR A 219 -5.70 42.69 10.06
CA TYR A 219 -6.00 41.36 9.55
C TYR A 219 -4.76 40.65 9.04
N VAL A 220 -3.86 41.36 8.37
CA VAL A 220 -2.69 40.71 7.80
C VAL A 220 -1.74 40.25 8.89
N TYR A 221 -1.55 41.06 9.94
CA TYR A 221 -0.68 40.62 11.04
C TYR A 221 -1.32 39.50 11.84
N SER A 222 -2.65 39.54 12.02
CA SER A 222 -3.31 38.43 12.70
C SER A 222 -3.20 37.14 11.89
N LEU A 223 -3.35 37.23 10.57
CA LEU A 223 -3.18 36.07 9.71
C LEU A 223 -1.74 35.59 9.72
N TYR A 224 -0.79 36.51 9.81
CA TYR A 224 0.62 36.16 9.90
C TYR A 224 0.91 35.41 11.19
N TRP A 225 0.38 35.91 12.32
CA TRP A 225 0.53 35.22 13.59
C TRP A 225 -0.10 33.84 13.55
N SER A 226 -1.30 33.73 12.97
CA SER A 226 -2.00 32.46 12.93
C SER A 226 -1.30 31.46 12.02
N THR A 227 -0.79 31.92 10.87
CA THR A 227 -0.02 31.04 10.00
C THR A 227 1.26 30.58 10.68
N LEU A 228 1.90 31.48 11.43
CA LEU A 228 3.12 31.10 12.15
C LEU A 228 2.84 30.06 13.21
N THR A 229 1.78 30.27 13.99
CA THR A 229 1.51 29.38 15.12
C THR A 229 0.91 28.05 14.66
N LEU A 230 0.14 28.06 13.57
CA LEU A 230 -0.52 26.87 13.09
C LEU A 230 0.32 26.05 12.12
N THR A 231 1.60 26.41 11.92
CA THR A 231 2.46 25.66 11.04
C THR A 231 3.81 25.32 11.67
N THR A 232 3.87 25.34 13.01
CA THR A 232 5.06 24.97 13.78
C THR A 232 6.28 25.80 13.38
N ILE A 233 6.06 27.08 13.08
CA ILE A 233 7.14 27.99 12.76
C ILE A 233 7.56 28.81 13.98
N GLY A 234 6.59 29.26 14.77
CA GLY A 234 6.90 30.14 15.88
C GLY A 234 7.06 31.57 15.41
N GLU A 235 8.23 32.17 15.66
CA GLU A 235 8.59 33.50 15.18
C GLU A 235 7.58 34.56 15.62
N THR A 236 7.04 34.39 16.82
CA THR A 236 6.05 35.29 17.40
C THR A 236 6.54 35.77 18.75
N PRO A 237 6.07 36.92 19.22
CA PRO A 237 6.38 37.36 20.58
C PRO A 237 5.90 36.33 21.59
N PRO A 238 6.70 36.05 22.63
CA PRO A 238 6.32 35.02 23.58
C PRO A 238 5.13 35.47 24.42
N PRO A 239 4.34 34.53 24.95
CA PRO A 239 3.22 34.92 25.80
C PRO A 239 3.69 35.52 27.11
N VAL A 240 2.81 36.32 27.70
CA VAL A 240 3.07 37.00 28.97
C VAL A 240 2.15 36.49 30.07
N ARG A 241 0.85 36.46 29.82
CA ARG A 241 -0.11 35.99 30.80
C ARG A 241 -0.32 34.49 30.69
N ASP A 242 -0.93 33.93 31.74
CA ASP A 242 -1.18 32.49 31.79
C ASP A 242 -2.15 32.05 30.69
N SER A 243 -3.21 32.85 30.46
CA SER A 243 -4.17 32.52 29.41
C SER A 243 -3.51 32.55 28.03
N GLU A 244 -2.60 33.51 27.81
CA GLU A 244 -1.86 33.55 26.56
C GLU A 244 -0.99 32.32 26.39
N TYR A 245 -0.32 31.89 27.47
CA TYR A 245 0.49 30.67 27.41
C TYR A 245 -0.37 29.45 27.08
N VAL A 246 -1.55 29.35 27.70
CA VAL A 246 -2.44 28.23 27.46
C VAL A 246 -2.91 28.23 26.00
N PHE A 247 -3.32 29.39 25.51
CA PHE A 247 -3.80 29.50 24.14
C PHE A 247 -2.70 29.17 23.13
N VAL A 248 -1.48 29.65 23.40
CA VAL A 248 -0.36 29.39 22.51
C VAL A 248 0.00 27.90 22.51
N VAL A 249 -0.03 27.25 23.69
CA VAL A 249 0.26 25.82 23.75
C VAL A 249 -0.78 25.02 22.97
N VAL A 250 -2.07 25.32 23.19
CA VAL A 250 -3.12 24.59 22.51
C VAL A 250 -3.06 24.83 21.01
N ASP A 251 -2.80 26.08 20.61
CA ASP A 251 -2.85 26.40 19.19
C ASP A 251 -1.61 25.90 18.46
N PHE A 252 -0.47 25.81 19.16
CA PHE A 252 0.68 25.08 18.61
C PHE A 252 0.39 23.59 18.46
N LEU A 253 -0.33 22.99 19.41
CA LEU A 253 -0.70 21.58 19.23
C LEU A 253 -1.62 21.41 18.02
N ILE A 254 -2.57 22.32 17.85
CA ILE A 254 -3.42 22.32 16.67
C ILE A 254 -2.58 22.52 15.42
N GLY A 255 -1.56 23.37 15.49
CA GLY A 255 -0.69 23.60 14.37
C GLY A 255 0.16 22.38 14.01
N VAL A 256 0.59 21.63 15.03
CA VAL A 256 1.27 20.37 14.78
C VAL A 256 0.35 19.40 14.05
N LEU A 257 -0.91 19.32 14.50
CA LEU A 257 -1.89 18.50 13.79
C LEU A 257 -2.08 18.97 12.35
N ILE A 258 -2.14 20.29 12.15
CA ILE A 258 -2.36 20.86 10.82
C ILE A 258 -1.17 20.59 9.90
N PHE A 259 0.04 20.78 10.41
CA PHE A 259 1.24 20.52 9.62
C PHE A 259 1.36 19.05 9.28
N ALA A 260 1.07 18.17 10.24
CA ALA A 260 1.10 16.74 9.96
C ALA A 260 0.03 16.35 8.95
N THR A 261 -1.13 17.00 9.01
CA THR A 261 -2.18 16.77 8.02
C THR A 261 -1.73 17.21 6.63
N ILE A 262 -1.07 18.37 6.54
CA ILE A 262 -0.59 18.87 5.26
C ILE A 262 0.45 17.91 4.69
N VAL A 263 1.41 17.49 5.51
CA VAL A 263 2.46 16.59 5.05
C VAL A 263 1.88 15.24 4.65
N GLY A 264 0.92 14.73 5.44
CA GLY A 264 0.31 13.45 5.11
C GLY A 264 -0.51 13.50 3.83
N ASN A 265 -1.25 14.59 3.64
CA ASN A 265 -2.02 14.75 2.41
C ASN A 265 -1.11 14.86 1.20
N ILE A 266 -0.03 15.63 1.32
CA ILE A 266 0.90 15.78 0.19
C ILE A 266 1.62 14.47 -0.08
N GLY A 267 2.01 13.74 0.97
CA GLY A 267 2.66 12.47 0.76
C GLY A 267 1.74 11.42 0.16
N SER A 268 0.48 11.40 0.58
CA SER A 268 -0.50 10.51 -0.03
C SER A 268 -0.74 10.88 -1.49
N MET A 269 -0.77 12.19 -1.79
CA MET A 269 -0.88 12.64 -3.17
C MET A 269 0.32 12.18 -4.00
N ILE A 270 1.53 12.29 -3.43
CA ILE A 270 2.74 11.89 -4.14
C ILE A 270 2.73 10.38 -4.38
N SER A 271 2.32 9.61 -3.37
CA SER A 271 2.27 8.16 -3.52
C SER A 271 1.22 7.74 -4.55
N ASN A 272 0.08 8.43 -4.59
CA ASN A 272 -0.95 8.10 -5.56
C ASN A 272 -0.59 8.54 -6.97
N MET A 273 0.17 9.63 -7.10
CA MET A 273 0.51 10.18 -8.41
C MET A 273 1.41 9.23 -9.19
N ASN A 274 2.38 8.62 -8.53
CA ASN A 274 3.31 7.70 -9.18
C ASN A 274 3.08 6.26 -8.73
N ALA A 275 1.85 5.93 -8.31
CA ALA A 275 1.55 4.55 -7.92
C ALA A 275 1.66 3.59 -9.08
N ALA A 276 1.12 3.98 -10.25
CA ALA A 276 1.24 3.14 -11.44
C ALA A 276 2.69 3.06 -11.91
N ARG A 277 3.40 4.19 -11.86
CA ARG A 277 4.82 4.18 -12.21
C ARG A 277 5.63 3.33 -11.25
N ALA A 278 5.32 3.39 -9.95
CA ALA A 278 6.01 2.55 -8.98
C ALA A 278 5.71 1.08 -9.22
N GLU A 279 4.46 0.75 -9.56
CA GLU A 279 4.11 -0.64 -9.84
C GLU A 279 4.83 -1.16 -11.07
N PHE A 280 4.89 -0.36 -12.13
CA PHE A 280 5.62 -0.77 -13.34
C PHE A 280 7.11 -0.89 -13.06
N GLN A 281 7.67 0.03 -12.27
CA GLN A 281 9.09 -0.05 -11.93
C GLN A 281 9.39 -1.27 -11.09
N ALA A 282 8.49 -1.61 -10.15
CA ALA A 282 8.65 -2.84 -9.38
C ALA A 282 8.58 -4.07 -10.27
N ARG A 283 7.67 -4.08 -11.24
CA ARG A 283 7.57 -5.21 -12.15
C ARG A 283 8.82 -5.36 -13.01
N ILE A 284 9.35 -4.24 -13.53
CA ILE A 284 10.53 -4.35 -14.38
C ILE A 284 11.78 -4.67 -13.57
N ASP A 285 11.85 -4.20 -12.31
CA ASP A 285 12.95 -4.61 -11.44
C ASP A 285 12.85 -6.08 -11.11
N ALA A 286 11.63 -6.59 -10.92
CA ALA A 286 11.44 -8.02 -10.67
C ALA A 286 11.86 -8.84 -11.87
N ILE A 287 11.50 -8.42 -13.07
CA ILE A 287 11.90 -9.19 -14.25
C ILE A 287 13.41 -9.09 -14.47
N LYS A 288 14.02 -7.94 -14.15
CA LYS A 288 15.48 -7.84 -14.23
C LYS A 288 16.15 -8.80 -13.26
N GLN A 289 15.63 -8.88 -12.03
CA GLN A 289 16.15 -9.82 -11.05
C GLN A 289 15.97 -11.26 -11.51
N TYR A 290 14.83 -11.56 -12.14
CA TYR A 290 14.57 -12.91 -12.61
C TYR A 290 15.53 -13.32 -13.71
N MET A 291 15.72 -12.47 -14.73
CA MET A 291 16.67 -12.82 -15.78
C MET A 291 18.11 -12.75 -15.34
N HIS A 292 18.42 -12.00 -14.27
CA HIS A 292 19.79 -12.08 -13.73
C HIS A 292 19.99 -13.37 -12.95
N PHE A 293 18.98 -13.83 -12.23
CA PHE A 293 19.11 -15.03 -11.41
C PHE A 293 19.06 -16.30 -12.25
N ARG A 294 18.24 -16.31 -13.30
CA ARG A 294 18.02 -17.51 -14.11
C ARG A 294 19.03 -17.66 -15.23
N ASN A 295 20.06 -16.79 -15.26
CA ASN A 295 21.11 -16.82 -16.28
C ASN A 295 20.52 -16.70 -17.69
N VAL A 296 19.50 -15.86 -17.83
CA VAL A 296 18.87 -15.63 -19.12
C VAL A 296 19.85 -14.90 -20.03
N SER A 297 19.87 -15.31 -21.30
CA SER A 297 20.79 -14.72 -22.28
C SER A 297 20.54 -13.24 -22.45
N LYS A 298 21.62 -12.50 -22.73
CA LYS A 298 21.58 -11.04 -22.72
C LYS A 298 20.69 -10.47 -23.82
N ASP A 299 20.62 -11.14 -24.98
CA ASP A 299 19.75 -10.66 -26.04
C ASP A 299 18.28 -10.75 -25.62
N MET A 300 17.90 -11.82 -24.93
CA MET A 300 16.54 -11.93 -24.40
C MET A 300 16.29 -10.87 -23.34
N GLU A 301 17.30 -10.56 -22.52
CA GLU A 301 17.15 -9.50 -21.53
C GLU A 301 16.92 -8.14 -22.19
N LYS A 302 17.68 -7.84 -23.24
CA LYS A 302 17.46 -6.60 -23.97
C LYS A 302 16.09 -6.57 -24.62
N ARG A 303 15.63 -7.71 -25.15
CA ARG A 303 14.30 -7.78 -25.74
C ARG A 303 13.22 -7.52 -24.70
N VAL A 304 13.35 -8.10 -23.51
CA VAL A 304 12.34 -7.91 -22.48
C VAL A 304 12.33 -6.46 -21.98
N ILE A 305 13.51 -5.87 -21.79
CA ILE A 305 13.57 -4.49 -21.32
C ILE A 305 13.01 -3.54 -22.37
N LYS A 306 13.33 -3.77 -23.65
CA LYS A 306 12.77 -2.94 -24.71
C LYS A 306 11.26 -3.11 -24.82
N TRP A 307 10.78 -4.34 -24.63
CA TRP A 307 9.33 -4.59 -24.66
C TRP A 307 8.62 -3.85 -23.54
N PHE A 308 9.19 -3.89 -22.33
CA PHE A 308 8.56 -3.18 -21.21
C PHE A 308 8.61 -1.67 -21.41
N ASP A 309 9.72 -1.16 -21.94
CA ASP A 309 9.82 0.28 -22.22
C ASP A 309 8.80 0.69 -23.28
N TYR A 310 8.62 -0.14 -24.31
CA TYR A 310 7.61 0.14 -25.33
C TYR A 310 6.21 0.11 -24.75
N LEU A 311 5.93 -0.86 -23.88
CA LEU A 311 4.60 -0.96 -23.28
C LEU A 311 4.29 0.23 -22.39
N TRP A 312 5.29 0.71 -21.64
CA TRP A 312 5.06 1.88 -20.79
C TRP A 312 4.95 3.15 -21.61
N THR A 313 5.81 3.30 -22.63
CA THR A 313 5.79 4.50 -23.46
C THR A 313 4.49 4.64 -24.22
N ASN A 314 3.98 3.54 -24.77
CA ASN A 314 2.76 3.54 -25.56
C ASN A 314 1.53 3.18 -24.74
N LYS A 315 1.65 3.17 -23.41
CA LYS A 315 0.53 3.04 -22.46
C LYS A 315 -0.25 1.74 -22.66
N LYS A 316 0.48 0.62 -22.53
CA LYS A 316 -0.11 -0.71 -22.51
C LYS A 316 0.44 -1.52 -21.34
N THR A 317 0.70 -0.87 -20.22
CA THR A 317 1.45 -1.50 -19.14
C THR A 317 0.62 -2.51 -18.33
N VAL A 318 -0.68 -2.28 -18.18
CA VAL A 318 -1.52 -3.13 -17.34
C VAL A 318 -2.31 -4.05 -18.26
N ASP A 319 -2.46 -5.32 -17.83
CA ASP A 319 -3.10 -6.33 -18.66
C ASP A 319 -4.55 -5.98 -18.93
N GLU A 320 -5.01 -6.30 -20.14
CA GLU A 320 -6.37 -5.96 -20.56
C GLU A 320 -7.40 -6.73 -19.75
N LYS A 321 -7.10 -7.98 -19.40
CA LYS A 321 -8.00 -8.78 -18.58
C LYS A 321 -8.16 -8.16 -17.19
N GLU A 322 -7.06 -7.68 -16.61
CA GLU A 322 -7.13 -7.09 -15.28
C GLU A 322 -7.82 -5.72 -15.31
N VAL A 323 -7.65 -4.97 -16.39
CA VAL A 323 -8.30 -3.66 -16.49
C VAL A 323 -9.80 -3.82 -16.60
N LEU A 324 -10.26 -4.68 -17.52
CA LEU A 324 -11.68 -4.74 -17.86
C LEU A 324 -12.49 -5.61 -16.90
N LYS A 325 -11.84 -6.34 -15.99
CA LYS A 325 -12.59 -7.18 -15.06
C LYS A 325 -13.32 -6.35 -14.00
N TYR A 326 -12.93 -5.08 -13.82
CA TYR A 326 -13.63 -4.21 -12.89
C TYR A 326 -14.91 -3.64 -13.48
N LEU A 327 -15.07 -3.73 -14.80
CA LEU A 327 -16.31 -3.35 -15.46
C LEU A 327 -17.35 -4.45 -15.28
N PRO A 328 -18.64 -4.11 -15.36
CA PRO A 328 -19.67 -5.16 -15.36
C PRO A 328 -19.66 -5.91 -16.70
N ASP A 329 -20.35 -7.05 -16.70
CA ASP A 329 -20.41 -7.87 -17.91
C ASP A 329 -21.12 -7.17 -19.05
N LYS A 330 -22.05 -6.27 -18.74
CA LYS A 330 -22.77 -5.56 -19.79
C LYS A 330 -21.85 -4.56 -20.51
N LEU A 331 -21.08 -3.78 -19.75
CA LEU A 331 -20.20 -2.80 -20.37
C LEU A 331 -18.96 -3.42 -20.97
N ARG A 332 -18.45 -4.50 -20.38
CA ARG A 332 -17.30 -5.19 -20.95
C ARG A 332 -17.63 -5.76 -22.32
N ALA A 333 -18.81 -6.36 -22.46
CA ALA A 333 -19.24 -6.86 -23.76
C ALA A 333 -19.49 -5.72 -24.74
N GLU A 334 -20.07 -4.62 -24.26
CA GLU A 334 -20.34 -3.49 -25.14
C GLU A 334 -19.06 -2.80 -25.59
N ILE A 335 -18.07 -2.70 -24.69
CA ILE A 335 -16.78 -2.15 -25.08
C ILE A 335 -16.07 -3.09 -26.07
N ALA A 336 -16.12 -4.40 -25.79
CA ALA A 336 -15.51 -5.37 -26.69
C ALA A 336 -16.18 -5.36 -28.06
N ILE A 337 -17.51 -5.21 -28.08
CA ILE A 337 -18.23 -5.08 -29.35
C ILE A 337 -17.78 -3.81 -30.09
N ASN A 338 -17.60 -2.71 -29.36
CA ASN A 338 -17.15 -1.47 -29.97
C ASN A 338 -15.72 -1.54 -30.48
N VAL A 339 -14.97 -2.57 -30.13
CA VAL A 339 -13.56 -2.70 -30.51
C VAL A 339 -13.36 -3.81 -31.54
N HIS A 340 -13.95 -4.98 -31.30
CA HIS A 340 -13.63 -6.17 -32.07
C HIS A 340 -14.71 -6.63 -33.04
N LEU A 341 -15.96 -6.22 -32.84
CA LEU A 341 -17.05 -6.77 -33.67
C LEU A 341 -16.91 -6.37 -35.12
N ASP A 342 -16.53 -5.12 -35.40
CA ASP A 342 -16.41 -4.64 -36.77
C ASP A 342 -15.34 -5.41 -37.54
N THR A 343 -14.24 -5.76 -36.86
CA THR A 343 -13.20 -6.55 -37.50
C THR A 343 -13.61 -8.02 -37.63
N LEU A 344 -14.39 -8.52 -36.67
CA LEU A 344 -14.82 -9.92 -36.72
C LEU A 344 -15.79 -10.16 -37.88
N LYS A 345 -16.60 -9.16 -38.24
CA LYS A 345 -17.46 -9.27 -39.41
C LYS A 345 -16.64 -9.42 -40.68
N LYS A 346 -15.43 -8.86 -40.70
CA LYS A 346 -14.59 -8.91 -41.89
C LYS A 346 -14.12 -10.33 -42.20
N VAL A 347 -13.94 -11.14 -41.15
CA VAL A 347 -13.48 -12.51 -41.33
C VAL A 347 -14.49 -13.29 -42.17
N ARG A 348 -13.99 -14.03 -43.15
CA ARG A 348 -14.86 -14.62 -44.18
C ARG A 348 -15.82 -15.65 -43.59
N ILE A 349 -15.34 -16.48 -42.67
CA ILE A 349 -16.21 -17.51 -42.10
C ILE A 349 -17.31 -16.90 -41.25
N PHE A 350 -17.00 -15.83 -40.51
CA PHE A 350 -17.98 -15.19 -39.63
C PHE A 350 -18.78 -14.10 -40.32
N ALA A 351 -18.60 -13.91 -41.64
CA ALA A 351 -19.32 -12.86 -42.35
C ALA A 351 -20.82 -13.13 -42.37
N ASP A 352 -21.22 -14.37 -42.58
CA ASP A 352 -22.63 -14.74 -42.65
C ASP A 352 -23.21 -15.16 -41.31
N CYS A 353 -22.40 -15.12 -40.24
CA CYS A 353 -22.85 -15.61 -38.94
C CYS A 353 -23.95 -14.72 -38.36
N GLU A 354 -24.72 -15.31 -37.44
CA GLU A 354 -25.76 -14.57 -36.74
C GLU A 354 -25.15 -13.46 -35.90
N ALA A 355 -25.86 -12.33 -35.82
CA ALA A 355 -25.38 -11.20 -35.03
C ALA A 355 -25.27 -11.56 -33.56
N GLY A 356 -26.14 -12.45 -33.07
CA GLY A 356 -26.02 -12.90 -31.70
C GLY A 356 -24.77 -13.72 -31.44
N LEU A 357 -24.42 -14.60 -32.39
CA LEU A 357 -23.28 -15.50 -32.22
C LEU A 357 -21.96 -14.74 -32.13
N LEU A 358 -21.79 -13.71 -32.96
CA LEU A 358 -20.54 -12.98 -33.00
C LEU A 358 -20.26 -12.23 -31.69
N VAL A 359 -21.28 -12.01 -30.86
CA VAL A 359 -21.07 -11.34 -29.58
C VAL A 359 -20.22 -12.20 -28.65
N GLU A 360 -20.51 -13.50 -28.57
CA GLU A 360 -19.70 -14.37 -27.72
C GLU A 360 -18.29 -14.54 -28.28
N LEU A 361 -18.15 -14.59 -29.61
CA LEU A 361 -16.84 -14.76 -30.21
C LEU A 361 -15.95 -13.54 -29.96
N VAL A 362 -16.54 -12.34 -29.93
CA VAL A 362 -15.81 -11.16 -29.50
C VAL A 362 -15.37 -11.29 -28.04
N LEU A 363 -16.27 -11.77 -27.18
CA LEU A 363 -15.97 -11.90 -25.76
C LEU A 363 -14.91 -12.95 -25.47
N LYS A 364 -14.68 -13.89 -26.38
CA LYS A 364 -13.68 -14.92 -26.21
C LYS A 364 -12.35 -14.59 -26.87
N LEU A 365 -12.23 -13.40 -27.47
CA LEU A 365 -10.96 -12.99 -28.05
C LEU A 365 -9.97 -12.61 -26.96
N GLN A 366 -8.78 -13.18 -27.03
CA GLN A 366 -7.74 -12.94 -26.04
C GLN A 366 -6.65 -12.07 -26.64
N PRO A 367 -6.28 -10.96 -25.99
CA PRO A 367 -5.20 -10.12 -26.53
C PRO A 367 -3.86 -10.84 -26.51
N GLN A 368 -3.05 -10.57 -27.53
CA GLN A 368 -1.71 -11.12 -27.63
C GLN A 368 -0.79 -10.04 -28.21
N VAL A 369 0.30 -9.78 -27.53
CA VAL A 369 1.28 -8.80 -27.97
C VAL A 369 2.60 -9.51 -28.26
N TYR A 370 3.33 -8.99 -29.24
CA TYR A 370 4.56 -9.63 -29.71
C TYR A 370 5.64 -8.57 -29.87
N SER A 371 6.86 -9.04 -30.12
CA SER A 371 8.03 -8.21 -30.31
C SER A 371 8.54 -8.33 -31.74
N PRO A 372 9.36 -7.37 -32.19
CA PRO A 372 10.03 -7.52 -33.50
C PRO A 372 10.89 -8.78 -33.54
N GLY A 373 10.59 -9.66 -34.48
CA GLY A 373 11.28 -10.93 -34.61
C GLY A 373 10.57 -12.10 -34.00
N ASP A 374 9.53 -11.87 -33.20
CA ASP A 374 8.80 -12.96 -32.58
C ASP A 374 8.00 -13.72 -33.63
N TYR A 375 7.98 -15.05 -33.49
CA TYR A 375 7.20 -15.92 -34.36
C TYR A 375 5.87 -16.20 -33.67
N ILE A 376 4.77 -15.73 -34.26
CA ILE A 376 3.45 -16.06 -33.75
C ILE A 376 3.19 -17.55 -33.91
N CYS A 377 3.55 -18.11 -35.06
CA CYS A 377 3.42 -19.54 -35.29
C CYS A 377 4.54 -19.97 -36.24
N LYS A 378 4.83 -21.27 -36.22
CA LYS A 378 5.85 -21.86 -37.08
C LYS A 378 5.19 -22.88 -38.00
N LYS A 379 5.84 -23.14 -39.13
CA LYS A 379 5.34 -24.14 -40.06
C LYS A 379 5.44 -25.52 -39.44
N GLY A 380 4.37 -26.31 -39.60
CA GLY A 380 4.28 -27.61 -38.98
C GLY A 380 3.73 -27.60 -37.57
N ASP A 381 3.47 -26.43 -36.99
CA ASP A 381 2.88 -26.34 -35.67
C ASP A 381 1.37 -26.57 -35.75
N ILE A 382 0.81 -27.06 -34.65
CA ILE A 382 -0.63 -27.29 -34.57
C ILE A 382 -1.33 -25.95 -34.37
N GLY A 383 -2.31 -25.66 -35.23
CA GLY A 383 -3.04 -24.42 -35.15
C GLY A 383 -4.32 -24.55 -34.35
N ARG A 384 -4.29 -24.11 -33.10
CA ARG A 384 -5.47 -24.13 -32.24
C ARG A 384 -6.13 -22.77 -32.10
N GLU A 385 -5.52 -21.71 -32.61
CA GLU A 385 -6.04 -20.37 -32.47
C GLU A 385 -6.18 -19.72 -33.84
N MET A 386 -6.95 -18.63 -33.89
CA MET A 386 -7.08 -17.80 -35.08
C MET A 386 -6.80 -16.36 -34.65
N TYR A 387 -5.68 -15.81 -35.13
CA TYR A 387 -5.21 -14.51 -34.68
C TYR A 387 -5.77 -13.40 -35.57
N ILE A 388 -6.20 -12.32 -34.92
CA ILE A 388 -6.68 -11.12 -35.60
C ILE A 388 -5.71 -10.00 -35.31
N ILE A 389 -5.16 -9.39 -36.36
CA ILE A 389 -4.17 -8.34 -36.21
C ILE A 389 -4.87 -7.01 -35.97
N LYS A 390 -4.49 -6.32 -34.89
CA LYS A 390 -5.13 -5.07 -34.51
C LYS A 390 -4.23 -3.86 -34.80
N GLU A 391 -3.02 -3.83 -34.24
CA GLU A 391 -2.13 -2.69 -34.39
C GLU A 391 -0.70 -3.15 -34.69
N GLY A 392 -0.55 -4.06 -35.63
CA GLY A 392 0.76 -4.56 -35.98
C GLY A 392 0.84 -4.97 -37.43
N LYS A 393 2.03 -5.40 -37.84
CA LYS A 393 2.26 -5.93 -39.18
C LYS A 393 3.01 -7.25 -39.06
N LEU A 394 2.51 -8.27 -39.75
CA LEU A 394 3.08 -9.61 -39.67
C LEU A 394 3.64 -10.01 -41.03
N ALA A 395 4.61 -10.93 -41.00
CA ALA A 395 5.28 -11.40 -42.20
C ALA A 395 5.18 -12.91 -42.31
N VAL A 396 4.88 -13.39 -43.51
CA VAL A 396 4.78 -14.83 -43.78
C VAL A 396 6.13 -15.24 -44.36
N VAL A 397 7.06 -15.61 -43.48
CA VAL A 397 8.42 -15.96 -43.87
C VAL A 397 8.49 -17.40 -44.38
N ALA A 398 9.63 -17.77 -44.95
CA ALA A 398 9.78 -19.05 -45.64
C ALA A 398 10.83 -19.94 -44.99
N ASP A 399 10.75 -20.10 -43.67
CA ASP A 399 11.63 -20.93 -42.86
C ASP A 399 13.07 -20.42 -42.81
N ASP A 400 13.30 -19.18 -43.22
CA ASP A 400 14.63 -18.57 -43.14
C ASP A 400 14.63 -17.17 -42.57
N GLY A 401 13.51 -16.45 -42.58
CA GLY A 401 13.45 -15.12 -42.03
C GLY A 401 14.00 -14.03 -42.92
N VAL A 402 14.34 -14.33 -44.16
CA VAL A 402 14.90 -13.33 -45.07
C VAL A 402 13.95 -12.96 -46.20
N THR A 403 12.93 -13.77 -46.48
CA THR A 403 11.96 -13.48 -47.53
C THR A 403 10.56 -13.65 -46.99
N GLN A 404 9.62 -12.90 -47.57
CA GLN A 404 8.25 -12.86 -47.10
C GLN A 404 7.29 -13.09 -48.26
N PHE A 405 6.32 -13.99 -48.05
CA PHE A 405 5.27 -14.16 -49.05
C PHE A 405 4.38 -12.92 -49.14
N VAL A 406 3.91 -12.44 -48.00
CA VAL A 406 3.02 -11.28 -47.96
C VAL A 406 3.11 -10.66 -46.57
N VAL A 407 2.96 -9.35 -46.50
CA VAL A 407 2.93 -8.63 -45.24
C VAL A 407 1.47 -8.39 -44.87
N LEU A 408 1.08 -8.84 -43.68
CA LEU A 408 -0.29 -8.72 -43.21
C LEU A 408 -0.41 -7.47 -42.35
N SER A 409 -1.23 -6.53 -42.80
CA SER A 409 -1.38 -5.24 -42.14
C SER A 409 -2.48 -5.32 -41.07
N ASP A 410 -2.91 -4.18 -40.58
CA ASP A 410 -3.96 -4.13 -39.57
C ASP A 410 -5.28 -4.64 -40.15
N GLY A 411 -6.05 -5.32 -39.31
CA GLY A 411 -7.32 -5.87 -39.71
C GLY A 411 -7.26 -7.20 -40.43
N SER A 412 -6.06 -7.74 -40.66
CA SER A 412 -5.91 -9.02 -41.33
C SER A 412 -6.06 -10.15 -40.31
N TYR A 413 -6.03 -11.39 -40.81
CA TYR A 413 -6.23 -12.54 -39.95
C TYR A 413 -5.62 -13.77 -40.63
N PHE A 414 -5.41 -14.81 -39.82
CA PHE A 414 -4.95 -16.09 -40.32
C PHE A 414 -5.37 -17.17 -39.33
N GLY A 415 -5.39 -18.41 -39.82
CA GLY A 415 -5.83 -19.51 -38.99
C GLY A 415 -7.33 -19.62 -38.86
N GLU A 416 -8.10 -18.95 -39.72
CA GLU A 416 -9.54 -19.02 -39.66
C GLU A 416 -10.08 -20.40 -40.06
N ILE A 417 -9.34 -21.16 -40.84
CA ILE A 417 -9.78 -22.50 -41.21
C ILE A 417 -9.25 -23.55 -40.25
N SER A 418 -8.12 -23.28 -39.60
CA SER A 418 -7.54 -24.24 -38.66
C SER A 418 -8.40 -24.43 -37.42
N ILE A 419 -9.07 -23.36 -36.97
CA ILE A 419 -9.96 -23.50 -35.81
C ILE A 419 -11.18 -24.36 -36.16
N LEU A 420 -11.67 -24.27 -37.39
CA LEU A 420 -12.76 -25.13 -37.82
C LEU A 420 -12.25 -26.55 -38.06
N ASN A 421 -13.16 -27.51 -37.92
CA ASN A 421 -12.84 -28.93 -38.08
C ASN A 421 -13.51 -29.43 -39.36
N ILE A 422 -12.72 -29.54 -40.44
CA ILE A 422 -13.20 -30.01 -41.72
C ILE A 422 -12.52 -31.34 -42.02
N LYS A 423 -13.33 -32.37 -42.28
CA LYS A 423 -12.78 -33.67 -42.62
C LYS A 423 -12.28 -33.67 -44.06
N GLY A 424 -11.09 -34.24 -44.26
CA GLY A 424 -10.49 -34.32 -45.57
C GLY A 424 -9.42 -33.29 -45.85
N SER A 425 -9.07 -32.45 -44.88
CA SER A 425 -8.05 -31.43 -45.08
C SER A 425 -6.68 -32.09 -45.10
N LYS A 426 -5.96 -31.93 -46.21
CA LYS A 426 -4.63 -32.53 -46.33
C LYS A 426 -3.61 -31.82 -45.45
N ALA A 427 -3.83 -30.54 -45.15
CA ALA A 427 -2.95 -29.78 -44.27
C ALA A 427 -3.69 -29.32 -43.03
N GLY A 428 -4.73 -30.04 -42.62
CA GLY A 428 -5.51 -29.65 -41.47
C GLY A 428 -4.75 -29.84 -40.17
N ASN A 429 -5.10 -29.01 -39.18
CA ASN A 429 -4.53 -29.03 -37.84
C ASN A 429 -3.02 -28.79 -37.83
N ARG A 430 -2.49 -28.17 -38.89
CA ARG A 430 -1.07 -27.87 -39.00
C ARG A 430 -0.91 -26.51 -39.67
N ARG A 431 -0.04 -25.68 -39.11
CA ARG A 431 0.26 -24.39 -39.72
C ARG A 431 1.02 -24.59 -41.02
N THR A 432 0.60 -23.88 -42.07
CA THR A 432 1.19 -24.04 -43.39
C THR A 432 2.42 -23.17 -43.61
N ALA A 433 2.67 -22.19 -42.75
CA ALA A 433 3.83 -21.32 -42.90
C ALA A 433 4.14 -20.67 -41.55
N ASN A 434 5.31 -20.04 -41.50
CA ASN A 434 5.77 -19.35 -40.30
C ASN A 434 5.32 -17.89 -40.37
N ILE A 435 4.62 -17.43 -39.34
CA ILE A 435 4.18 -16.04 -39.24
C ILE A 435 5.14 -15.33 -38.30
N LYS A 436 5.82 -14.30 -38.81
CA LYS A 436 6.80 -13.54 -38.05
C LYS A 436 6.30 -12.12 -37.86
N SER A 437 6.40 -11.61 -36.63
CA SER A 437 6.00 -10.25 -36.33
C SER A 437 7.11 -9.30 -36.77
N ILE A 438 6.78 -8.34 -37.63
CA ILE A 438 7.76 -7.35 -38.07
C ILE A 438 8.20 -6.49 -36.89
N GLY A 439 7.25 -5.94 -36.15
CA GLY A 439 7.57 -5.23 -34.93
C GLY A 439 6.37 -4.85 -34.10
N TYR A 440 6.40 -5.23 -32.82
CA TYR A 440 5.44 -4.81 -31.78
C TYR A 440 3.99 -4.91 -32.26
N SER A 441 3.59 -6.13 -32.59
CA SER A 441 2.25 -6.38 -33.10
C SER A 441 1.29 -6.69 -31.96
N ASP A 442 0.08 -6.17 -32.06
CA ASP A 442 -0.97 -6.40 -31.08
C ASP A 442 -2.01 -7.25 -31.78
N LEU A 443 -2.17 -8.50 -31.32
CA LEU A 443 -3.08 -9.45 -31.93
C LEU A 443 -4.21 -9.80 -30.99
N PHE A 444 -5.19 -10.51 -31.53
CA PHE A 444 -6.34 -11.02 -30.76
C PHE A 444 -6.67 -12.40 -31.28
N CYS A 445 -6.45 -13.42 -30.47
CA CYS A 445 -6.61 -14.81 -30.89
C CYS A 445 -7.97 -15.34 -30.47
N LEU A 446 -8.56 -16.16 -31.33
CA LEU A 446 -9.78 -16.91 -31.02
C LEU A 446 -9.40 -18.38 -31.09
N SER A 447 -9.28 -19.01 -29.92
CA SER A 447 -8.85 -20.40 -29.87
C SER A 447 -9.95 -21.33 -30.37
N LYS A 448 -9.53 -22.55 -30.75
CA LYS A 448 -10.49 -23.55 -31.22
C LYS A 448 -11.46 -23.95 -30.12
N ASP A 449 -10.96 -24.09 -28.90
CA ASP A 449 -11.82 -24.49 -27.78
C ASP A 449 -12.89 -23.45 -27.50
N ASP A 450 -12.51 -22.16 -27.52
CA ASP A 450 -13.49 -21.10 -27.31
C ASP A 450 -14.53 -21.06 -28.43
N LEU A 451 -14.09 -21.26 -29.68
CA LEU A 451 -15.03 -21.28 -30.79
C LEU A 451 -15.99 -22.45 -30.67
N MET A 452 -15.49 -23.62 -30.26
CA MET A 452 -16.36 -24.78 -30.09
C MET A 452 -17.36 -24.59 -28.95
N GLU A 453 -16.91 -24.04 -27.82
CA GLU A 453 -17.85 -23.85 -26.71
C GLU A 453 -18.83 -22.71 -26.98
N ALA A 454 -18.49 -21.78 -27.87
CA ALA A 454 -19.46 -20.80 -28.32
C ALA A 454 -20.43 -21.39 -29.34
N LEU A 455 -19.97 -22.33 -30.16
CA LEU A 455 -20.81 -22.97 -31.17
C LEU A 455 -21.67 -24.08 -30.61
N THR A 456 -21.41 -24.55 -29.38
CA THR A 456 -22.26 -25.57 -28.77
C THR A 456 -23.69 -25.10 -28.63
N GLU A 457 -23.91 -23.81 -28.45
CA GLU A 457 -25.25 -23.25 -28.40
C GLU A 457 -25.77 -22.83 -29.77
N TYR A 458 -24.96 -22.94 -30.82
CA TYR A 458 -25.34 -22.59 -32.19
C TYR A 458 -25.07 -23.78 -33.08
N PRO A 459 -25.98 -24.76 -33.13
CA PRO A 459 -25.75 -25.95 -33.95
C PRO A 459 -25.78 -25.67 -35.45
N ASP A 460 -26.81 -24.95 -35.89
CA ASP A 460 -26.95 -24.63 -37.31
C ASP A 460 -25.81 -23.74 -37.79
N ALA A 461 -25.40 -22.78 -36.96
CA ALA A 461 -24.26 -21.93 -37.31
C ALA A 461 -22.98 -22.74 -37.38
N LYS A 462 -22.81 -23.71 -36.47
CA LYS A 462 -21.63 -24.58 -36.52
C LYS A 462 -21.60 -25.40 -37.81
N THR A 463 -22.75 -25.96 -38.19
CA THR A 463 -22.81 -26.74 -39.43
C THR A 463 -22.50 -25.86 -40.65
N MET A 464 -23.03 -24.64 -40.67
CA MET A 464 -22.78 -23.78 -41.83
C MET A 464 -21.34 -23.27 -41.85
N LEU A 465 -20.72 -23.09 -40.67
CA LEU A 465 -19.29 -22.78 -40.64
C LEU A 465 -18.45 -23.94 -41.16
N GLU A 466 -18.81 -25.17 -40.78
CA GLU A 466 -18.09 -26.33 -41.31
C GLU A 466 -18.26 -26.43 -42.82
N GLU A 467 -19.46 -26.16 -43.32
CA GLU A 467 -19.70 -26.17 -44.76
C GLU A 467 -18.89 -25.10 -45.48
N LYS A 468 -18.85 -23.88 -44.92
CA LYS A 468 -18.10 -22.81 -45.56
C LYS A 468 -16.60 -23.07 -45.52
N GLY A 469 -16.10 -23.63 -44.41
CA GLY A 469 -14.69 -24.01 -44.36
C GLY A 469 -14.35 -25.12 -45.34
N LYS A 470 -15.26 -26.08 -45.51
CA LYS A 470 -15.07 -27.12 -46.52
C LYS A 470 -15.03 -26.52 -47.92
N GLN A 471 -15.91 -25.55 -48.19
CA GLN A 471 -15.91 -24.89 -49.50
C GLN A 471 -14.61 -24.13 -49.72
N ILE A 472 -14.11 -23.44 -48.69
CA ILE A 472 -12.85 -22.70 -48.80
C ILE A 472 -11.70 -23.67 -49.04
N LEU A 473 -11.70 -24.81 -48.36
CA LEU A 473 -10.63 -25.78 -48.53
C LEU A 473 -10.68 -26.44 -49.91
N MET A 474 -11.87 -26.65 -50.46
CA MET A 474 -11.97 -27.33 -51.75
C MET A 474 -11.88 -26.37 -52.94
N LYS A 475 -12.04 -25.06 -52.74
CA LYS A 475 -11.91 -24.13 -53.84
C LYS A 475 -10.43 -23.86 -54.14
N PRO B 204 25.84 8.51 -37.56
CA PRO B 204 24.50 8.05 -37.22
C PRO B 204 23.40 8.82 -37.97
N GLN B 205 22.86 8.18 -39.02
CA GLN B 205 21.81 8.83 -39.80
C GLN B 205 20.51 8.93 -39.01
N SER B 206 20.16 7.88 -38.27
CA SER B 206 18.97 7.87 -37.44
C SER B 206 19.30 7.22 -36.12
N ILE B 207 18.95 7.88 -35.02
CA ILE B 207 19.28 7.40 -33.68
C ILE B 207 17.99 7.00 -32.97
N ASP B 208 18.11 5.99 -32.11
CA ASP B 208 16.99 5.53 -31.31
C ASP B 208 17.00 6.24 -29.96
N PRO B 209 15.98 7.04 -29.63
CA PRO B 209 16.02 7.79 -28.36
C PRO B 209 16.03 6.91 -27.12
N LEU B 210 15.40 5.74 -27.17
CA LEU B 210 15.27 4.92 -25.98
C LEU B 210 16.56 4.20 -25.61
N THR B 211 17.41 3.90 -26.59
CA THR B 211 18.59 3.07 -26.38
C THR B 211 19.91 3.85 -26.45
N ASN B 212 20.00 4.86 -27.31
CA ASN B 212 21.26 5.52 -27.58
C ASN B 212 21.81 6.23 -26.34
N LEU B 213 23.13 6.19 -26.19
CA LEU B 213 23.82 6.90 -25.12
C LEU B 213 24.36 8.25 -25.56
N MET B 214 24.70 8.41 -26.83
CA MET B 214 25.00 9.73 -27.35
C MET B 214 23.78 10.64 -27.26
N TYR B 215 22.59 10.07 -27.48
CA TYR B 215 21.38 10.87 -27.36
C TYR B 215 21.11 11.28 -25.91
N VAL B 216 21.38 10.42 -24.95
CA VAL B 216 21.16 10.83 -23.56
C VAL B 216 22.25 11.81 -23.11
N LEU B 217 23.44 11.72 -23.69
CA LEU B 217 24.46 12.73 -23.44
C LEU B 217 24.03 14.09 -24.00
N TRP B 218 23.47 14.10 -25.22
CA TRP B 218 22.94 15.33 -25.78
C TRP B 218 21.76 15.84 -24.98
N LEU B 219 20.93 14.94 -24.44
CA LEU B 219 19.85 15.35 -23.55
C LEU B 219 20.39 16.00 -22.29
N PHE B 220 21.51 15.48 -21.78
CA PHE B 220 22.18 16.11 -20.64
C PHE B 220 22.64 17.52 -20.99
N PHE B 221 23.23 17.69 -22.19
CA PHE B 221 23.64 19.03 -22.62
C PHE B 221 22.45 19.97 -22.77
N VAL B 222 21.35 19.48 -23.33
CA VAL B 222 20.16 20.31 -23.49
C VAL B 222 19.55 20.66 -22.15
N VAL B 223 19.60 19.73 -21.18
CA VAL B 223 19.11 20.02 -19.84
C VAL B 223 19.95 21.11 -19.17
N MET B 224 21.27 20.99 -19.26
CA MET B 224 22.13 22.02 -18.66
C MET B 224 22.06 23.35 -19.41
N ALA B 225 21.70 23.34 -20.70
CA ALA B 225 21.41 24.59 -21.38
C ALA B 225 20.09 25.18 -20.91
N TRP B 226 19.10 24.31 -20.66
CA TRP B 226 17.81 24.73 -20.14
C TRP B 226 17.88 25.07 -18.67
N ASN B 227 18.76 24.40 -17.91
CA ASN B 227 18.97 24.78 -16.52
C ASN B 227 19.63 26.14 -16.41
N TRP B 228 20.49 26.51 -17.37
CA TRP B 228 21.09 27.83 -17.36
C TRP B 228 20.02 28.91 -17.50
N ASN B 229 19.04 28.70 -18.38
CA ASN B 229 17.98 29.69 -18.55
C ASN B 229 17.08 29.76 -17.32
N CYS B 230 16.71 28.60 -16.77
CA CYS B 230 15.81 28.59 -15.61
C CYS B 230 16.47 29.19 -14.38
N TRP B 231 17.74 28.86 -14.14
CA TRP B 231 18.39 29.31 -12.91
C TRP B 231 18.88 30.75 -12.99
N LEU B 232 19.32 31.22 -14.15
CA LEU B 232 20.04 32.48 -14.22
C LEU B 232 19.19 33.66 -14.68
N ILE B 233 18.06 33.41 -15.34
CA ILE B 233 17.16 34.51 -15.72
C ILE B 233 16.61 35.25 -14.52
N PRO B 234 16.09 34.59 -13.47
CA PRO B 234 15.70 35.36 -12.27
C PRO B 234 16.86 36.04 -11.57
N VAL B 235 18.07 35.48 -11.67
CA VAL B 235 19.24 36.14 -11.10
C VAL B 235 19.50 37.47 -11.78
N ARG B 236 19.49 37.47 -13.11
CA ARG B 236 19.72 38.70 -13.85
C ARG B 236 18.53 39.65 -13.76
N TRP B 237 17.33 39.14 -13.51
CA TRP B 237 16.18 40.02 -13.32
C TRP B 237 16.24 40.72 -11.96
N ALA B 238 16.59 39.99 -10.92
CA ALA B 238 16.57 40.53 -9.56
C ALA B 238 17.91 41.14 -9.16
N PHE B 239 18.96 40.34 -9.16
CA PHE B 239 20.27 40.82 -8.74
C PHE B 239 20.90 41.67 -9.84
N PRO B 240 21.68 42.70 -9.46
CA PRO B 240 22.39 43.53 -10.45
C PRO B 240 23.73 42.93 -10.87
N TYR B 241 23.73 41.63 -11.15
CA TYR B 241 24.91 40.95 -11.64
C TYR B 241 25.10 41.09 -13.13
N GLN B 242 24.10 41.61 -13.84
CA GLN B 242 24.14 41.79 -15.29
C GLN B 242 24.55 43.24 -15.57
N THR B 243 25.83 43.51 -15.37
CA THR B 243 26.37 44.85 -15.58
C THR B 243 26.95 44.99 -16.97
N PRO B 244 27.05 46.22 -17.48
CA PRO B 244 27.79 46.48 -18.73
C PRO B 244 29.20 45.91 -18.75
N ASP B 245 29.88 45.86 -17.60
CA ASP B 245 31.25 45.35 -17.56
C ASP B 245 31.33 43.85 -17.80
N ASN B 246 30.23 43.12 -17.64
CA ASN B 246 30.23 41.68 -17.86
C ASN B 246 29.02 41.20 -18.65
N ILE B 247 28.36 42.10 -19.39
CA ILE B 247 27.17 41.72 -20.15
C ILE B 247 27.54 40.75 -21.28
N HIS B 248 28.73 40.92 -21.87
CA HIS B 248 29.10 40.09 -23.02
C HIS B 248 29.33 38.63 -22.63
N HIS B 249 29.71 38.37 -21.38
CA HIS B 249 29.79 36.98 -20.92
C HIS B 249 28.39 36.36 -20.81
N TRP B 250 27.44 37.12 -20.26
CA TRP B 250 26.06 36.66 -20.17
C TRP B 250 25.49 36.38 -21.57
N LEU B 251 25.72 37.30 -22.50
CA LEU B 251 25.22 37.13 -23.86
C LEU B 251 25.93 35.99 -24.57
N LEU B 252 27.22 35.78 -24.29
CA LEU B 252 27.93 34.66 -24.89
C LEU B 252 27.38 33.32 -24.41
N MET B 253 27.13 33.19 -23.11
CA MET B 253 26.56 31.95 -22.60
C MET B 253 25.11 31.77 -23.06
N ASP B 254 24.37 32.87 -23.19
CA ASP B 254 23.01 32.79 -23.74
C ASP B 254 23.03 32.33 -25.19
N TYR B 255 23.99 32.84 -25.98
CA TYR B 255 24.14 32.39 -27.35
C TYR B 255 24.54 30.92 -27.41
N LEU B 256 25.39 30.48 -26.48
CA LEU B 256 25.74 29.06 -26.42
C LEU B 256 24.51 28.20 -26.12
N CYS B 257 23.68 28.63 -25.18
CA CYS B 257 22.45 27.88 -24.86
C CYS B 257 21.47 27.87 -26.03
N ASP B 258 21.33 29.02 -26.70
CA ASP B 258 20.45 29.07 -27.87
C ASP B 258 20.99 28.24 -29.02
N LEU B 259 22.31 28.18 -29.17
CA LEU B 259 22.91 27.32 -30.19
C LEU B 259 22.70 25.85 -29.86
N ILE B 260 22.74 25.50 -28.57
CA ILE B 260 22.42 24.13 -28.16
C ILE B 260 20.96 23.81 -28.49
N TYR B 261 20.06 24.76 -28.21
CA TYR B 261 18.65 24.58 -28.57
C TYR B 261 18.48 24.39 -30.07
N PHE B 262 19.16 25.20 -30.86
CA PHE B 262 19.05 25.14 -32.32
C PHE B 262 19.60 23.84 -32.86
N LEU B 263 20.77 23.40 -32.36
CA LEU B 263 21.31 22.11 -32.79
C LEU B 263 20.38 20.98 -32.41
N ASP B 264 19.77 21.05 -31.22
CA ASP B 264 18.77 20.07 -30.83
C ASP B 264 17.66 19.97 -31.86
N ILE B 265 16.91 21.07 -32.03
CA ILE B 265 15.71 21.04 -32.86
C ILE B 265 16.04 20.74 -34.32
N THR B 266 17.21 21.17 -34.80
CA THR B 266 17.56 20.94 -36.19
C THR B 266 18.08 19.53 -36.42
N VAL B 267 19.14 19.14 -35.72
CA VAL B 267 19.83 17.89 -36.00
C VAL B 267 19.22 16.72 -35.23
N PHE B 268 19.12 16.83 -33.91
CA PHE B 268 18.94 15.64 -33.10
C PHE B 268 17.48 15.21 -33.04
N GLN B 269 16.56 16.18 -32.97
CA GLN B 269 15.15 15.85 -32.86
C GLN B 269 14.57 15.36 -34.20
N THR B 270 15.12 15.81 -35.31
CA THR B 270 14.60 15.42 -36.62
C THR B 270 15.02 14.02 -37.03
N ARG B 271 16.05 13.46 -36.40
CA ARG B 271 16.53 12.12 -36.74
C ARG B 271 16.18 11.08 -35.68
N LEU B 272 15.22 11.39 -34.81
CA LEU B 272 14.78 10.45 -33.78
C LEU B 272 13.84 9.43 -34.40
N GLN B 273 14.23 8.16 -34.37
CA GLN B 273 13.33 7.11 -34.84
C GLN B 273 12.18 6.95 -33.84
N PHE B 274 11.01 6.61 -34.38
CA PHE B 274 9.80 6.52 -33.59
C PHE B 274 9.05 5.24 -33.95
N VAL B 275 7.99 4.98 -33.20
CA VAL B 275 7.18 3.77 -33.37
C VAL B 275 5.78 4.21 -33.75
N ARG B 276 5.32 3.75 -34.91
CA ARG B 276 3.96 3.99 -35.38
C ARG B 276 3.39 2.67 -35.87
N GLY B 277 2.33 2.20 -35.21
CA GLY B 277 1.79 0.89 -35.53
C GLY B 277 2.70 -0.26 -35.19
N GLY B 278 3.63 -0.07 -34.25
CA GLY B 278 4.58 -1.09 -33.88
C GLY B 278 5.85 -1.11 -34.70
N ASP B 279 5.88 -0.44 -35.84
CA ASP B 279 7.04 -0.49 -36.72
C ASP B 279 8.12 0.50 -36.28
N ILE B 280 9.36 0.17 -36.63
CA ILE B 280 10.48 1.06 -36.39
C ILE B 280 10.72 1.87 -37.65
N ILE B 281 10.49 3.17 -37.57
CA ILE B 281 10.63 4.07 -38.71
C ILE B 281 12.03 4.65 -38.71
N THR B 282 12.75 4.50 -39.80
CA THR B 282 14.15 4.88 -39.89
C THR B 282 14.42 5.95 -40.96
N ASP B 283 13.59 6.02 -42.01
CA ASP B 283 13.87 6.92 -43.12
C ASP B 283 13.78 8.38 -42.70
N LYS B 284 14.55 9.22 -43.39
CA LYS B 284 14.68 10.63 -43.01
C LYS B 284 13.39 11.41 -43.24
N LYS B 285 12.58 10.99 -44.22
CA LYS B 285 11.38 11.73 -44.57
C LYS B 285 10.35 11.69 -43.45
N ASP B 286 10.11 10.50 -42.89
CA ASP B 286 9.04 10.36 -41.91
C ASP B 286 9.45 10.88 -40.54
N MET B 287 10.71 10.69 -40.13
CA MET B 287 11.14 11.14 -38.81
C MET B 287 11.09 12.66 -38.69
N ARG B 288 11.51 13.37 -39.75
CA ARG B 288 11.44 14.82 -39.73
C ARG B 288 9.99 15.31 -39.68
N ASN B 289 9.11 14.68 -40.45
CA ASN B 289 7.72 15.12 -40.48
C ASN B 289 6.97 14.74 -39.21
N ASN B 290 7.32 13.60 -38.59
CA ASN B 290 6.63 13.18 -37.38
C ASN B 290 6.94 14.10 -36.21
N TYR B 291 8.18 14.60 -36.12
CA TYR B 291 8.55 15.45 -35.00
C TYR B 291 7.84 16.80 -35.07
N LEU B 292 7.65 17.34 -36.28
CA LEU B 292 6.96 18.62 -36.43
C LEU B 292 5.50 18.52 -36.00
N LYS B 293 4.88 17.36 -36.16
CA LYS B 293 3.49 17.18 -35.76
C LYS B 293 3.34 16.93 -34.27
N SER B 294 4.43 16.68 -33.55
CA SER B 294 4.36 16.41 -32.12
C SER B 294 4.32 17.70 -31.33
N ARG B 295 4.03 17.56 -30.03
CA ARG B 295 4.05 18.70 -29.11
C ARG B 295 5.45 19.22 -28.88
N ARG B 296 6.47 18.38 -29.07
CA ARG B 296 7.84 18.77 -28.79
C ARG B 296 8.31 19.89 -29.73
N PHE B 297 8.00 19.78 -31.02
CA PHE B 297 8.38 20.84 -31.96
C PHE B 297 7.61 22.13 -31.67
N LYS B 298 6.34 22.00 -31.27
CA LYS B 298 5.55 23.18 -30.92
C LYS B 298 6.15 23.90 -29.72
N MET B 299 6.62 23.15 -28.72
CA MET B 299 7.25 23.78 -27.57
C MET B 299 8.66 24.27 -27.88
N ASP B 300 9.34 23.64 -28.84
CA ASP B 300 10.68 24.11 -29.22
C ASP B 300 10.62 25.39 -30.03
N LEU B 301 9.57 25.57 -30.84
CA LEU B 301 9.41 26.82 -31.56
C LEU B 301 9.18 27.99 -30.62
N LEU B 302 8.36 27.78 -29.59
CA LEU B 302 8.08 28.83 -28.62
C LEU B 302 9.14 28.94 -27.53
N SER B 303 10.15 28.06 -27.53
CA SER B 303 11.30 28.17 -26.65
C SER B 303 12.45 28.93 -27.29
N LEU B 304 12.25 29.49 -28.47
CA LEU B 304 13.29 30.23 -29.18
C LEU B 304 12.81 31.54 -29.76
N LEU B 305 11.56 31.94 -29.49
CA LEU B 305 11.05 33.18 -30.04
C LEU B 305 11.70 34.38 -29.35
N PRO B 306 12.02 35.45 -30.08
CA PRO B 306 12.73 36.58 -29.47
C PRO B 306 11.90 37.37 -28.46
N LEU B 307 10.57 37.25 -28.50
CA LEU B 307 9.66 37.97 -27.61
C LEU B 307 9.88 39.49 -27.66
N VAL B 316 17.81 44.36 -23.62
CA VAL B 316 18.69 43.33 -23.08
C VAL B 316 18.08 42.84 -21.76
N ASN B 317 16.76 42.98 -21.68
CA ASN B 317 16.03 42.55 -20.49
C ASN B 317 16.09 41.03 -20.37
N PRO B 318 16.50 40.49 -19.20
CA PRO B 318 16.57 39.03 -19.06
C PRO B 318 15.23 38.34 -19.05
N LEU B 319 14.13 39.08 -18.81
CA LEU B 319 12.81 38.46 -18.85
C LEU B 319 12.33 38.19 -20.27
N LEU B 320 13.00 38.76 -21.28
CA LEU B 320 12.67 38.44 -22.66
C LEU B 320 13.11 37.03 -23.05
N ARG B 321 13.98 36.41 -22.26
CA ARG B 321 14.42 35.04 -22.49
C ARG B 321 13.60 34.04 -21.70
N LEU B 322 12.56 34.48 -21.00
CA LEU B 322 11.67 33.55 -20.31
C LEU B 322 11.03 32.49 -21.21
N PRO B 323 10.78 32.71 -22.51
CA PRO B 323 10.37 31.58 -23.37
C PRO B 323 11.37 30.44 -23.40
N ARG B 324 12.68 30.70 -23.22
CA ARG B 324 13.66 29.62 -23.24
C ARG B 324 13.49 28.65 -22.08
N CYS B 325 12.78 29.05 -21.02
CA CYS B 325 12.50 28.15 -19.91
C CYS B 325 11.40 27.15 -20.23
N LEU B 326 10.73 27.29 -21.37
CA LEU B 326 9.63 26.41 -21.74
C LEU B 326 10.08 25.15 -22.46
N LYS B 327 11.39 24.95 -22.60
CA LYS B 327 11.93 23.70 -23.15
C LYS B 327 12.16 22.66 -22.07
N TYR B 328 11.12 22.39 -21.26
CA TYR B 328 11.23 21.44 -20.18
C TYR B 328 10.86 20.02 -20.59
N MET B 329 10.35 19.82 -21.81
CA MET B 329 10.07 18.47 -22.27
C MET B 329 11.36 17.68 -22.49
N ALA B 330 12.46 18.37 -22.78
CA ALA B 330 13.75 17.69 -22.88
C ALA B 330 14.23 17.21 -21.53
N PHE B 331 13.90 17.94 -20.45
CA PHE B 331 14.28 17.50 -19.12
C PHE B 331 13.48 16.27 -18.68
N PHE B 332 12.18 16.26 -18.97
CA PHE B 332 11.36 15.09 -18.66
C PHE B 332 11.77 13.89 -19.50
N GLU B 333 12.14 14.11 -20.75
CA GLU B 333 12.63 13.03 -21.59
C GLU B 333 13.99 12.54 -21.10
N PHE B 334 14.84 13.46 -20.63
CA PHE B 334 16.11 13.06 -20.04
C PHE B 334 15.90 12.33 -18.72
N ASN B 335 14.88 12.72 -17.95
CA ASN B 335 14.58 12.02 -16.70
C ASN B 335 14.14 10.58 -16.97
N SER B 336 13.36 10.36 -18.04
CA SER B 336 12.86 9.03 -18.34
C SER B 336 14.00 8.07 -18.70
N ARG B 337 15.07 8.58 -19.30
CA ARG B 337 16.21 7.72 -19.61
C ARG B 337 16.94 7.30 -18.33
N LEU B 338 17.09 8.22 -17.38
CA LEU B 338 17.82 7.90 -16.15
C LEU B 338 17.05 6.95 -15.24
N GLU B 339 15.75 6.78 -15.48
CA GLU B 339 14.99 5.75 -14.77
C GLU B 339 15.14 4.38 -15.40
N SER B 340 15.86 4.27 -16.51
CA SER B 340 16.06 2.99 -17.19
C SER B 340 17.53 2.69 -17.40
N ILE B 341 18.35 3.74 -17.60
CA ILE B 341 19.76 3.54 -17.87
C ILE B 341 20.48 3.03 -16.63
N LEU B 342 20.22 3.64 -15.47
CA LEU B 342 20.88 3.28 -14.24
C LEU B 342 19.92 2.53 -13.32
N SER B 343 20.39 1.44 -12.73
CA SER B 343 19.62 0.73 -11.74
C SER B 343 19.61 1.51 -10.43
N LYS B 344 18.67 1.14 -9.55
CA LYS B 344 18.45 1.82 -8.27
C LYS B 344 18.14 3.30 -8.51
N ALA B 345 17.00 3.54 -9.16
CA ALA B 345 16.66 4.86 -9.68
C ALA B 345 16.06 5.80 -8.65
N TYR B 346 15.85 5.34 -7.41
CA TYR B 346 15.36 6.27 -6.38
C TYR B 346 16.44 7.22 -5.89
N VAL B 347 17.71 6.90 -6.16
CA VAL B 347 18.79 7.84 -5.83
C VAL B 347 18.69 9.11 -6.67
N TYR B 348 18.41 8.95 -7.97
CA TYR B 348 18.22 10.12 -8.82
C TYR B 348 16.95 10.87 -8.46
N ARG B 349 15.92 10.17 -7.98
CA ARG B 349 14.68 10.83 -7.58
C ARG B 349 14.90 11.73 -6.38
N VAL B 350 15.74 11.31 -5.42
CA VAL B 350 16.09 12.17 -4.30
C VAL B 350 16.90 13.37 -4.78
N ILE B 351 17.82 13.16 -5.71
CA ILE B 351 18.61 14.24 -6.27
C ILE B 351 17.72 15.21 -7.04
N ARG B 352 16.81 14.68 -7.85
CA ARG B 352 15.91 15.54 -8.63
C ARG B 352 14.97 16.32 -7.72
N THR B 353 14.48 15.69 -6.65
CA THR B 353 13.64 16.41 -5.69
C THR B 353 14.45 17.46 -4.94
N THR B 354 15.69 17.15 -4.58
CA THR B 354 16.57 18.13 -3.95
C THR B 354 16.85 19.28 -4.90
N ALA B 355 17.09 18.98 -6.18
CA ALA B 355 17.28 20.02 -7.18
C ALA B 355 16.03 20.86 -7.37
N TYR B 356 14.85 20.25 -7.23
CA TYR B 356 13.61 21.02 -7.22
C TYR B 356 13.55 21.96 -6.02
N LEU B 357 13.98 21.46 -4.86
CA LEU B 357 14.03 22.31 -3.66
C LEU B 357 15.06 23.41 -3.81
N LEU B 358 16.23 23.09 -4.38
CA LEU B 358 17.27 24.11 -4.57
C LEU B 358 16.80 25.19 -5.52
N TYR B 359 16.02 24.82 -6.55
CA TYR B 359 15.50 25.82 -7.46
C TYR B 359 14.39 26.65 -6.83
N SER B 360 13.59 26.05 -5.94
CA SER B 360 12.55 26.82 -5.26
C SER B 360 13.16 27.82 -4.29
N LEU B 361 14.22 27.43 -3.59
CA LEU B 361 14.97 28.39 -2.79
C LEU B 361 15.68 29.41 -3.66
N HIS B 362 16.09 29.01 -4.87
CA HIS B 362 16.73 29.92 -5.80
C HIS B 362 15.76 31.01 -6.26
N LEU B 363 14.53 30.62 -6.63
CA LEU B 363 13.52 31.60 -6.99
C LEU B 363 13.14 32.46 -5.79
N ASN B 364 13.13 31.85 -4.61
CA ASN B 364 12.81 32.55 -3.38
C ASN B 364 13.89 33.57 -3.09
N SER B 365 15.14 33.19 -3.32
CA SER B 365 16.27 34.11 -3.14
C SER B 365 16.17 35.30 -4.08
N CYS B 366 15.81 35.05 -5.34
CA CYS B 366 15.62 36.15 -6.28
C CYS B 366 14.41 37.00 -5.91
N LEU B 367 13.34 36.36 -5.43
CA LEU B 367 12.16 37.11 -5.02
C LEU B 367 12.44 37.97 -3.80
N TYR B 368 13.24 37.47 -2.86
CA TYR B 368 13.56 38.24 -1.66
C TYR B 368 14.44 39.45 -1.99
N TYR B 369 15.41 39.27 -2.89
CA TYR B 369 16.25 40.40 -3.25
C TYR B 369 15.48 41.45 -4.03
N TRP B 370 14.55 41.02 -4.89
CA TRP B 370 13.70 41.98 -5.57
C TRP B 370 12.83 42.74 -4.57
N ALA B 371 12.27 42.05 -3.60
CA ALA B 371 11.46 42.71 -2.58
C ALA B 371 12.30 43.65 -1.73
N SER B 372 13.54 43.25 -1.43
CA SER B 372 14.45 44.12 -0.68
C SER B 372 14.80 45.36 -1.49
N ALA B 373 15.18 45.17 -2.76
CA ALA B 373 15.56 46.29 -3.61
C ALA B 373 14.38 47.21 -3.90
N TYR B 374 13.20 46.63 -4.12
CA TYR B 374 12.02 47.45 -4.44
C TYR B 374 11.64 48.36 -3.28
N GLN B 375 11.67 47.83 -2.05
CA GLN B 375 11.51 48.67 -0.87
C GLN B 375 12.72 49.57 -0.66
N GLY B 376 13.91 49.05 -0.97
CA GLY B 376 15.14 49.77 -0.74
C GLY B 376 16.06 48.99 0.17
N LEU B 377 17.33 48.87 -0.19
CA LEU B 377 18.26 48.06 0.58
C LEU B 377 18.57 48.74 1.91
N GLY B 378 18.55 47.96 2.98
CA GLY B 378 18.80 48.47 4.32
C GLY B 378 17.80 49.48 4.83
N SER B 379 16.64 49.56 4.17
CA SER B 379 15.61 50.50 4.63
C SER B 379 15.00 50.06 5.95
N THR B 380 14.64 48.78 6.06
CA THR B 380 14.13 48.18 7.28
C THR B 380 15.04 47.02 7.69
N HIS B 381 14.74 46.43 8.85
CA HIS B 381 15.51 45.29 9.31
C HIS B 381 15.17 44.02 8.53
N TRP B 382 13.95 43.94 7.98
CA TRP B 382 13.54 42.73 7.28
C TRP B 382 14.22 42.59 5.93
N VAL B 383 14.37 43.71 5.21
CA VAL B 383 14.95 43.64 3.87
C VAL B 383 16.44 43.35 3.95
N TYR B 384 17.00 42.90 2.83
CA TYR B 384 18.42 42.64 2.74
C TYR B 384 19.19 43.96 2.85
N ASP B 385 20.20 43.97 3.72
CA ASP B 385 20.87 45.24 4.06
C ASP B 385 21.78 45.71 2.95
N GLY B 386 22.51 44.80 2.30
CA GLY B 386 23.36 45.19 1.20
C GLY B 386 24.79 44.69 1.29
N VAL B 387 25.15 44.08 2.40
CA VAL B 387 26.52 43.62 2.61
C VAL B 387 26.60 42.15 2.23
N GLY B 388 27.81 41.71 1.88
CA GLY B 388 28.04 40.33 1.54
C GLY B 388 27.89 40.04 0.06
N ASN B 389 27.75 38.75 -0.25
CA ASN B 389 27.67 38.30 -1.63
C ASN B 389 26.35 38.69 -2.30
N SER B 390 25.32 38.99 -1.50
CA SER B 390 23.99 39.46 -1.91
C SER B 390 23.16 38.37 -2.57
N TYR B 391 23.76 37.23 -2.87
CA TYR B 391 23.01 36.06 -3.31
C TYR B 391 22.87 35.03 -2.20
N ILE B 392 23.99 34.62 -1.59
CA ILE B 392 23.93 33.68 -0.48
C ILE B 392 23.30 34.30 0.75
N ARG B 393 23.30 35.64 0.85
CA ARG B 393 22.55 36.30 1.92
C ARG B 393 21.04 36.15 1.69
N CYS B 394 20.59 36.42 0.47
CA CYS B 394 19.17 36.26 0.16
C CYS B 394 18.78 34.80 0.03
N TYR B 395 19.72 33.94 -0.36
CA TYR B 395 19.45 32.51 -0.39
C TYR B 395 19.35 31.94 1.01
N TYR B 396 20.13 32.51 1.94
CA TYR B 396 20.01 32.12 3.35
C TYR B 396 18.63 32.45 3.89
N PHE B 397 18.11 33.63 3.54
CA PHE B 397 16.76 34.00 3.98
C PHE B 397 15.75 33.02 3.43
N ALA B 398 15.94 32.59 2.18
CA ALA B 398 15.05 31.58 1.59
C ALA B 398 15.12 30.27 2.35
N VAL B 399 16.32 29.86 2.76
CA VAL B 399 16.48 28.60 3.49
C VAL B 399 15.78 28.67 4.83
N LYS B 400 15.92 29.78 5.56
CA LYS B 400 15.21 29.94 6.82
C LYS B 400 13.70 30.00 6.58
N THR B 401 13.29 30.64 5.48
CA THR B 401 11.87 30.84 5.21
C THR B 401 11.21 29.61 4.63
N LEU B 402 11.75 29.08 3.54
CA LEU B 402 11.07 28.01 2.80
C LEU B 402 11.07 26.71 3.59
N ILE B 403 12.06 26.51 4.46
CA ILE B 403 12.04 25.36 5.36
C ILE B 403 11.29 25.68 6.64
N THR B 404 10.76 26.90 6.76
CA THR B 404 10.05 27.38 7.95
C THR B 404 10.92 27.28 9.20
N ILE B 405 12.20 27.59 9.04
CA ILE B 405 13.13 27.52 10.15
C ILE B 405 12.99 28.75 11.04
N GLY B 406 12.82 29.92 10.44
CA GLY B 406 12.73 31.16 11.20
C GLY B 406 14.10 31.68 11.62
N GLY B 407 14.07 32.54 12.64
CA GLY B 407 15.26 33.22 13.11
C GLY B 407 15.57 34.51 12.39
N LEU B 408 14.77 34.89 11.40
CA LEU B 408 14.96 36.10 10.63
C LEU B 408 14.42 37.31 11.37
N PRO B 409 14.86 38.52 11.02
CA PRO B 409 14.24 39.73 11.55
C PRO B 409 12.76 39.80 11.19
N ASP B 410 11.97 40.29 12.13
CA ASP B 410 10.52 40.31 11.94
C ASP B 410 10.13 41.32 10.88
N PRO B 411 9.11 41.02 10.06
CA PRO B 411 8.64 41.99 9.06
C PRO B 411 7.81 43.09 9.72
N LYS B 412 8.14 44.34 9.39
CA LYS B 412 7.48 45.50 9.99
C LYS B 412 6.40 46.11 9.11
N THR B 413 6.73 46.43 7.86
CA THR B 413 5.76 47.07 6.98
C THR B 413 4.76 46.05 6.45
N LEU B 414 3.65 46.57 5.91
CA LEU B 414 2.59 45.70 5.42
C LEU B 414 3.05 44.83 4.26
N PHE B 415 3.87 45.40 3.37
CA PHE B 415 4.39 44.62 2.25
C PHE B 415 5.29 43.49 2.74
N GLU B 416 6.09 43.76 3.77
CA GLU B 416 7.00 42.74 4.29
C GLU B 416 6.24 41.62 4.98
N ILE B 417 5.18 41.95 5.71
CA ILE B 417 4.41 40.92 6.40
C ILE B 417 3.66 40.03 5.40
N VAL B 418 3.09 40.63 4.35
CA VAL B 418 2.40 39.87 3.33
C VAL B 418 3.38 38.96 2.60
N PHE B 419 4.55 39.49 2.24
CA PHE B 419 5.56 38.68 1.56
C PHE B 419 6.03 37.55 2.47
N GLN B 420 6.26 37.85 3.75
CA GLN B 420 6.76 36.83 4.68
C GLN B 420 5.69 35.78 4.95
N LEU B 421 4.42 36.20 5.02
CA LEU B 421 3.32 35.27 5.26
C LEU B 421 3.22 34.24 4.15
N LEU B 422 3.20 34.70 2.90
CA LEU B 422 3.05 33.80 1.76
C LEU B 422 4.25 32.87 1.62
N ASN B 423 5.43 33.43 1.86
CA ASN B 423 6.68 32.68 1.76
C ASN B 423 6.69 31.55 2.78
N TYR B 424 6.29 31.85 4.01
CA TYR B 424 6.21 30.82 5.04
C TYR B 424 5.16 29.80 4.67
N PHE B 425 4.04 30.26 4.16
CA PHE B 425 2.95 29.39 3.76
C PHE B 425 3.41 28.50 2.61
N THR B 426 4.14 29.09 1.66
CA THR B 426 4.69 28.35 0.54
C THR B 426 5.70 27.33 1.03
N GLY B 427 6.51 27.74 2.00
CA GLY B 427 7.52 26.88 2.57
C GLY B 427 6.89 25.67 3.25
N VAL B 428 5.77 25.88 3.93
CA VAL B 428 5.08 24.80 4.59
C VAL B 428 4.73 23.71 3.60
N PHE B 429 4.22 24.10 2.42
CA PHE B 429 3.88 23.10 1.42
C PHE B 429 5.12 22.60 0.69
N ALA B 430 6.10 23.47 0.47
CA ALA B 430 7.36 23.05 -0.14
C ALA B 430 8.11 22.08 0.77
N PHE B 431 8.12 22.33 2.06
CA PHE B 431 8.78 21.42 2.99
C PHE B 431 7.99 20.12 3.14
N SER B 432 6.68 20.16 2.91
CA SER B 432 5.89 18.94 2.92
C SER B 432 6.11 18.10 1.67
N VAL B 433 6.39 18.75 0.53
CA VAL B 433 6.68 18.03 -0.70
C VAL B 433 7.99 17.26 -0.55
N MET B 434 9.00 17.88 0.05
CA MET B 434 10.28 17.21 0.27
C MET B 434 10.12 16.01 1.19
N ILE B 435 9.35 16.17 2.27
CA ILE B 435 9.11 15.05 3.17
C ILE B 435 8.25 13.98 2.50
N GLY B 436 7.20 14.41 1.78
CA GLY B 436 6.32 13.47 1.13
C GLY B 436 7.01 12.69 0.02
N GLN B 437 7.94 13.33 -0.70
CA GLN B 437 8.70 12.62 -1.71
C GLN B 437 9.66 11.62 -1.08
N MET B 438 10.31 12.00 0.02
CA MET B 438 11.22 11.08 0.70
C MET B 438 10.44 9.94 1.36
N ARG B 439 9.25 10.23 1.87
CA ARG B 439 8.39 9.18 2.42
C ARG B 439 8.02 8.16 1.34
N ASP B 440 7.71 8.63 0.14
CA ASP B 440 7.40 7.72 -0.95
C ASP B 440 8.65 6.98 -1.44
N VAL B 441 9.81 7.64 -1.42
CA VAL B 441 11.05 6.98 -1.83
C VAL B 441 11.43 5.89 -0.84
N VAL B 442 11.33 6.18 0.46
CA VAL B 442 11.68 5.20 1.48
C VAL B 442 10.71 4.02 1.44
N GLY B 443 9.41 4.30 1.26
CA GLY B 443 8.43 3.23 1.17
C GLY B 443 8.62 2.36 -0.05
N ALA B 444 8.97 2.97 -1.19
CA ALA B 444 9.14 2.19 -2.41
C ALA B 444 10.44 1.40 -2.39
N ALA B 445 11.50 1.97 -1.81
CA ALA B 445 12.79 1.28 -1.76
C ALA B 445 12.75 0.09 -0.81
N THR B 446 11.89 0.13 0.21
CA THR B 446 11.79 -0.94 1.19
C THR B 446 10.48 -1.72 1.07
N ALA B 447 9.78 -1.59 -0.06
CA ALA B 447 8.50 -2.29 -0.21
C ALA B 447 8.70 -3.79 -0.35
N GLY B 448 9.71 -4.22 -1.10
CA GLY B 448 9.98 -5.63 -1.25
C GLY B 448 10.43 -6.29 0.04
N GLN B 449 11.30 -5.59 0.79
CA GLN B 449 11.76 -6.12 2.07
C GLN B 449 10.63 -6.18 3.08
N THR B 450 9.74 -5.19 3.06
CA THR B 450 8.59 -5.20 3.96
C THR B 450 7.65 -6.36 3.63
N TYR B 451 7.42 -6.61 2.34
CA TYR B 451 6.55 -7.71 1.95
C TYR B 451 7.17 -9.06 2.33
N TYR B 452 8.48 -9.21 2.14
CA TYR B 452 9.16 -10.43 2.54
C TYR B 452 9.12 -10.60 4.06
N ARG B 453 9.32 -9.52 4.80
CA ARG B 453 9.29 -9.60 6.25
C ARG B 453 7.90 -9.93 6.77
N SER B 454 6.86 -9.32 6.17
CA SER B 454 5.50 -9.60 6.59
C SER B 454 5.09 -11.04 6.23
N CYS B 455 5.53 -11.52 5.07
CA CYS B 455 5.22 -12.90 4.69
C CYS B 455 5.96 -13.90 5.57
N MET B 456 7.23 -13.61 5.90
CA MET B 456 7.99 -14.51 6.76
C MET B 456 7.45 -14.49 8.18
N ASP B 457 7.04 -13.31 8.68
CA ASP B 457 6.50 -13.23 10.03
C ASP B 457 5.12 -13.85 10.14
N SER B 458 4.37 -13.87 9.03
CA SER B 458 3.05 -14.51 9.05
C SER B 458 3.17 -16.01 9.24
N THR B 459 4.16 -16.64 8.61
CA THR B 459 4.34 -18.07 8.77
C THR B 459 4.89 -18.41 10.15
N VAL B 460 5.78 -17.56 10.67
CA VAL B 460 6.30 -17.77 12.02
C VAL B 460 5.18 -17.61 13.04
N LYS B 461 4.31 -16.63 12.85
CA LYS B 461 3.12 -16.50 13.69
C LYS B 461 2.20 -17.69 13.53
N TYR B 462 2.03 -18.17 12.30
CA TYR B 462 1.23 -19.36 12.06
C TYR B 462 1.85 -20.59 12.71
N MET B 463 3.18 -20.75 12.59
CA MET B 463 3.85 -21.90 13.16
C MET B 463 3.90 -21.83 14.69
N ASN B 464 3.89 -20.62 15.25
CA ASN B 464 3.86 -20.48 16.70
C ASN B 464 2.49 -20.78 17.27
N PHE B 465 1.43 -20.52 16.52
CA PHE B 465 0.08 -20.79 16.99
C PHE B 465 -0.18 -22.29 17.09
N TYR B 466 0.35 -23.06 16.14
CA TYR B 466 0.13 -24.50 16.10
C TYR B 466 1.26 -25.26 16.78
N LYS B 467 2.15 -24.57 17.50
CA LYS B 467 3.22 -25.17 18.30
C LYS B 467 4.15 -26.04 17.44
N ILE B 468 4.48 -25.54 16.26
CA ILE B 468 5.43 -26.24 15.38
C ILE B 468 6.81 -26.22 16.03
N PRO B 469 7.49 -27.36 16.12
CA PRO B 469 8.83 -27.37 16.72
C PRO B 469 9.83 -26.57 15.90
N LYS B 470 10.87 -26.09 16.59
CA LYS B 470 11.86 -25.22 15.96
C LYS B 470 12.68 -25.95 14.90
N SER B 471 12.72 -27.29 14.93
CA SER B 471 13.41 -28.02 13.87
C SER B 471 12.73 -27.79 12.52
N VAL B 472 11.39 -27.84 12.49
CA VAL B 472 10.66 -27.50 11.28
C VAL B 472 10.70 -25.99 11.04
N GLN B 473 10.57 -25.20 12.11
CA GLN B 473 10.48 -23.75 11.96
C GLN B 473 11.78 -23.15 11.43
N ASN B 474 12.93 -23.67 11.88
CA ASN B 474 14.20 -23.17 11.37
C ASN B 474 14.40 -23.55 9.91
N ARG B 475 13.84 -24.67 9.48
CA ARG B 475 13.90 -25.04 8.07
C ARG B 475 13.07 -24.10 7.21
N VAL B 476 11.92 -23.66 7.74
CA VAL B 476 11.11 -22.67 7.02
C VAL B 476 11.81 -21.32 7.01
N LYS B 477 12.43 -20.94 8.14
CA LYS B 477 13.18 -19.70 8.19
C LYS B 477 14.39 -19.74 7.26
N THR B 478 15.04 -20.90 7.16
CA THR B 478 16.16 -21.05 6.25
C THR B 478 15.72 -20.91 4.80
N TRP B 479 14.58 -21.50 4.45
CA TRP B 479 14.07 -21.39 3.09
C TRP B 479 13.71 -19.95 2.74
N TYR B 480 13.06 -19.23 3.65
CA TYR B 480 12.71 -17.84 3.40
C TYR B 480 13.95 -16.98 3.23
N GLU B 481 14.96 -17.19 4.07
CA GLU B 481 16.19 -16.42 3.97
C GLU B 481 16.95 -16.77 2.69
N TYR B 482 16.98 -18.05 2.31
CA TYR B 482 17.72 -18.44 1.13
C TYR B 482 17.02 -18.00 -0.15
N THR B 483 15.69 -18.13 -0.20
CA THR B 483 14.96 -17.75 -1.40
C THR B 483 14.99 -16.25 -1.63
N TRP B 484 14.94 -15.46 -0.55
CA TRP B 484 14.99 -14.02 -0.70
C TRP B 484 16.38 -13.53 -1.11
N HIS B 485 17.43 -14.15 -0.58
CA HIS B 485 18.78 -13.71 -0.90
C HIS B 485 19.31 -14.28 -2.20
N SER B 486 18.61 -15.24 -2.81
CA SER B 486 19.03 -15.82 -4.07
C SER B 486 18.29 -15.22 -5.25
N GLN B 487 16.96 -15.32 -5.25
CA GLN B 487 16.14 -14.85 -6.36
C GLN B 487 15.42 -13.54 -6.08
N GLY B 488 15.54 -13.01 -4.87
CA GLY B 488 14.88 -11.76 -4.54
C GLY B 488 13.36 -11.84 -4.53
N MET B 489 12.80 -13.04 -4.40
CA MET B 489 11.37 -13.25 -4.51
C MET B 489 10.96 -14.35 -3.54
N LEU B 490 9.65 -14.59 -3.47
CA LEU B 490 9.11 -15.76 -2.82
C LEU B 490 8.36 -16.68 -3.77
N ASP B 491 7.84 -16.15 -4.87
CA ASP B 491 7.24 -16.96 -5.92
C ASP B 491 7.53 -16.32 -7.26
N GLU B 492 8.26 -17.03 -8.11
CA GLU B 492 8.58 -16.51 -9.44
C GLU B 492 7.37 -16.53 -10.36
N SER B 493 6.40 -17.41 -10.12
CA SER B 493 5.23 -17.51 -10.99
C SER B 493 4.28 -16.33 -10.84
N GLU B 494 4.34 -15.61 -9.72
CA GLU B 494 3.51 -14.42 -9.58
C GLU B 494 3.96 -13.30 -10.52
N LEU B 495 5.25 -13.27 -10.86
CA LEU B 495 5.74 -12.32 -11.85
C LEU B 495 5.38 -12.78 -13.26
N MET B 496 5.45 -14.08 -13.52
CA MET B 496 5.27 -14.59 -14.87
C MET B 496 3.85 -14.41 -15.38
N VAL B 497 2.86 -14.40 -14.48
CA VAL B 497 1.48 -14.23 -14.92
C VAL B 497 1.19 -12.79 -15.32
N GLN B 498 2.01 -11.83 -14.87
CA GLN B 498 1.86 -10.45 -15.29
C GLN B 498 2.54 -10.15 -16.61
N LEU B 499 3.40 -11.04 -17.09
CA LEU B 499 4.11 -10.86 -18.34
C LEU B 499 3.19 -11.18 -19.52
N PRO B 500 3.53 -10.68 -20.72
CA PRO B 500 2.86 -11.17 -21.92
C PRO B 500 3.13 -12.66 -22.12
N ASP B 501 2.16 -13.34 -22.75
CA ASP B 501 2.27 -14.78 -22.95
C ASP B 501 3.45 -15.14 -23.84
N LYS B 502 3.82 -14.26 -24.76
CA LYS B 502 5.02 -14.50 -25.56
C LYS B 502 6.29 -14.21 -24.76
N MET B 503 6.25 -13.21 -23.87
CA MET B 503 7.39 -12.94 -23.00
C MET B 503 7.64 -14.09 -22.04
N ARG B 504 6.57 -14.60 -21.44
CA ARG B 504 6.66 -15.69 -20.49
C ARG B 504 7.18 -16.96 -21.16
N LEU B 505 6.70 -17.23 -22.36
CA LEU B 505 7.12 -18.42 -23.09
C LEU B 505 8.56 -18.32 -23.56
N ASP B 506 8.97 -17.14 -24.05
CA ASP B 506 10.33 -16.95 -24.51
C ASP B 506 11.33 -17.07 -23.37
N LEU B 507 10.98 -16.56 -22.19
CA LEU B 507 11.82 -16.74 -21.02
C LEU B 507 11.92 -18.20 -20.62
N ALA B 508 10.81 -18.93 -20.68
CA ALA B 508 10.84 -20.36 -20.37
C ALA B 508 11.65 -21.14 -21.39
N ILE B 509 11.63 -20.73 -22.65
CA ILE B 509 12.48 -21.36 -23.66
C ILE B 509 13.94 -21.05 -23.39
N ASP B 510 14.25 -19.81 -23.04
CA ASP B 510 15.63 -19.40 -22.81
C ASP B 510 16.25 -20.02 -21.58
N VAL B 511 15.45 -20.63 -20.71
CA VAL B 511 15.94 -21.23 -19.47
C VAL B 511 15.93 -22.75 -19.55
N ASN B 512 14.83 -23.34 -20.02
CA ASN B 512 14.61 -24.77 -19.88
C ASN B 512 14.60 -25.56 -21.20
N TYR B 513 14.41 -24.89 -22.34
CA TYR B 513 14.27 -25.63 -23.59
C TYR B 513 15.56 -26.31 -24.01
N ASN B 514 16.71 -25.78 -23.63
CA ASN B 514 17.98 -26.42 -23.95
C ASN B 514 18.21 -27.69 -23.14
N ILE B 515 17.38 -27.96 -22.13
CA ILE B 515 17.51 -29.14 -21.30
C ILE B 515 16.40 -30.14 -21.58
N VAL B 516 15.16 -29.67 -21.71
CA VAL B 516 14.03 -30.56 -21.96
C VAL B 516 14.12 -31.19 -23.34
N SER B 517 14.64 -30.46 -24.31
CA SER B 517 14.79 -31.00 -25.66
C SER B 517 15.95 -31.97 -25.79
N LYS B 518 16.68 -32.25 -24.70
CA LYS B 518 17.79 -33.18 -24.74
C LYS B 518 17.50 -34.52 -24.08
N VAL B 519 16.36 -34.67 -23.40
CA VAL B 519 16.05 -35.94 -22.76
C VAL B 519 15.39 -36.87 -23.78
N ALA B 520 15.67 -38.17 -23.63
CA ALA B 520 15.26 -39.15 -24.63
C ALA B 520 13.78 -39.45 -24.60
N LEU B 521 13.06 -39.03 -23.55
CA LEU B 521 11.64 -39.40 -23.45
C LEU B 521 10.79 -38.58 -24.41
N PHE B 522 11.06 -37.29 -24.55
CA PHE B 522 10.25 -36.40 -25.38
C PHE B 522 10.89 -36.10 -26.73
N GLN B 523 11.70 -37.03 -27.23
CA GLN B 523 12.25 -36.90 -28.57
C GLN B 523 11.18 -37.25 -29.60
N GLY B 524 11.06 -36.43 -30.64
CA GLY B 524 10.05 -36.64 -31.65
C GLY B 524 8.68 -36.10 -31.31
N CYS B 525 8.51 -35.51 -30.12
CA CYS B 525 7.23 -34.96 -29.71
C CYS B 525 7.01 -33.61 -30.39
N ASP B 526 5.79 -33.09 -30.23
CA ASP B 526 5.45 -31.79 -30.77
C ASP B 526 6.23 -30.69 -30.05
N ARG B 527 6.72 -29.73 -30.84
CA ARG B 527 7.49 -28.63 -30.26
C ARG B 527 6.62 -27.74 -29.38
N GLN B 528 5.35 -27.54 -29.77
CA GLN B 528 4.44 -26.74 -28.95
C GLN B 528 4.12 -27.44 -27.63
N MET B 529 4.06 -28.77 -27.62
CA MET B 529 3.78 -29.48 -26.38
C MET B 529 4.92 -29.31 -25.40
N ILE B 530 6.17 -29.33 -25.90
CA ILE B 530 7.32 -29.04 -25.06
C ILE B 530 7.26 -27.63 -24.52
N PHE B 531 6.77 -26.68 -25.34
CA PHE B 531 6.60 -25.30 -24.89
C PHE B 531 5.58 -25.22 -23.76
N ASP B 532 4.56 -26.09 -23.78
CA ASP B 532 3.63 -26.15 -22.67
C ASP B 532 4.26 -26.76 -21.42
N MET B 533 5.22 -27.67 -21.60
CA MET B 533 5.93 -28.24 -20.46
C MET B 533 6.74 -27.18 -19.72
N LEU B 534 7.38 -26.27 -20.46
CA LEU B 534 8.19 -25.23 -19.85
C LEU B 534 7.35 -24.26 -19.05
N LYS B 535 6.13 -23.96 -19.53
CA LYS B 535 5.26 -23.04 -18.81
C LYS B 535 4.65 -23.67 -17.57
N ARG B 536 4.54 -24.99 -17.52
CA ARG B 536 4.03 -25.68 -16.35
C ARG B 536 5.12 -26.07 -15.36
N LEU B 537 6.38 -25.87 -15.71
CA LEU B 537 7.48 -26.12 -14.77
C LEU B 537 7.44 -25.08 -13.66
N ARG B 538 7.61 -25.54 -12.42
CA ARG B 538 7.65 -24.66 -11.26
C ARG B 538 8.98 -24.83 -10.54
N SER B 539 9.56 -23.72 -10.11
CA SER B 539 10.85 -23.72 -9.44
C SER B 539 10.64 -24.03 -7.96
N VAL B 540 11.27 -25.11 -7.49
CA VAL B 540 11.21 -25.52 -6.09
C VAL B 540 12.64 -25.59 -5.56
N VAL B 541 12.87 -24.97 -4.42
CA VAL B 541 14.18 -24.96 -3.77
C VAL B 541 14.17 -26.00 -2.66
N TYR B 542 15.10 -26.94 -2.73
CA TYR B 542 15.24 -27.99 -1.73
C TYR B 542 16.36 -27.64 -0.77
N LEU B 543 16.11 -27.80 0.52
CA LEU B 543 17.11 -27.53 1.54
C LEU B 543 18.21 -28.59 1.49
N PRO B 544 19.38 -28.32 2.09
CA PRO B 544 20.42 -29.35 2.17
C PRO B 544 19.94 -30.61 2.87
N ASN B 545 20.36 -31.76 2.34
CA ASN B 545 20.05 -33.09 2.85
C ASN B 545 18.55 -33.40 2.81
N ASP B 546 17.78 -32.67 2.02
CA ASP B 546 16.36 -32.94 1.87
C ASP B 546 16.14 -34.05 0.85
N TYR B 547 15.20 -34.95 1.15
CA TYR B 547 14.92 -36.09 0.29
C TYR B 547 14.07 -35.64 -0.88
N VAL B 548 14.69 -35.53 -2.06
CA VAL B 548 13.93 -35.22 -3.27
C VAL B 548 13.00 -36.38 -3.62
N CYS B 549 13.52 -37.61 -3.54
CA CYS B 549 12.74 -38.82 -3.77
C CYS B 549 13.01 -39.79 -2.63
N LYS B 550 11.94 -40.37 -2.09
CA LYS B 550 12.06 -41.44 -1.12
C LYS B 550 11.95 -42.78 -1.82
N LYS B 551 12.76 -43.75 -1.39
CA LYS B 551 12.77 -45.06 -2.02
C LYS B 551 11.48 -45.79 -1.67
N GLY B 552 10.53 -45.82 -2.59
CA GLY B 552 9.27 -46.51 -2.41
C GLY B 552 8.06 -45.63 -2.33
N GLU B 553 8.20 -44.31 -2.52
CA GLU B 553 7.05 -43.43 -2.54
C GLU B 553 6.48 -43.38 -3.96
N ILE B 554 5.42 -42.60 -4.14
CA ILE B 554 4.79 -42.46 -5.45
C ILE B 554 5.63 -41.54 -6.32
N GLY B 555 6.05 -42.04 -7.46
CA GLY B 555 6.75 -41.23 -8.43
C GLY B 555 5.77 -40.58 -9.40
N ARG B 556 5.63 -39.25 -9.31
CA ARG B 556 4.69 -38.55 -10.17
C ARG B 556 5.25 -37.23 -10.70
N GLU B 557 6.54 -36.96 -10.52
CA GLU B 557 7.13 -35.68 -10.88
C GLU B 557 8.42 -35.89 -11.67
N MET B 558 8.71 -34.93 -12.53
CA MET B 558 9.97 -34.87 -13.27
C MET B 558 10.79 -33.70 -12.76
N TYR B 559 12.04 -33.94 -12.43
CA TYR B 559 12.91 -32.95 -11.81
C TYR B 559 14.00 -32.52 -12.77
N ILE B 560 14.14 -31.22 -12.99
CA ILE B 560 15.24 -30.63 -13.73
C ILE B 560 16.08 -29.82 -12.75
N ILE B 561 17.37 -30.10 -12.69
CA ILE B 561 18.26 -29.41 -11.77
C ILE B 561 18.70 -28.11 -12.43
N GLN B 562 18.10 -26.99 -12.03
CA GLN B 562 18.55 -25.69 -12.52
C GLN B 562 19.82 -25.26 -11.82
N ALA B 563 19.94 -25.55 -10.52
CA ALA B 563 21.12 -25.20 -9.75
C ALA B 563 21.24 -26.16 -8.59
N GLY B 564 22.47 -26.47 -8.21
CA GLY B 564 22.74 -27.37 -7.11
C GLY B 564 23.12 -28.76 -7.60
N GLN B 565 23.45 -29.61 -6.63
CA GLN B 565 23.84 -30.99 -6.86
C GLN B 565 22.90 -31.92 -6.12
N VAL B 566 22.48 -32.99 -6.80
CA VAL B 566 21.56 -33.96 -6.25
C VAL B 566 22.24 -35.33 -6.26
N GLN B 567 22.25 -35.98 -5.11
CA GLN B 567 22.91 -37.27 -4.93
C GLN B 567 21.89 -38.40 -4.92
N VAL B 568 22.18 -39.47 -5.64
CA VAL B 568 21.35 -40.67 -5.66
C VAL B 568 21.96 -41.67 -4.68
N LEU B 569 21.19 -42.05 -3.67
CA LEU B 569 21.67 -42.97 -2.65
C LEU B 569 21.56 -44.42 -3.14
N GLY B 570 22.22 -45.31 -2.42
CA GLY B 570 22.18 -46.72 -2.76
C GLY B 570 23.12 -47.52 -1.88
N GLY B 571 23.48 -48.70 -2.35
CA GLY B 571 24.37 -49.58 -1.63
C GLY B 571 23.72 -50.19 -0.40
N PRO B 572 24.55 -50.72 0.50
CA PRO B 572 24.00 -51.32 1.73
C PRO B 572 23.53 -50.24 2.70
N ASP B 573 22.28 -50.36 3.15
CA ASP B 573 21.64 -49.47 4.12
C ASP B 573 21.61 -48.01 3.66
N GLY B 574 21.69 -47.77 2.35
CA GLY B 574 21.65 -46.42 1.84
C GLY B 574 22.90 -45.62 2.19
N LYS B 575 22.77 -44.30 2.08
CA LYS B 575 23.78 -43.32 2.45
C LYS B 575 25.08 -43.47 1.67
N SER B 576 25.03 -44.12 0.51
CA SER B 576 26.18 -44.22 -0.39
C SER B 576 25.85 -43.50 -1.68
N VAL B 577 26.70 -42.53 -2.04
CA VAL B 577 26.44 -41.69 -3.21
C VAL B 577 26.81 -42.50 -4.45
N LEU B 578 25.81 -43.12 -5.07
CA LEU B 578 26.05 -43.85 -6.31
C LEU B 578 26.44 -42.90 -7.44
N VAL B 579 25.75 -41.76 -7.55
CA VAL B 579 26.04 -40.77 -8.57
C VAL B 579 25.55 -39.42 -8.07
N THR B 580 26.27 -38.36 -8.40
CA THR B 580 25.87 -37.00 -8.11
C THR B 580 25.42 -36.35 -9.41
N LEU B 581 24.18 -35.87 -9.45
CA LEU B 581 23.63 -35.21 -10.62
C LEU B 581 23.80 -33.71 -10.46
N LYS B 582 24.47 -33.09 -11.43
CA LYS B 582 24.77 -31.67 -11.38
C LYS B 582 23.62 -30.88 -12.01
N ALA B 583 23.81 -29.58 -12.17
CA ALA B 583 22.80 -28.74 -12.79
C ALA B 583 22.64 -29.09 -14.27
N GLY B 584 21.41 -28.99 -14.76
CA GLY B 584 21.11 -29.30 -16.13
C GLY B 584 20.75 -30.74 -16.42
N SER B 585 20.72 -31.59 -15.40
CA SER B 585 20.35 -32.99 -15.57
C SER B 585 18.91 -33.21 -15.13
N VAL B 586 18.25 -34.19 -15.76
CA VAL B 586 16.85 -34.50 -15.52
C VAL B 586 16.75 -35.94 -15.03
N PHE B 587 16.03 -36.12 -13.93
CA PHE B 587 15.77 -37.45 -13.38
C PHE B 587 14.31 -37.55 -12.96
N GLY B 588 13.79 -38.78 -12.98
CA GLY B 588 12.39 -39.00 -12.68
C GLY B 588 11.45 -38.86 -13.85
N GLU B 589 11.95 -38.85 -15.08
CA GLU B 589 11.09 -38.67 -16.25
C GLU B 589 10.20 -39.88 -16.50
N ILE B 590 10.64 -41.07 -16.09
CA ILE B 590 9.86 -42.28 -16.30
C ILE B 590 8.55 -42.23 -15.52
N SER B 591 8.55 -41.54 -14.38
CA SER B 591 7.37 -41.46 -13.52
C SER B 591 6.20 -40.76 -14.20
N LEU B 592 6.46 -39.91 -15.19
CA LEU B 592 5.38 -39.18 -15.86
C LEU B 592 4.52 -40.08 -16.74
N LEU B 593 5.02 -41.26 -17.11
CA LEU B 593 4.30 -42.15 -18.02
C LEU B 593 3.40 -43.15 -17.29
N ALA B 594 3.56 -43.31 -15.99
CA ALA B 594 2.73 -44.27 -15.26
C ALA B 594 1.32 -43.72 -15.08
N VAL B 595 0.38 -44.63 -14.81
CA VAL B 595 -1.01 -44.29 -14.56
C VAL B 595 -1.42 -44.85 -13.20
N GLY B 596 -2.04 -44.01 -12.39
CA GLY B 596 -2.57 -44.43 -11.10
C GLY B 596 -1.56 -44.98 -10.12
N GLY B 597 -0.48 -44.23 -9.88
CA GLY B 597 0.54 -44.70 -8.94
C GLY B 597 1.33 -45.90 -9.42
N GLY B 598 1.45 -46.08 -10.73
CA GLY B 598 2.19 -47.22 -11.26
C GLY B 598 3.69 -47.12 -11.08
N ASN B 599 4.21 -45.92 -10.86
CA ASN B 599 5.63 -45.71 -10.70
C ASN B 599 5.97 -45.51 -9.22
N ARG B 600 7.03 -46.18 -8.78
CA ARG B 600 7.59 -46.00 -7.45
C ARG B 600 9.08 -45.73 -7.58
N ARG B 601 9.58 -44.81 -6.76
CA ARG B 601 11.00 -44.44 -6.83
C ARG B 601 11.86 -45.62 -6.39
N THR B 602 12.84 -45.97 -7.22
CA THR B 602 13.66 -47.15 -7.00
C THR B 602 14.89 -46.88 -6.13
N ALA B 603 15.14 -45.63 -5.76
CA ALA B 603 16.29 -45.30 -4.95
C ALA B 603 16.03 -44.02 -4.18
N ASN B 604 16.69 -43.88 -3.04
CA ASN B 604 16.62 -42.64 -2.28
C ASN B 604 17.41 -41.56 -3.00
N VAL B 605 16.80 -40.39 -3.16
CA VAL B 605 17.40 -39.27 -3.87
C VAL B 605 17.33 -38.05 -2.95
N VAL B 606 18.50 -37.52 -2.59
CA VAL B 606 18.59 -36.41 -1.65
C VAL B 606 19.24 -35.22 -2.34
N ALA B 607 19.00 -34.03 -1.78
CA ALA B 607 19.58 -32.81 -2.28
C ALA B 607 20.89 -32.53 -1.54
N HIS B 608 21.98 -32.38 -2.29
CA HIS B 608 23.30 -32.14 -1.70
C HIS B 608 23.54 -30.65 -1.53
N GLY B 609 22.63 -29.97 -0.85
CA GLY B 609 22.84 -28.58 -0.47
C GLY B 609 22.20 -27.56 -1.39
N PHE B 610 21.04 -27.04 -0.98
CA PHE B 610 20.37 -25.88 -1.57
C PHE B 610 20.25 -26.00 -3.10
N THR B 611 19.46 -26.97 -3.51
CA THR B 611 19.25 -27.25 -4.93
C THR B 611 17.91 -26.70 -5.37
N ASN B 612 17.91 -25.96 -6.49
CA ASN B 612 16.69 -25.44 -7.09
C ASN B 612 16.30 -26.38 -8.23
N LEU B 613 15.15 -27.03 -8.08
CA LEU B 613 14.67 -28.01 -9.05
C LEU B 613 13.46 -27.46 -9.79
N PHE B 614 13.49 -27.54 -11.12
CA PHE B 614 12.32 -27.27 -11.93
C PHE B 614 11.50 -28.54 -12.01
N ILE B 615 10.30 -28.53 -11.43
CA ILE B 615 9.49 -29.72 -11.25
C ILE B 615 8.27 -29.64 -12.16
N LEU B 616 8.06 -30.69 -12.95
CA LEU B 616 6.81 -30.87 -13.68
C LEU B 616 6.21 -32.20 -13.25
N ASP B 617 4.99 -32.16 -12.73
CA ASP B 617 4.34 -33.33 -12.20
C ASP B 617 3.51 -34.03 -13.29
N LYS B 618 3.03 -35.23 -12.95
CA LYS B 618 2.24 -36.02 -13.89
C LYS B 618 0.90 -35.38 -14.18
N LYS B 619 0.30 -34.71 -13.20
CA LYS B 619 -1.01 -34.10 -13.40
C LYS B 619 -0.98 -32.98 -14.43
N ASP B 620 0.05 -32.13 -14.38
CA ASP B 620 0.13 -31.03 -15.33
C ASP B 620 0.54 -31.49 -16.71
N LEU B 621 1.37 -32.54 -16.80
CA LEU B 621 1.70 -33.11 -18.11
C LEU B 621 0.48 -33.72 -18.77
N ASN B 622 -0.33 -34.46 -18.00
CA ASN B 622 -1.56 -35.04 -18.54
C ASN B 622 -2.57 -33.97 -18.94
N GLU B 623 -2.54 -32.83 -18.26
CA GLU B 623 -3.44 -31.74 -18.63
C GLU B 623 -3.04 -31.10 -19.95
N ILE B 624 -1.74 -31.09 -20.26
CA ILE B 624 -1.27 -30.54 -21.53
C ILE B 624 -1.02 -31.63 -22.56
N LEU B 625 -1.36 -32.88 -22.25
CA LEU B 625 -1.29 -33.97 -23.22
C LEU B 625 -2.62 -34.25 -23.89
N VAL B 626 -3.71 -33.62 -23.44
CA VAL B 626 -5.00 -33.77 -24.11
C VAL B 626 -5.15 -32.82 -25.28
N HIS B 627 -4.30 -31.80 -25.37
CA HIS B 627 -4.31 -30.88 -26.50
C HIS B 627 -3.40 -31.32 -27.63
N TYR B 628 -2.63 -32.38 -27.44
CA TYR B 628 -1.65 -32.86 -28.42
C TYR B 628 -1.86 -34.35 -28.61
N PRO B 629 -2.87 -34.75 -29.40
CA PRO B 629 -3.14 -36.19 -29.58
C PRO B 629 -2.03 -36.94 -30.29
N GLU B 630 -1.25 -36.26 -31.14
CA GLU B 630 -0.17 -36.95 -31.85
C GLU B 630 0.95 -37.34 -30.90
N SER B 631 1.39 -36.40 -30.05
CA SER B 631 2.44 -36.71 -29.09
C SER B 631 1.93 -37.58 -27.96
N GLN B 632 0.63 -37.51 -27.67
CA GLN B 632 0.04 -38.40 -26.65
C GLN B 632 0.16 -39.86 -27.07
N LYS B 633 -0.10 -40.15 -28.35
CA LYS B 633 0.06 -41.52 -28.85
C LYS B 633 1.53 -41.94 -28.83
N LEU B 634 2.43 -41.04 -29.25
CA LEU B 634 3.85 -41.37 -29.30
C LEU B 634 4.43 -41.56 -27.90
N LEU B 635 4.03 -40.71 -26.95
CA LEU B 635 4.58 -40.80 -25.60
C LEU B 635 4.02 -42.02 -24.87
N ARG B 636 2.74 -42.35 -25.11
CA ARG B 636 2.16 -43.56 -24.54
C ARG B 636 2.76 -44.82 -25.16
N LYS B 637 3.10 -44.76 -26.46
CA LYS B 637 3.74 -45.90 -27.10
C LYS B 637 5.12 -46.17 -26.52
N LYS B 638 5.86 -45.10 -26.19
CA LYS B 638 7.17 -45.27 -25.58
C LYS B 638 7.07 -45.82 -24.17
N ALA B 639 5.94 -45.59 -23.49
CA ALA B 639 5.75 -46.16 -22.16
C ALA B 639 5.60 -47.67 -22.21
N ARG B 640 4.75 -48.16 -23.11
CA ARG B 640 4.51 -49.60 -23.23
C ARG B 640 5.63 -50.32 -23.97
N ARG B 641 6.51 -49.59 -24.67
CA ARG B 641 7.62 -50.21 -25.37
C ARG B 641 8.74 -50.64 -24.43
N MET B 642 8.76 -50.14 -23.21
CA MET B 642 9.82 -50.44 -22.24
C MET B 642 9.33 -51.29 -21.08
N LEU B 643 8.07 -51.69 -21.07
CA LEU B 643 7.54 -52.55 -20.01
C LEU B 643 6.59 -53.60 -20.57
N VAL C 26 38.76 -24.97 8.77
CA VAL C 26 37.63 -24.27 9.38
C VAL C 26 37.17 -23.12 8.49
N VAL C 27 35.85 -23.02 8.31
CA VAL C 27 35.24 -21.99 7.49
C VAL C 27 34.02 -21.45 8.23
N ILE C 28 33.93 -20.13 8.35
CA ILE C 28 32.80 -19.50 9.04
C ILE C 28 31.63 -19.39 8.09
N ASP C 29 30.48 -19.90 8.51
CA ASP C 29 29.26 -19.80 7.72
C ASP C 29 28.67 -18.39 7.87
N PRO C 30 28.46 -17.65 6.77
CA PRO C 30 27.93 -16.29 6.91
C PRO C 30 26.52 -16.20 7.48
N SER C 31 25.75 -17.28 7.43
CA SER C 31 24.42 -17.30 8.01
C SER C 31 24.41 -17.82 9.45
N GLY C 32 25.57 -18.17 10.00
CA GLY C 32 25.65 -18.70 11.35
C GLY C 32 25.75 -17.60 12.40
N ASN C 33 25.81 -18.05 13.66
CA ASN C 33 25.91 -17.12 14.78
C ASN C 33 27.33 -16.63 14.99
N THR C 34 28.33 -17.43 14.60
CA THR C 34 29.73 -16.99 14.72
C THR C 34 30.00 -15.79 13.81
N TYR C 35 29.46 -15.82 12.59
CA TYR C 35 29.64 -14.69 11.68
C TYR C 35 28.97 -13.44 12.22
N TYR C 36 27.78 -13.58 12.81
CA TYR C 36 27.11 -12.43 13.41
C TYR C 36 27.88 -11.90 14.62
N ASN C 37 28.45 -12.79 15.43
CA ASN C 37 29.27 -12.36 16.55
C ASN C 37 30.50 -11.60 16.08
N TRP C 38 31.13 -12.08 15.00
CA TRP C 38 32.28 -11.34 14.48
C TRP C 38 31.86 -10.03 13.82
N LEU C 39 30.65 -9.97 13.24
CA LEU C 39 30.15 -8.71 12.74
C LEU C 39 29.99 -7.69 13.85
N PHE C 40 29.46 -8.14 15.00
CA PHE C 40 29.41 -7.26 16.17
C PHE C 40 30.80 -6.87 16.64
N CYS C 41 31.75 -7.82 16.60
CA CYS C 41 33.10 -7.55 17.08
C CYS C 41 33.85 -6.59 16.17
N ILE C 42 33.52 -6.56 14.88
CA ILE C 42 34.17 -5.62 13.96
C ILE C 42 33.42 -4.29 13.88
N THR C 43 32.13 -4.27 14.25
CA THR C 43 31.37 -3.02 14.21
C THR C 43 31.91 -2.00 15.21
N LEU C 44 32.31 -2.45 16.40
CA LEU C 44 32.79 -1.52 17.42
C LEU C 44 34.04 -0.74 17.01
N PRO C 45 35.09 -1.36 16.43
CA PRO C 45 36.17 -0.54 15.87
C PRO C 45 35.73 0.36 14.73
N VAL C 46 34.77 -0.07 13.91
CA VAL C 46 34.29 0.76 12.81
C VAL C 46 33.53 1.98 13.35
N MET C 47 32.66 1.76 14.34
CA MET C 47 31.96 2.89 14.96
C MET C 47 32.92 3.83 15.67
N TYR C 48 33.92 3.26 16.35
CA TYR C 48 34.93 4.08 17.01
C TYR C 48 35.70 4.92 16.01
N ASN C 49 36.08 4.34 14.88
CA ASN C 49 36.77 5.11 13.84
C ASN C 49 35.85 6.14 13.20
N TRP C 50 34.56 5.83 13.05
CA TRP C 50 33.66 6.76 12.39
C TRP C 50 33.32 7.95 13.27
N THR C 51 33.37 7.79 14.60
CA THR C 51 33.07 8.91 15.49
C THR C 51 34.33 9.57 16.04
N MET C 52 35.16 8.82 16.76
CA MET C 52 36.18 9.46 17.57
C MET C 52 37.39 9.91 16.77
N VAL C 53 37.62 9.36 15.57
CA VAL C 53 38.72 9.84 14.75
C VAL C 53 38.47 11.27 14.30
N ILE C 54 37.27 11.55 13.80
CA ILE C 54 36.95 12.94 13.43
C ILE C 54 36.78 13.80 14.68
N ALA C 55 36.35 13.20 15.81
CA ALA C 55 36.28 13.96 17.06
C ALA C 55 37.66 14.44 17.50
N ARG C 56 38.66 13.58 17.42
CA ARG C 56 40.03 13.95 17.79
C ARG C 56 40.68 14.84 16.74
N ALA C 57 40.32 14.66 15.46
CA ALA C 57 40.88 15.50 14.41
C ALA C 57 40.39 16.94 14.54
N CYS C 58 39.11 17.12 14.87
CA CYS C 58 38.58 18.47 14.97
C CYS C 58 38.82 19.11 16.33
N PHE C 59 38.68 18.34 17.41
CA PHE C 59 38.95 18.83 18.76
C PHE C 59 40.36 18.40 19.13
N ASP C 60 41.30 19.34 19.08
CA ASP C 60 42.71 19.03 19.35
C ASP C 60 42.93 18.67 20.81
N GLU C 61 42.14 19.25 21.71
CA GLU C 61 42.28 18.95 23.14
C GLU C 61 41.94 17.49 23.43
N LEU C 62 40.91 16.96 22.75
CA LEU C 62 40.55 15.56 22.93
C LEU C 62 41.65 14.62 22.47
N GLN C 63 42.31 14.95 21.35
CA GLN C 63 43.39 14.12 20.86
C GLN C 63 44.62 14.21 21.76
N SER C 64 44.96 15.41 22.20
CA SER C 64 46.18 15.60 22.98
C SER C 64 46.05 15.10 24.42
N ASP C 65 44.86 15.21 25.02
CA ASP C 65 44.72 14.91 26.44
C ASP C 65 44.78 13.41 26.70
N TYR C 66 44.14 12.61 25.84
CA TYR C 66 44.02 11.16 26.04
C TYR C 66 44.76 10.40 24.95
N LEU C 67 45.97 10.88 24.61
CA LEU C 67 46.71 10.33 23.48
C LEU C 67 47.07 8.86 23.67
N GLU C 68 47.42 8.48 24.90
CA GLU C 68 47.74 7.07 25.16
C GLU C 68 46.52 6.18 25.00
N TYR C 69 45.35 6.65 25.44
CA TYR C 69 44.12 5.88 25.26
C TYR C 69 43.77 5.75 23.79
N TRP C 70 43.93 6.83 23.02
CA TRP C 70 43.64 6.75 21.59
C TRP C 70 44.62 5.84 20.89
N LEU C 71 45.89 5.85 21.30
CA LEU C 71 46.88 4.96 20.70
C LEU C 71 46.54 3.50 20.97
N ILE C 72 46.15 3.19 22.23
CA ILE C 72 45.78 1.82 22.57
C ILE C 72 44.55 1.39 21.78
N LEU C 73 43.54 2.26 21.71
CA LEU C 73 42.31 1.91 21.01
C LEU C 73 42.53 1.79 19.51
N ASP C 74 43.39 2.63 18.93
CA ASP C 74 43.68 2.55 17.51
C ASP C 74 44.46 1.29 17.17
N TYR C 75 45.43 0.92 18.02
CA TYR C 75 46.16 -0.32 17.82
C TYR C 75 45.24 -1.54 17.93
N VAL C 76 44.34 -1.52 18.91
CA VAL C 76 43.37 -2.60 19.06
C VAL C 76 42.45 -2.67 17.85
N SER C 77 41.98 -1.53 17.36
CA SER C 77 41.11 -1.50 16.19
C SER C 77 41.83 -1.99 14.94
N ASP C 78 43.10 -1.64 14.79
CA ASP C 78 43.87 -2.15 13.66
C ASP C 78 44.05 -3.66 13.74
N ILE C 79 44.29 -4.18 14.94
CA ILE C 79 44.39 -5.64 15.11
C ILE C 79 43.08 -6.32 14.75
N VAL C 80 41.97 -5.74 15.19
CA VAL C 80 40.65 -6.29 14.85
C VAL C 80 40.39 -6.19 13.36
N TYR C 81 40.90 -5.14 12.70
CA TYR C 81 40.79 -5.04 11.24
C TYR C 81 41.56 -6.15 10.54
N LEU C 82 42.78 -6.45 11.01
CA LEU C 82 43.53 -7.59 10.45
C LEU C 82 42.79 -8.90 10.66
N ILE C 83 42.23 -9.11 11.86
CA ILE C 83 41.48 -10.34 12.09
C ILE C 83 40.21 -10.37 11.25
N ASP C 84 39.63 -9.20 10.94
CA ASP C 84 38.48 -9.15 10.06
C ASP C 84 38.84 -9.57 8.64
N MET C 85 40.00 -9.12 8.15
CA MET C 85 40.46 -9.58 6.84
C MET C 85 40.75 -11.08 6.84
N PHE C 86 41.30 -11.58 7.95
CA PHE C 86 41.53 -13.02 8.06
C PHE C 86 40.21 -13.80 8.04
N VAL C 87 39.18 -13.27 8.71
CA VAL C 87 37.86 -13.89 8.69
C VAL C 87 37.28 -13.84 7.29
N ARG C 88 37.48 -12.72 6.58
CA ARG C 88 37.01 -12.59 5.20
C ARG C 88 37.67 -13.62 4.30
N THR C 89 38.95 -13.91 4.53
CA THR C 89 39.60 -14.98 3.78
C THR C 89 39.09 -16.37 4.17
N ARG C 90 38.42 -16.48 5.32
CA ARG C 90 37.94 -17.77 5.83
C ARG C 90 36.42 -17.80 5.94
N THR C 91 35.71 -16.98 5.18
CA THR C 91 34.25 -16.95 5.18
C THR C 91 33.76 -17.58 3.89
N GLY C 92 32.98 -18.64 4.01
CA GLY C 92 32.50 -19.35 2.84
C GLY C 92 31.36 -18.63 2.14
N TYR C 93 31.15 -19.00 0.89
CA TYR C 93 30.06 -18.49 0.08
C TYR C 93 29.37 -19.65 -0.61
N LEU C 94 28.11 -19.45 -0.97
CA LEU C 94 27.28 -20.50 -1.55
C LEU C 94 27.51 -20.54 -3.06
N GLU C 95 28.21 -21.56 -3.53
CA GLU C 95 28.35 -21.84 -4.95
C GLU C 95 27.64 -23.14 -5.25
N GLN C 96 26.60 -23.07 -6.09
CA GLN C 96 25.72 -24.20 -6.40
C GLN C 96 25.12 -24.80 -5.14
N GLY C 97 24.84 -23.98 -4.14
CA GLY C 97 24.27 -24.43 -2.90
C GLY C 97 25.24 -24.98 -1.88
N LEU C 98 26.52 -25.07 -2.22
CA LEU C 98 27.54 -25.56 -1.29
C LEU C 98 28.33 -24.39 -0.72
N LEU C 99 28.56 -24.43 0.59
CA LEU C 99 29.47 -23.48 1.22
C LEU C 99 30.90 -23.87 0.87
N VAL C 100 31.59 -23.00 0.13
CA VAL C 100 32.93 -23.32 -0.34
C VAL C 100 33.89 -23.31 0.84
N LYS C 101 34.63 -24.41 1.01
CA LYS C 101 35.59 -24.55 2.09
C LYS C 101 37.03 -24.63 1.61
N GLU C 102 37.27 -24.49 0.31
CA GLU C 102 38.63 -24.46 -0.21
C GLU C 102 39.28 -23.13 0.15
N GLU C 103 40.49 -23.18 0.70
CA GLU C 103 41.17 -21.97 1.14
C GLU C 103 41.49 -21.06 -0.04
N LEU C 104 42.00 -21.63 -1.13
CA LEU C 104 42.37 -20.83 -2.29
C LEU C 104 41.16 -20.18 -2.94
N LYS C 105 40.05 -20.91 -3.03
CA LYS C 105 38.84 -20.35 -3.64
C LYS C 105 38.29 -19.20 -2.80
N LEU C 106 38.28 -19.35 -1.48
CA LEU C 106 37.81 -18.25 -0.61
C LEU C 106 38.73 -17.05 -0.70
N ILE C 107 40.05 -17.28 -0.73
CA ILE C 107 41.00 -16.18 -0.83
C ILE C 107 40.83 -15.44 -2.16
N ASN C 108 40.66 -16.19 -3.26
CA ASN C 108 40.48 -15.57 -4.56
C ASN C 108 39.15 -14.83 -4.65
N LYS C 109 38.09 -15.37 -4.05
CA LYS C 109 36.80 -14.69 -4.03
C LYS C 109 36.89 -13.39 -3.24
N TYR C 110 37.63 -13.40 -2.12
CA TYR C 110 37.84 -12.18 -1.36
C TYR C 110 38.65 -11.16 -2.17
N LYS C 111 39.74 -11.61 -2.80
CA LYS C 111 40.65 -10.70 -3.49
C LYS C 111 40.01 -10.09 -4.74
N SER C 112 39.15 -10.85 -5.43
CA SER C 112 38.50 -10.33 -6.62
C SER C 112 37.40 -9.31 -6.30
N ASN C 113 37.02 -9.19 -5.03
CA ASN C 113 35.95 -8.28 -4.62
C ASN C 113 36.57 -6.94 -4.27
N LEU C 114 35.77 -5.88 -4.45
CA LEU C 114 36.19 -4.53 -4.06
C LEU C 114 36.40 -4.40 -2.56
N GLN C 115 35.80 -5.29 -1.77
CA GLN C 115 35.96 -5.25 -0.32
C GLN C 115 37.41 -5.49 0.09
N PHE C 116 38.15 -6.31 -0.67
CA PHE C 116 39.57 -6.48 -0.38
C PHE C 116 40.34 -5.19 -0.58
N LYS C 117 40.02 -4.46 -1.67
CA LYS C 117 40.68 -3.17 -1.90
C LYS C 117 40.33 -2.17 -0.82
N LEU C 118 39.06 -2.15 -0.39
CA LEU C 118 38.66 -1.24 0.69
C LEU C 118 39.33 -1.61 2.01
N ASP C 119 39.51 -2.90 2.27
CA ASP C 119 40.16 -3.32 3.50
C ASP C 119 41.66 -3.00 3.47
N VAL C 120 42.28 -3.12 2.30
CA VAL C 120 43.69 -2.75 2.17
C VAL C 120 43.87 -1.25 2.34
N LEU C 121 43.01 -0.46 1.70
CA LEU C 121 43.10 0.99 1.83
C LEU C 121 42.75 1.45 3.24
N SER C 122 41.92 0.69 3.95
CA SER C 122 41.59 1.01 5.34
C SER C 122 42.68 0.59 6.31
N LEU C 123 43.70 -0.13 5.84
CA LEU C 123 44.80 -0.54 6.69
C LEU C 123 46.16 -0.13 6.12
N ILE C 124 46.18 0.77 5.15
CA ILE C 124 47.46 1.36 4.72
C ILE C 124 48.05 2.11 5.91
N PRO C 125 49.30 1.85 6.30
CA PRO C 125 49.81 2.47 7.53
C PRO C 125 50.03 3.96 7.37
N THR C 126 49.11 4.74 7.92
CA THR C 126 49.21 6.19 7.92
C THR C 126 49.77 6.71 9.24
N ASP C 127 49.93 5.85 10.25
CA ASP C 127 50.54 6.24 11.51
C ASP C 127 52.02 6.56 11.36
N LEU C 128 52.65 6.17 10.24
CA LEU C 128 54.00 6.63 9.94
C LEU C 128 54.04 8.12 9.65
N LEU C 129 52.91 8.72 9.27
CA LEU C 129 52.83 10.16 9.05
C LEU C 129 52.74 10.94 10.35
N TYR C 130 52.60 10.26 11.51
CA TYR C 130 52.64 10.96 12.79
C TYR C 130 54.02 11.56 13.05
N PHE C 131 55.08 10.94 12.54
CA PHE C 131 56.42 11.48 12.72
C PHE C 131 56.67 12.68 11.82
N LYS C 132 55.87 12.87 10.78
CA LYS C 132 56.01 14.00 9.86
C LYS C 132 55.07 15.15 10.18
N LEU C 133 53.84 14.85 10.57
CA LEU C 133 52.84 15.88 10.83
C LEU C 133 52.65 16.19 12.30
N GLY C 134 53.08 15.31 13.20
CA GLY C 134 52.90 15.51 14.62
C GLY C 134 51.70 14.74 15.16
N TRP C 135 51.57 14.77 16.48
CA TRP C 135 50.50 14.05 17.16
C TRP C 135 49.16 14.75 17.08
N ASN C 136 49.13 15.98 16.53
CA ASN C 136 47.93 16.80 16.47
C ASN C 136 47.04 16.46 15.27
N TYR C 137 47.47 15.53 14.41
CA TYR C 137 46.77 15.21 13.18
C TYR C 137 46.36 13.74 13.18
N PRO C 138 45.23 13.40 13.81
CA PRO C 138 44.70 12.04 13.71
C PRO C 138 43.74 11.82 12.55
N GLU C 139 43.52 12.84 11.71
CA GLU C 139 42.71 12.67 10.51
C GLU C 139 43.42 11.87 9.44
N ILE C 140 44.70 11.55 9.63
CA ILE C 140 45.40 10.62 8.76
C ILE C 140 44.81 9.23 8.84
N ARG C 141 44.16 8.89 9.95
CA ARG C 141 43.48 7.61 10.12
C ARG C 141 42.06 7.62 9.59
N LEU C 142 41.70 8.61 8.76
CA LEU C 142 40.37 8.64 8.17
C LEU C 142 40.17 7.54 7.14
N ASN C 143 41.25 6.92 6.67
CA ASN C 143 41.14 5.79 5.76
C ASN C 143 40.50 4.58 6.44
N ARG C 144 40.58 4.49 7.76
CA ARG C 144 39.94 3.41 8.51
C ARG C 144 38.42 3.45 8.42
N LEU C 145 37.84 4.55 7.94
CA LEU C 145 36.41 4.66 7.73
C LEU C 145 35.91 3.78 6.59
N LEU C 146 36.81 3.24 5.76
CA LEU C 146 36.43 2.42 4.62
C LEU C 146 35.92 1.05 5.02
N ARG C 147 35.97 0.69 6.30
CA ARG C 147 35.37 -0.53 6.81
C ARG C 147 33.89 -0.34 7.18
N PHE C 148 33.23 0.66 6.58
CA PHE C 148 31.82 0.92 6.84
C PHE C 148 30.92 -0.23 6.38
N SER C 149 31.40 -1.04 5.43
CA SER C 149 30.59 -2.15 4.92
C SER C 149 30.34 -3.18 6.00
N ARG C 150 31.32 -3.42 6.87
CA ARG C 150 31.13 -4.35 7.98
C ARG C 150 30.06 -3.86 8.94
N MET C 151 30.07 -2.56 9.26
CA MET C 151 29.06 -1.98 10.13
C MET C 151 27.67 -2.07 9.51
N PHE C 152 27.57 -1.73 8.22
CA PHE C 152 26.28 -1.79 7.53
C PHE C 152 25.77 -3.22 7.43
N GLU C 153 26.67 -4.17 7.16
CA GLU C 153 26.28 -5.58 7.10
C GLU C 153 25.81 -6.09 8.45
N PHE C 154 26.51 -5.70 9.53
CA PHE C 154 26.09 -6.10 10.86
C PHE C 154 24.71 -5.54 11.21
N PHE C 155 24.44 -4.29 10.85
CA PHE C 155 23.14 -3.72 11.16
C PHE C 155 22.04 -4.33 10.30
N GLN C 156 22.33 -4.60 9.02
CA GLN C 156 21.33 -5.22 8.15
C GLN C 156 21.08 -6.67 8.51
N ARG C 157 22.03 -7.34 9.18
CA ARG C 157 21.80 -8.68 9.67
C ARG C 157 21.14 -8.69 11.05
N THR C 158 21.40 -7.67 11.87
CA THR C 158 20.67 -7.51 13.11
C THR C 158 19.20 -7.18 12.86
N GLU C 159 18.90 -6.47 11.77
CA GLU C 159 17.52 -6.17 11.42
C GLU C 159 16.72 -7.44 11.18
N THR C 160 17.31 -8.41 10.47
CA THR C 160 16.61 -9.66 10.21
C THR C 160 16.55 -10.55 11.44
N ARG C 161 17.62 -10.56 12.24
CA ARG C 161 17.70 -11.49 13.37
C ARG C 161 16.84 -11.05 14.54
N THR C 162 16.60 -9.75 14.70
CA THR C 162 15.90 -9.27 15.88
C THR C 162 14.41 -9.61 15.81
N ASN C 163 13.80 -9.72 16.99
CA ASN C 163 12.37 -9.95 17.11
C ASN C 163 11.59 -8.64 17.20
N TYR C 164 12.27 -7.51 17.22
CA TYR C 164 11.65 -6.18 17.24
C TYR C 164 12.25 -5.37 16.11
N PRO C 165 11.82 -5.64 14.86
CA PRO C 165 12.42 -4.93 13.72
C PRO C 165 12.18 -3.43 13.73
N ASN C 166 11.03 -2.99 14.23
CA ASN C 166 10.74 -1.55 14.26
C ASN C 166 11.57 -0.85 15.32
N ILE C 167 11.75 -1.47 16.49
CA ILE C 167 12.56 -0.87 17.54
C ILE C 167 14.01 -0.77 17.10
N PHE C 168 14.54 -1.82 16.47
CA PHE C 168 15.92 -1.76 15.99
C PHE C 168 16.07 -0.80 14.82
N ARG C 169 15.02 -0.66 14.01
CA ARG C 169 15.03 0.26 12.87
C ARG C 169 15.12 1.68 13.41
N ILE C 170 14.32 1.97 14.43
CA ILE C 170 14.35 3.27 15.10
C ILE C 170 15.72 3.53 15.72
N SER C 171 16.28 2.52 16.40
CA SER C 171 17.58 2.69 17.03
C SER C 171 18.67 2.96 15.99
N ASN C 172 18.63 2.23 14.87
CA ASN C 172 19.60 2.43 13.80
C ASN C 172 19.47 3.81 13.17
N LEU C 173 18.24 4.26 12.93
CA LEU C 173 18.04 5.60 12.38
C LEU C 173 18.53 6.66 13.35
N VAL C 174 18.21 6.52 14.63
CA VAL C 174 18.63 7.50 15.64
C VAL C 174 20.15 7.54 15.76
N MET C 175 20.81 6.37 15.75
CA MET C 175 22.26 6.38 15.89
C MET C 175 22.95 6.88 14.63
N TYR C 176 22.37 6.64 13.44
CA TYR C 176 22.91 7.24 12.22
C TYR C 176 22.78 8.76 12.25
N ILE C 177 21.64 9.27 12.74
CA ILE C 177 21.44 10.70 12.83
C ILE C 177 22.38 11.30 13.88
N VAL C 178 22.62 10.58 14.97
CA VAL C 178 23.56 11.02 15.99
C VAL C 178 24.97 11.07 15.44
N ILE C 179 25.36 10.08 14.63
CA ILE C 179 26.69 10.08 14.02
C ILE C 179 26.84 11.25 13.06
N ILE C 180 25.82 11.52 12.24
CA ILE C 180 25.89 12.64 11.32
C ILE C 180 25.92 13.97 12.08
N ILE C 181 25.15 14.07 13.17
CA ILE C 181 25.16 15.28 13.98
C ILE C 181 26.52 15.48 14.64
N HIS C 182 27.13 14.40 15.11
CA HIS C 182 28.47 14.48 15.70
C HIS C 182 29.50 14.92 14.65
N TRP C 183 29.39 14.38 13.44
CA TRP C 183 30.29 14.79 12.36
C TRP C 183 30.11 16.26 12.02
N ASN C 184 28.86 16.73 11.95
CA ASN C 184 28.62 18.13 11.65
C ASN C 184 29.07 19.03 12.79
N ALA C 185 28.99 18.54 14.03
CA ALA C 185 29.52 19.29 15.18
C ALA C 185 31.03 19.45 15.06
N CYS C 186 31.71 18.36 14.70
CA CYS C 186 33.15 18.44 14.47
C CYS C 186 33.49 19.39 13.33
N VAL C 187 32.69 19.34 12.26
CA VAL C 187 32.91 20.23 11.10
C VAL C 187 32.71 21.69 11.50
N PHE C 188 31.66 21.97 12.29
CA PHE C 188 31.40 23.33 12.75
C PHE C 188 32.53 23.83 13.64
N TYR C 189 33.04 22.97 14.53
CA TYR C 189 34.17 23.37 15.37
C TYR C 189 35.42 23.62 14.54
N SER C 190 35.66 22.80 13.52
CA SER C 190 36.81 23.02 12.64
C SER C 190 36.67 24.33 11.87
N ILE C 191 35.47 24.65 11.41
CA ILE C 191 35.25 25.89 10.68
C ILE C 191 35.43 27.09 11.61
N SER C 192 34.96 26.97 12.85
CA SER C 192 35.19 28.03 13.84
C SER C 192 36.68 28.20 14.12
N LYS C 193 37.42 27.09 14.17
CA LYS C 193 38.86 27.16 14.37
C LYS C 193 39.55 27.84 13.20
N ALA C 194 39.14 27.49 11.97
CA ALA C 194 39.77 28.07 10.78
C ALA C 194 39.48 29.56 10.67
N ILE C 195 38.23 29.96 10.93
CA ILE C 195 37.90 31.39 10.92
C ILE C 195 38.53 32.09 12.11
N GLY C 196 38.46 31.47 13.28
CA GLY C 196 38.98 32.07 14.49
C GLY C 196 37.96 32.05 15.60
N PHE C 197 38.35 31.56 16.78
CA PHE C 197 37.42 31.46 17.89
C PHE C 197 37.09 32.84 18.43
N GLY C 198 35.80 33.14 18.53
CA GLY C 198 35.37 34.44 18.99
C GLY C 198 35.56 35.57 18.00
N ASN C 199 35.87 35.26 16.75
CA ASN C 199 36.09 36.31 15.74
C ASN C 199 34.80 37.08 15.50
N ASP C 200 33.67 36.38 15.41
CA ASP C 200 32.37 37.03 15.28
C ASP C 200 31.36 36.21 16.09
N THR C 201 30.09 36.59 15.99
CA THR C 201 29.04 36.00 16.82
C THR C 201 28.65 34.60 16.38
N TRP C 202 29.02 34.18 15.18
CA TRP C 202 28.56 32.88 14.67
C TRP C 202 29.46 31.73 15.11
N VAL C 203 30.77 31.93 15.10
CA VAL C 203 31.72 30.85 15.39
C VAL C 203 31.64 30.45 16.85
N TYR C 204 32.28 29.35 17.20
CA TYR C 204 32.45 28.99 18.60
C TYR C 204 33.22 30.10 19.31
N PRO C 205 32.85 30.45 20.55
CA PRO C 205 33.52 31.56 21.23
C PRO C 205 34.99 31.32 21.52
N ASP C 206 35.65 32.31 22.14
CA ASP C 206 37.07 32.20 22.42
C ASP C 206 37.34 31.05 23.37
N ILE C 207 38.35 30.24 23.04
CA ILE C 207 38.66 29.03 23.78
C ILE C 207 39.59 29.37 24.95
N ASN C 208 39.83 30.66 25.16
CA ASN C 208 40.51 31.12 26.36
C ASN C 208 39.55 31.45 27.49
N ASP C 209 38.25 31.34 27.23
CA ASP C 209 37.25 31.52 28.28
C ASP C 209 37.35 30.38 29.29
N PRO C 210 37.20 30.66 30.58
CA PRO C 210 37.11 29.56 31.55
C PRO C 210 35.96 28.60 31.29
N GLU C 211 34.83 29.10 30.78
CA GLU C 211 33.69 28.25 30.51
C GLU C 211 33.77 27.60 29.13
N PHE C 212 34.02 28.38 28.09
CA PHE C 212 34.03 27.86 26.73
C PHE C 212 35.36 27.25 26.33
N GLY C 213 36.39 27.34 27.18
CA GLY C 213 37.65 26.68 26.89
C GLY C 213 37.73 25.24 27.31
N ARG C 214 36.70 24.72 27.97
CA ARG C 214 36.68 23.33 28.37
C ARG C 214 36.34 22.44 27.18
N LEU C 215 37.01 21.29 27.10
CA LEU C 215 36.78 20.36 25.99
C LEU C 215 35.35 19.84 25.98
N ALA C 216 34.81 19.52 27.16
CA ALA C 216 33.43 19.07 27.26
C ALA C 216 32.47 20.14 26.77
N ARG C 217 32.68 21.40 27.18
CA ARG C 217 31.86 22.49 26.70
C ARG C 217 32.01 22.68 25.19
N LYS C 218 33.24 22.55 24.68
CA LYS C 218 33.48 22.69 23.25
C LYS C 218 32.66 21.68 22.45
N TYR C 219 32.81 20.39 22.78
CA TYR C 219 32.09 19.36 22.04
C TYR C 219 30.59 19.47 22.25
N VAL C 220 30.16 19.77 23.47
CA VAL C 220 28.73 19.77 23.77
C VAL C 220 28.03 20.95 23.09
N TYR C 221 28.67 22.12 23.06
CA TYR C 221 28.09 23.25 22.34
C TYR C 221 28.12 23.01 20.83
N SER C 222 29.19 22.39 20.31
CA SER C 222 29.22 22.06 18.89
C SER C 222 28.10 21.08 18.55
N LEU C 223 27.86 20.09 19.41
CA LEU C 223 26.77 19.16 19.20
C LEU C 223 25.41 19.84 19.28
N TYR C 224 25.29 20.83 20.17
CA TYR C 224 24.05 21.60 20.26
C TYR C 224 23.77 22.37 18.97
N TRP C 225 24.81 23.05 18.46
CA TRP C 225 24.67 23.77 17.20
C TRP C 225 24.33 22.82 16.05
N SER C 226 25.02 21.67 15.99
CA SER C 226 24.78 20.72 14.91
C SER C 226 23.39 20.10 15.00
N THR C 227 22.92 19.81 16.21
CA THR C 227 21.58 19.26 16.39
C THR C 227 20.52 20.27 15.98
N LEU C 228 20.71 21.54 16.35
CA LEU C 228 19.73 22.56 15.96
C LEU C 228 19.75 22.80 14.46
N THR C 229 20.91 22.74 13.82
CA THR C 229 20.98 23.08 12.41
C THR C 229 20.56 21.92 11.52
N LEU C 230 20.91 20.68 11.90
CA LEU C 230 20.56 19.51 11.10
C LEU C 230 19.12 19.07 11.30
N THR C 231 18.38 19.67 12.23
CA THR C 231 16.98 19.37 12.42
C THR C 231 16.07 20.50 11.96
N THR C 232 16.63 21.46 11.21
CA THR C 232 15.90 22.63 10.68
C THR C 232 15.19 23.42 11.78
N ILE C 233 15.82 23.49 12.96
CA ILE C 233 15.25 24.22 14.08
C ILE C 233 15.81 25.64 14.19
N GLY C 234 17.03 25.87 13.70
CA GLY C 234 17.64 27.18 13.85
C GLY C 234 17.98 27.44 15.30
N GLU C 235 17.54 28.60 15.81
CA GLU C 235 17.78 29.02 17.18
C GLU C 235 19.28 29.05 17.51
N THR C 236 20.07 29.47 16.54
CA THR C 236 21.51 29.59 16.63
C THR C 236 21.89 30.99 16.17
N PRO C 237 23.04 31.50 16.60
CA PRO C 237 23.48 32.83 16.15
C PRO C 237 23.65 32.87 14.65
N PRO C 238 23.19 33.95 14.00
CA PRO C 238 23.23 34.02 12.53
C PRO C 238 24.65 34.10 12.02
N PRO C 239 24.90 33.60 10.80
CA PRO C 239 26.23 33.75 10.19
C PRO C 239 26.55 35.22 9.91
N VAL C 240 27.84 35.54 9.99
CA VAL C 240 28.34 36.88 9.68
C VAL C 240 29.09 36.91 8.35
N ARG C 241 30.03 35.99 8.15
CA ARG C 241 30.83 35.96 6.95
C ARG C 241 30.12 35.21 5.83
N ASP C 242 30.51 35.53 4.59
CA ASP C 242 29.92 34.88 3.42
C ASP C 242 30.19 33.38 3.42
N SER C 243 31.40 32.99 3.81
CA SER C 243 31.71 31.57 3.96
C SER C 243 30.82 30.93 5.03
N GLU C 244 30.58 31.65 6.12
CA GLU C 244 29.65 31.16 7.14
C GLU C 244 28.24 31.03 6.59
N TYR C 245 27.80 32.01 5.79
CA TYR C 245 26.47 31.91 5.17
C TYR C 245 26.39 30.69 4.25
N VAL C 246 27.44 30.44 3.47
CA VAL C 246 27.46 29.28 2.58
C VAL C 246 27.38 27.98 3.37
N PHE C 247 28.18 27.87 4.44
CA PHE C 247 28.18 26.65 5.23
C PHE C 247 26.84 26.44 5.94
N VAL C 248 26.25 27.52 6.47
CA VAL C 248 24.95 27.43 7.12
C VAL C 248 23.86 27.02 6.14
N VAL C 249 23.88 27.57 4.93
CA VAL C 249 22.90 27.19 3.91
C VAL C 249 23.05 25.72 3.56
N VAL C 250 24.29 25.29 3.29
CA VAL C 250 24.54 23.92 2.88
C VAL C 250 24.16 22.96 4.01
N ASP C 251 24.42 23.35 5.25
CA ASP C 251 24.20 22.42 6.35
C ASP C 251 22.74 22.37 6.76
N PHE C 252 21.98 23.46 6.64
CA PHE C 252 20.53 23.33 6.72
C PHE C 252 19.95 22.54 5.55
N LEU C 253 20.58 22.57 4.37
CA LEU C 253 20.08 21.70 3.29
C LEU C 253 20.30 20.23 3.61
N ILE C 254 21.48 19.92 4.16
CA ILE C 254 21.75 18.56 4.65
C ILE C 254 20.76 18.21 5.76
N GLY C 255 20.42 19.18 6.60
CA GLY C 255 19.42 18.98 7.62
C GLY C 255 18.02 18.74 7.06
N VAL C 256 17.69 19.39 5.95
CA VAL C 256 16.42 19.13 5.28
C VAL C 256 16.38 17.69 4.80
N LEU C 257 17.47 17.23 4.17
CA LEU C 257 17.53 15.84 3.74
C LEU C 257 17.44 14.88 4.92
N ILE C 258 18.12 15.21 6.02
CA ILE C 258 18.11 14.35 7.21
C ILE C 258 16.71 14.28 7.81
N PHE C 259 16.06 15.44 7.94
CA PHE C 259 14.72 15.50 8.52
C PHE C 259 13.71 14.77 7.64
N ALA C 260 13.81 14.96 6.32
CA ALA C 260 12.94 14.24 5.41
C ALA C 260 13.16 12.73 5.49
N THR C 261 14.42 12.31 5.60
CA THR C 261 14.71 10.89 5.74
C THR C 261 14.15 10.31 7.03
N ILE C 262 14.29 11.06 8.14
CA ILE C 262 13.78 10.60 9.43
C ILE C 262 12.27 10.45 9.37
N VAL C 263 11.57 11.50 8.91
CA VAL C 263 10.12 11.48 8.92
C VAL C 263 9.60 10.45 7.91
N GLY C 264 10.26 10.32 6.76
CA GLY C 264 9.84 9.33 5.80
C GLY C 264 10.03 7.91 6.28
N ASN C 265 11.16 7.62 6.94
CA ASN C 265 11.38 6.29 7.48
C ASN C 265 10.40 5.97 8.58
N ILE C 266 10.12 6.92 9.48
CA ILE C 266 9.19 6.67 10.56
C ILE C 266 7.76 6.54 10.03
N GLY C 267 7.41 7.32 9.01
CA GLY C 267 6.09 7.20 8.41
C GLY C 267 5.91 5.89 7.67
N SER C 268 6.96 5.42 6.99
CA SER C 268 6.91 4.09 6.37
C SER C 268 6.80 3.00 7.43
N MET C 269 7.47 3.17 8.57
CA MET C 269 7.32 2.23 9.67
C MET C 269 5.89 2.19 10.20
N ILE C 270 5.28 3.36 10.37
CA ILE C 270 3.93 3.43 10.91
C ILE C 270 2.93 2.86 9.91
N SER C 271 3.17 3.10 8.62
CA SER C 271 2.28 2.54 7.60
C SER C 271 2.43 1.02 7.51
N ASN C 272 3.65 0.51 7.72
CA ASN C 272 3.85 -0.94 7.66
C ASN C 272 3.27 -1.62 8.89
N MET C 273 3.37 -1.00 10.07
CA MET C 273 2.79 -1.60 11.27
C MET C 273 1.28 -1.58 11.23
N ASN C 274 0.69 -0.55 10.63
CA ASN C 274 -0.76 -0.42 10.53
C ASN C 274 -1.33 -1.06 9.28
N ALA C 275 -0.50 -1.72 8.47
CA ALA C 275 -0.96 -2.26 7.19
C ALA C 275 -1.99 -3.37 7.39
N ALA C 276 -1.72 -4.29 8.32
CA ALA C 276 -2.68 -5.36 8.60
C ALA C 276 -3.98 -4.82 9.18
N ARG C 277 -3.88 -3.89 10.13
CA ARG C 277 -5.05 -3.19 10.65
C ARG C 277 -5.80 -2.45 9.55
N ALA C 278 -5.07 -1.78 8.66
CA ALA C 278 -5.73 -1.02 7.59
C ALA C 278 -6.48 -1.94 6.64
N GLU C 279 -5.87 -3.07 6.24
CA GLU C 279 -6.53 -3.95 5.28
C GLU C 279 -7.69 -4.71 5.94
N PHE C 280 -7.55 -5.09 7.21
CA PHE C 280 -8.65 -5.76 7.89
C PHE C 280 -9.83 -4.81 8.09
N GLN C 281 -9.55 -3.56 8.48
CA GLN C 281 -10.62 -2.59 8.64
C GLN C 281 -11.25 -2.22 7.30
N ALA C 282 -10.45 -2.20 6.22
CA ALA C 282 -11.00 -1.98 4.89
C ALA C 282 -11.93 -3.11 4.49
N ARG C 283 -11.55 -4.35 4.78
CA ARG C 283 -12.43 -5.48 4.50
C ARG C 283 -13.73 -5.41 5.30
N ILE C 284 -13.63 -5.03 6.58
CA ILE C 284 -14.82 -4.88 7.41
C ILE C 284 -15.72 -3.77 6.86
N ASP C 285 -15.13 -2.65 6.45
CA ASP C 285 -15.89 -1.54 5.90
C ASP C 285 -16.57 -1.93 4.59
N ALA C 286 -15.87 -2.68 3.74
CA ALA C 286 -16.45 -3.14 2.48
C ALA C 286 -17.62 -4.07 2.73
N ILE C 287 -17.49 -4.97 3.70
CA ILE C 287 -18.58 -5.90 4.00
C ILE C 287 -19.76 -5.16 4.61
N LYS C 288 -19.49 -4.15 5.44
CA LYS C 288 -20.58 -3.33 5.98
C LYS C 288 -21.29 -2.54 4.88
N GLN C 289 -20.53 -2.02 3.90
CA GLN C 289 -21.13 -1.32 2.78
C GLN C 289 -21.97 -2.26 1.93
N TYR C 290 -21.50 -3.50 1.74
CA TYR C 290 -22.30 -4.51 1.05
C TYR C 290 -23.58 -4.81 1.81
N MET C 291 -23.50 -4.84 3.14
CA MET C 291 -24.69 -5.09 3.95
C MET C 291 -25.69 -3.96 3.84
N HIS C 292 -25.22 -2.71 3.86
CA HIS C 292 -26.11 -1.57 3.66
C HIS C 292 -26.70 -1.57 2.27
N PHE C 293 -25.96 -2.08 1.28
CA PHE C 293 -26.51 -2.25 -0.06
C PHE C 293 -27.64 -3.28 -0.06
N ARG C 294 -27.40 -4.45 0.51
CA ARG C 294 -28.29 -5.59 0.34
C ARG C 294 -29.34 -5.70 1.42
N ASN C 295 -29.42 -4.73 2.33
CA ASN C 295 -30.44 -4.67 3.38
C ASN C 295 -30.44 -5.93 4.24
N VAL C 296 -29.22 -6.37 4.60
CA VAL C 296 -29.06 -7.53 5.45
C VAL C 296 -29.65 -7.26 6.82
N SER C 297 -30.28 -8.29 7.40
CA SER C 297 -30.96 -8.14 8.68
C SER C 297 -29.99 -7.77 9.79
N LYS C 298 -30.52 -7.12 10.82
CA LYS C 298 -29.69 -6.56 11.89
C LYS C 298 -28.98 -7.65 12.69
N ASP C 299 -29.67 -8.76 12.96
CA ASP C 299 -29.06 -9.84 13.74
C ASP C 299 -27.92 -10.49 12.98
N MET C 300 -28.08 -10.69 11.67
CA MET C 300 -27.00 -11.22 10.85
C MET C 300 -25.81 -10.26 10.80
N GLU C 301 -26.09 -8.96 10.68
CA GLU C 301 -25.03 -7.96 10.69
C GLU C 301 -24.27 -7.99 12.01
N LYS C 302 -24.99 -8.09 13.13
CA LYS C 302 -24.34 -8.18 14.43
C LYS C 302 -23.55 -9.48 14.56
N ARG C 303 -24.03 -10.57 13.97
CA ARG C 303 -23.28 -11.82 14.00
C ARG C 303 -21.96 -11.68 13.25
N VAL C 304 -21.98 -11.03 12.09
CA VAL C 304 -20.75 -10.86 11.31
C VAL C 304 -19.79 -9.90 12.00
N ILE C 305 -20.33 -8.84 12.62
CA ILE C 305 -19.49 -7.90 13.36
C ILE C 305 -18.83 -8.60 14.54
N LYS C 306 -19.60 -9.43 15.26
CA LYS C 306 -19.03 -10.22 16.35
C LYS C 306 -17.99 -11.19 15.85
N TRP C 307 -18.21 -11.78 14.67
CA TRP C 307 -17.22 -12.69 14.08
C TRP C 307 -15.91 -11.96 13.77
N PHE C 308 -16.00 -10.75 13.23
CA PHE C 308 -14.78 -10.02 12.89
C PHE C 308 -14.07 -9.51 14.14
N ASP C 309 -14.84 -9.12 15.16
CA ASP C 309 -14.22 -8.77 16.44
C ASP C 309 -13.53 -9.98 17.06
N TYR C 310 -14.12 -11.17 16.91
CA TYR C 310 -13.47 -12.40 17.35
C TYR C 310 -12.18 -12.65 16.58
N LEU C 311 -12.21 -12.43 15.27
CA LEU C 311 -11.01 -12.65 14.45
C LEU C 311 -9.88 -11.71 14.85
N TRP C 312 -10.19 -10.43 15.08
CA TRP C 312 -9.14 -9.49 15.45
C TRP C 312 -8.68 -9.69 16.89
N THR C 313 -9.58 -10.06 17.80
CA THR C 313 -9.21 -10.21 19.20
C THR C 313 -8.39 -11.48 19.44
N ASN C 314 -8.64 -12.52 18.67
CA ASN C 314 -7.98 -13.80 18.87
C ASN C 314 -6.82 -14.05 17.92
N LYS C 315 -6.42 -13.02 17.15
CA LYS C 315 -5.30 -13.09 16.21
C LYS C 315 -5.49 -14.22 15.19
N LYS C 316 -6.69 -14.31 14.64
CA LYS C 316 -7.02 -15.33 13.65
C LYS C 316 -7.39 -14.73 12.30
N THR C 317 -7.00 -13.48 12.05
CA THR C 317 -7.37 -12.82 10.80
C THR C 317 -6.60 -13.35 9.60
N VAL C 318 -5.49 -14.06 9.82
CA VAL C 318 -4.69 -14.56 8.71
C VAL C 318 -5.39 -15.75 8.06
N ASP C 319 -5.17 -15.90 6.76
CA ASP C 319 -5.64 -17.05 6.00
C ASP C 319 -4.50 -18.04 5.84
N GLU C 320 -4.74 -19.29 6.21
CA GLU C 320 -3.69 -20.31 6.18
C GLU C 320 -3.18 -20.54 4.77
N LYS C 321 -4.08 -20.54 3.79
CA LYS C 321 -3.68 -20.72 2.39
C LYS C 321 -2.78 -19.57 1.94
N GLU C 322 -3.15 -18.33 2.26
CA GLU C 322 -2.33 -17.19 1.86
C GLU C 322 -1.03 -17.13 2.65
N VAL C 323 -1.03 -17.63 3.88
CA VAL C 323 0.20 -17.66 4.67
C VAL C 323 1.18 -18.68 4.10
N LEU C 324 0.70 -19.85 3.71
CA LEU C 324 1.57 -20.95 3.30
C LEU C 324 1.65 -21.14 1.79
N LYS C 325 1.11 -20.21 1.00
CA LYS C 325 1.15 -20.36 -0.45
C LYS C 325 2.57 -20.31 -1.01
N TYR C 326 3.46 -19.52 -0.41
CA TYR C 326 4.80 -19.37 -0.95
C TYR C 326 5.68 -20.58 -0.65
N LEU C 327 5.39 -21.32 0.42
CA LEU C 327 6.23 -22.41 0.85
C LEU C 327 6.21 -23.54 -0.17
N PRO C 328 7.32 -24.25 -0.34
CA PRO C 328 7.34 -25.41 -1.23
C PRO C 328 6.51 -26.55 -0.68
N ASP C 329 6.30 -27.56 -1.52
CA ASP C 329 5.45 -28.69 -1.14
C ASP C 329 6.04 -29.47 0.03
N LYS C 330 7.37 -29.58 0.10
CA LYS C 330 7.98 -30.36 1.17
C LYS C 330 7.84 -29.69 2.53
N LEU C 331 8.13 -28.38 2.60
CA LEU C 331 8.06 -27.68 3.87
C LEU C 331 6.62 -27.48 4.33
N ARG C 332 5.72 -27.13 3.41
CA ARG C 332 4.31 -27.04 3.75
C ARG C 332 3.77 -28.41 4.15
N ALA C 333 4.24 -29.48 3.50
CA ALA C 333 3.85 -30.83 3.88
C ALA C 333 4.32 -31.14 5.29
N GLU C 334 5.55 -30.76 5.64
CA GLU C 334 6.06 -31.02 6.99
C GLU C 334 5.26 -30.25 8.04
N ILE C 335 4.94 -28.98 7.77
CA ILE C 335 4.15 -28.18 8.70
C ILE C 335 2.77 -28.80 8.88
N ALA C 336 2.13 -29.15 7.76
CA ALA C 336 0.81 -29.74 7.81
C ALA C 336 0.82 -31.08 8.52
N ILE C 337 1.88 -31.88 8.32
CA ILE C 337 2.02 -33.15 9.03
C ILE C 337 2.08 -32.90 10.52
N ASN C 338 2.95 -31.99 10.95
CA ASN C 338 3.09 -31.69 12.36
C ASN C 338 1.83 -31.12 12.98
N VAL C 339 0.95 -30.53 12.16
CA VAL C 339 -0.32 -30.03 12.69
C VAL C 339 -1.36 -31.15 12.76
N HIS C 340 -1.46 -31.99 11.71
CA HIS C 340 -2.65 -32.81 11.50
C HIS C 340 -2.45 -34.32 11.44
N LEU C 341 -1.22 -34.83 11.43
CA LEU C 341 -1.03 -36.26 11.18
C LEU C 341 -1.49 -37.09 12.37
N ASP C 342 -1.27 -36.58 13.59
CA ASP C 342 -1.64 -37.33 14.79
C ASP C 342 -3.14 -37.51 14.90
N THR C 343 -3.93 -36.55 14.40
CA THR C 343 -5.37 -36.69 14.43
C THR C 343 -5.94 -37.31 13.15
N LEU C 344 -5.19 -37.27 12.04
CA LEU C 344 -5.64 -37.99 10.85
C LEU C 344 -5.41 -39.48 10.96
N LYS C 345 -4.32 -39.90 11.61
CA LYS C 345 -4.07 -41.32 11.81
C LYS C 345 -5.06 -41.95 12.79
N LYS C 346 -5.71 -41.13 13.63
CA LYS C 346 -6.73 -41.63 14.54
C LYS C 346 -8.07 -41.86 13.85
N VAL C 347 -8.25 -41.35 12.64
CA VAL C 347 -9.46 -41.64 11.87
C VAL C 347 -9.47 -43.11 11.51
N ARG C 348 -10.62 -43.76 11.72
CA ARG C 348 -10.69 -45.22 11.63
C ARG C 348 -10.47 -45.72 10.21
N ILE C 349 -10.80 -44.91 9.20
CA ILE C 349 -10.61 -45.38 7.83
C ILE C 349 -9.16 -45.20 7.39
N PHE C 350 -8.45 -44.21 7.92
CA PHE C 350 -7.09 -43.92 7.54
C PHE C 350 -6.06 -44.57 8.45
N ALA C 351 -6.48 -45.54 9.27
CA ALA C 351 -5.56 -46.19 10.19
C ALA C 351 -4.50 -47.01 9.46
N ASP C 352 -4.89 -47.69 8.39
CA ASP C 352 -3.97 -48.54 7.63
C ASP C 352 -3.50 -47.89 6.34
N CYS C 353 -3.75 -46.58 6.17
CA CYS C 353 -3.41 -45.92 4.92
C CYS C 353 -1.90 -45.71 4.80
N GLU C 354 -1.42 -45.63 3.56
CA GLU C 354 -0.01 -45.42 3.28
C GLU C 354 0.40 -44.01 3.70
N ALA C 355 1.69 -43.87 4.03
CA ALA C 355 2.20 -42.60 4.57
C ALA C 355 2.10 -41.48 3.55
N GLY C 356 2.40 -41.75 2.28
CA GLY C 356 2.30 -40.72 1.26
C GLY C 356 0.87 -40.25 1.03
N LEU C 357 -0.08 -41.19 1.07
CA LEU C 357 -1.48 -40.81 0.97
C LEU C 357 -1.90 -39.97 2.17
N LEU C 358 -1.38 -40.30 3.36
CA LEU C 358 -1.64 -39.47 4.53
C LEU C 358 -1.08 -38.07 4.36
N VAL C 359 0.10 -37.96 3.77
CA VAL C 359 0.69 -36.65 3.50
C VAL C 359 -0.19 -35.85 2.56
N GLU C 360 -0.67 -36.50 1.49
CA GLU C 360 -1.55 -35.82 0.53
C GLU C 360 -2.85 -35.38 1.19
N LEU C 361 -3.46 -36.26 1.98
CA LEU C 361 -4.73 -35.94 2.63
C LEU C 361 -4.58 -34.81 3.64
N VAL C 362 -3.47 -34.81 4.38
CA VAL C 362 -3.21 -33.71 5.30
C VAL C 362 -2.98 -32.41 4.54
N LEU C 363 -2.23 -32.47 3.43
CA LEU C 363 -2.02 -31.28 2.61
C LEU C 363 -3.29 -30.77 1.97
N LYS C 364 -4.32 -31.59 1.86
CA LYS C 364 -5.59 -31.18 1.29
C LYS C 364 -6.64 -30.83 2.35
N LEU C 365 -6.25 -30.67 3.61
CA LEU C 365 -7.18 -30.26 4.64
C LEU C 365 -7.35 -28.75 4.61
N GLN C 366 -8.60 -28.29 4.62
CA GLN C 366 -8.92 -26.87 4.54
C GLN C 366 -9.51 -26.38 5.84
N PRO C 367 -8.96 -25.32 6.44
CA PRO C 367 -9.48 -24.83 7.71
C PRO C 367 -10.83 -24.16 7.57
N GLN C 368 -11.72 -24.43 8.52
CA GLN C 368 -13.00 -23.75 8.63
C GLN C 368 -13.28 -23.46 10.10
N VAL C 369 -13.68 -22.24 10.41
CA VAL C 369 -13.96 -21.80 11.77
C VAL C 369 -15.44 -21.46 11.86
N TYR C 370 -16.09 -21.93 12.93
CA TYR C 370 -17.52 -21.78 13.10
C TYR C 370 -17.82 -21.00 14.38
N SER C 371 -18.79 -20.08 14.27
CA SER C 371 -19.26 -19.33 15.43
C SER C 371 -20.06 -20.23 16.36
N PRO C 372 -20.22 -19.83 17.63
CA PRO C 372 -21.09 -20.60 18.53
C PRO C 372 -22.53 -20.65 18.02
N GLY C 373 -23.13 -21.83 18.12
CA GLY C 373 -24.47 -22.04 17.62
C GLY C 373 -24.57 -22.33 16.14
N ASP C 374 -23.47 -22.27 15.41
CA ASP C 374 -23.51 -22.54 13.97
C ASP C 374 -23.67 -24.03 13.71
N TYR C 375 -24.52 -24.35 12.74
CA TYR C 375 -24.75 -25.73 12.33
C TYR C 375 -23.74 -26.08 11.24
N ILE C 376 -22.79 -26.95 11.56
CA ILE C 376 -21.82 -27.40 10.57
C ILE C 376 -22.53 -28.21 9.48
N CYS C 377 -23.42 -29.11 9.88
CA CYS C 377 -24.24 -29.85 8.94
C CYS C 377 -25.57 -30.17 9.59
N LYS C 378 -26.62 -30.19 8.79
CA LYS C 378 -27.96 -30.54 9.24
C LYS C 378 -28.32 -31.94 8.77
N LYS C 379 -29.31 -32.53 9.42
CA LYS C 379 -29.79 -33.85 9.02
C LYS C 379 -30.49 -33.74 7.66
N GLY C 380 -30.11 -34.62 6.74
CA GLY C 380 -30.61 -34.58 5.39
C GLY C 380 -29.80 -33.73 4.44
N ASP C 381 -28.81 -32.99 4.94
CA ASP C 381 -27.94 -32.22 4.07
C ASP C 381 -26.97 -33.16 3.33
N ILE C 382 -26.49 -32.69 2.18
CA ILE C 382 -25.58 -33.49 1.37
C ILE C 382 -24.22 -33.53 2.04
N GLY C 383 -23.70 -34.74 2.24
CA GLY C 383 -22.39 -34.91 2.84
C GLY C 383 -21.28 -34.84 1.82
N ARG C 384 -20.60 -33.70 1.76
CA ARG C 384 -19.55 -33.47 0.77
C ARG C 384 -18.15 -33.61 1.32
N GLU C 385 -17.92 -33.23 2.58
CA GLU C 385 -16.59 -33.24 3.17
C GLU C 385 -16.59 -33.89 4.54
N MET C 386 -15.42 -34.42 4.91
CA MET C 386 -15.16 -34.91 6.26
C MET C 386 -14.60 -33.79 7.11
N TYR C 387 -15.10 -33.65 8.33
CA TYR C 387 -14.64 -32.64 9.25
C TYR C 387 -13.80 -33.26 10.35
N ILE C 388 -12.69 -32.60 10.67
CA ILE C 388 -11.81 -33.00 11.76
C ILE C 388 -11.68 -31.81 12.71
N ILE C 389 -11.87 -32.05 14.00
CA ILE C 389 -11.86 -30.99 14.99
C ILE C 389 -10.44 -30.78 15.49
N LYS C 390 -9.90 -29.58 15.27
CA LYS C 390 -8.61 -29.19 15.83
C LYS C 390 -8.81 -28.55 17.21
N GLU C 391 -9.61 -27.48 17.26
CA GLU C 391 -9.99 -26.83 18.50
C GLU C 391 -11.50 -26.60 18.48
N GLY C 392 -12.10 -26.61 19.66
CA GLY C 392 -13.52 -26.37 19.81
C GLY C 392 -14.28 -27.63 20.17
N LYS C 393 -15.56 -27.43 20.48
CA LYS C 393 -16.46 -28.50 20.88
C LYS C 393 -17.69 -28.50 19.98
N LEU C 394 -18.03 -29.68 19.45
CA LEU C 394 -19.20 -29.86 18.61
C LEU C 394 -20.19 -30.78 19.31
N ALA C 395 -21.47 -30.48 19.16
CA ALA C 395 -22.53 -31.24 19.80
C ALA C 395 -23.44 -31.84 18.74
N VAL C 396 -23.70 -33.14 18.84
CA VAL C 396 -24.67 -33.81 17.99
C VAL C 396 -26.05 -33.59 18.61
N VAL C 397 -26.91 -32.86 17.92
CA VAL C 397 -28.21 -32.46 18.45
C VAL C 397 -29.32 -33.09 17.62
N ALA C 398 -30.52 -33.06 18.18
CA ALA C 398 -31.69 -33.59 17.49
C ALA C 398 -32.25 -32.54 16.53
N ASP C 399 -33.47 -32.79 16.03
CA ASP C 399 -34.08 -31.87 15.07
C ASP C 399 -34.37 -30.51 15.71
N ASP C 400 -34.85 -30.51 16.96
CA ASP C 400 -35.10 -29.24 17.64
C ASP C 400 -33.80 -28.54 17.99
N GLY C 401 -32.77 -29.29 18.37
CA GLY C 401 -31.50 -28.73 18.74
C GLY C 401 -31.34 -28.43 20.22
N VAL C 402 -32.40 -28.57 21.02
CA VAL C 402 -32.29 -28.31 22.44
C VAL C 402 -31.47 -29.39 23.13
N THR C 403 -31.72 -30.66 22.81
CA THR C 403 -31.02 -31.76 23.43
C THR C 403 -29.76 -32.11 22.63
N GLN C 404 -28.80 -32.72 23.31
CA GLN C 404 -27.52 -33.10 22.72
C GLN C 404 -27.30 -34.60 22.91
N PHE C 405 -26.87 -35.27 21.84
CA PHE C 405 -26.57 -36.70 21.94
C PHE C 405 -25.19 -36.94 22.51
N VAL C 406 -24.16 -36.34 21.91
CA VAL C 406 -22.78 -36.50 22.36
C VAL C 406 -22.00 -35.26 21.94
N VAL C 407 -21.01 -34.90 22.75
CA VAL C 407 -20.18 -33.73 22.51
C VAL C 407 -18.86 -34.19 21.90
N LEU C 408 -18.54 -33.65 20.73
CA LEU C 408 -17.29 -33.97 20.05
C LEU C 408 -16.22 -32.95 20.40
N SER C 409 -15.02 -33.44 20.68
CA SER C 409 -13.91 -32.64 21.18
C SER C 409 -12.75 -32.68 20.18
N ASP C 410 -11.59 -32.18 20.62
CA ASP C 410 -10.40 -32.18 19.79
C ASP C 410 -10.01 -33.59 19.37
N GLY C 411 -9.67 -33.75 18.10
CA GLY C 411 -9.31 -35.04 17.55
C GLY C 411 -10.48 -35.86 17.06
N SER C 412 -11.71 -35.50 17.43
CA SER C 412 -12.87 -36.20 16.93
C SER C 412 -13.14 -35.80 15.48
N TYR C 413 -14.01 -36.58 14.83
CA TYR C 413 -14.27 -36.39 13.41
C TYR C 413 -15.66 -36.93 13.08
N PHE C 414 -16.19 -36.47 11.95
CA PHE C 414 -17.44 -36.98 11.42
C PHE C 414 -17.47 -36.74 9.92
N GLY C 415 -18.35 -37.48 9.25
CA GLY C 415 -18.40 -37.41 7.80
C GLY C 415 -17.39 -38.27 7.09
N GLU C 416 -16.75 -39.21 7.79
CA GLU C 416 -15.73 -40.05 7.17
C GLU C 416 -16.30 -41.05 6.18
N ILE C 417 -17.60 -41.36 6.28
CA ILE C 417 -18.21 -42.29 5.34
C ILE C 417 -18.85 -41.57 4.16
N SER C 418 -19.26 -40.31 4.35
CA SER C 418 -19.88 -39.55 3.27
C SER C 418 -18.90 -39.27 2.15
N ILE C 419 -17.63 -39.03 2.48
CA ILE C 419 -16.62 -38.80 1.45
C ILE C 419 -16.32 -40.08 0.69
N LEU C 420 -16.42 -41.23 1.35
CA LEU C 420 -16.13 -42.50 0.69
C LEU C 420 -17.16 -42.81 -0.39
N ASN C 421 -18.43 -42.48 -0.14
CA ASN C 421 -19.55 -42.75 -1.05
C ASN C 421 -19.64 -44.25 -1.38
N ILE C 422 -19.87 -45.04 -0.33
CA ILE C 422 -20.02 -46.47 -0.48
C ILE C 422 -21.29 -46.78 -1.24
N LYS C 423 -21.19 -47.65 -2.25
CA LYS C 423 -22.37 -48.04 -3.03
C LYS C 423 -23.34 -48.84 -2.17
N GLY C 424 -24.63 -48.65 -2.44
CA GLY C 424 -25.66 -49.32 -1.66
C GLY C 424 -25.88 -48.76 -0.27
N SER C 425 -25.34 -47.58 0.03
CA SER C 425 -25.48 -47.01 1.36
C SER C 425 -26.91 -46.55 1.60
N LYS C 426 -27.45 -46.88 2.78
CA LYS C 426 -28.79 -46.44 3.13
C LYS C 426 -28.85 -44.93 3.36
N ALA C 427 -27.75 -44.34 3.85
CA ALA C 427 -27.70 -42.89 4.02
C ALA C 427 -27.75 -42.17 2.69
N GLY C 428 -26.98 -42.64 1.71
CA GLY C 428 -26.98 -42.02 0.39
C GLY C 428 -26.33 -40.66 0.35
N ASN C 429 -25.05 -40.61 0.70
CA ASN C 429 -24.21 -39.39 0.73
C ASN C 429 -24.90 -38.20 1.39
N ARG C 430 -25.72 -38.46 2.41
CA ARG C 430 -26.45 -37.44 3.13
C ARG C 430 -26.11 -37.52 4.61
N ARG C 431 -26.09 -36.36 5.26
CA ARG C 431 -25.83 -36.29 6.69
C ARG C 431 -26.99 -36.90 7.47
N THR C 432 -26.66 -37.71 8.47
CA THR C 432 -27.66 -38.40 9.27
C THR C 432 -27.89 -37.75 10.63
N ALA C 433 -27.23 -36.64 10.92
CA ALA C 433 -27.39 -35.97 12.21
C ALA C 433 -27.02 -34.51 12.06
N ASN C 434 -27.44 -33.72 13.05
CA ASN C 434 -27.14 -32.30 13.09
C ASN C 434 -25.93 -32.08 13.99
N ILE C 435 -24.90 -31.45 13.43
CA ILE C 435 -23.69 -31.09 14.18
C ILE C 435 -23.74 -29.59 14.45
N LYS C 436 -23.69 -29.21 15.71
CA LYS C 436 -23.76 -27.82 16.12
C LYS C 436 -22.50 -27.45 16.89
N SER C 437 -21.97 -26.25 16.61
CA SER C 437 -20.81 -25.75 17.32
C SER C 437 -21.26 -25.09 18.62
N ILE C 438 -20.83 -25.66 19.75
CA ILE C 438 -21.16 -25.07 21.05
C ILE C 438 -20.46 -23.73 21.21
N GLY C 439 -19.19 -23.65 20.83
CA GLY C 439 -18.43 -22.42 20.88
C GLY C 439 -17.77 -22.15 19.54
N TYR C 440 -16.59 -21.52 19.61
CA TYR C 440 -15.81 -21.21 18.42
C TYR C 440 -14.93 -22.41 18.09
N SER C 441 -15.32 -23.16 17.05
CA SER C 441 -14.67 -24.40 16.70
C SER C 441 -13.83 -24.21 15.45
N ASP C 442 -12.56 -24.59 15.53
CA ASP C 442 -11.65 -24.56 14.38
C ASP C 442 -11.61 -25.97 13.79
N LEU C 443 -12.31 -26.16 12.68
CA LEU C 443 -12.37 -27.45 12.01
C LEU C 443 -11.52 -27.43 10.75
N PHE C 444 -11.15 -28.62 10.30
CA PHE C 444 -10.40 -28.79 9.06
C PHE C 444 -11.15 -29.78 8.18
N CYS C 445 -11.75 -29.27 7.11
CA CYS C 445 -12.57 -30.10 6.24
C CYS C 445 -11.72 -30.75 5.16
N LEU C 446 -12.12 -31.96 4.77
CA LEU C 446 -11.50 -32.70 3.68
C LEU C 446 -12.60 -33.12 2.72
N SER C 447 -12.67 -32.44 1.58
CA SER C 447 -13.75 -32.67 0.63
C SER C 447 -13.57 -34.02 -0.07
N LYS C 448 -14.69 -34.53 -0.60
CA LYS C 448 -14.66 -35.78 -1.36
C LYS C 448 -13.81 -35.62 -2.62
N ASP C 449 -13.88 -34.46 -3.26
CA ASP C 449 -13.05 -34.20 -4.43
C ASP C 449 -11.57 -34.22 -4.07
N ASP C 450 -11.21 -33.61 -2.94
CA ASP C 450 -9.82 -33.64 -2.48
C ASP C 450 -9.40 -35.06 -2.10
N LEU C 451 -10.31 -35.83 -1.51
CA LEU C 451 -9.99 -37.21 -1.17
C LEU C 451 -9.71 -38.05 -2.41
N MET C 452 -10.54 -37.89 -3.47
CA MET C 452 -10.27 -38.62 -4.71
C MET C 452 -9.02 -38.11 -5.41
N GLU C 453 -8.74 -36.81 -5.33
CA GLU C 453 -7.52 -36.27 -5.91
C GLU C 453 -6.28 -36.83 -5.21
N ALA C 454 -6.35 -37.02 -3.89
CA ALA C 454 -5.26 -37.66 -3.19
C ALA C 454 -5.19 -39.15 -3.49
N LEU C 455 -6.34 -39.79 -3.71
CA LEU C 455 -6.40 -41.22 -3.94
C LEU C 455 -6.07 -41.64 -5.37
N THR C 456 -6.02 -40.70 -6.31
CA THR C 456 -5.76 -41.07 -7.70
C THR C 456 -4.38 -41.67 -7.91
N GLU C 457 -3.44 -41.45 -6.99
CA GLU C 457 -2.15 -42.12 -7.03
C GLU C 457 -2.12 -43.36 -6.15
N TYR C 458 -3.21 -43.67 -5.44
CA TYR C 458 -3.28 -44.79 -4.52
C TYR C 458 -4.57 -45.56 -4.77
N PRO C 459 -4.61 -46.38 -5.85
CA PRO C 459 -5.84 -47.14 -6.11
C PRO C 459 -6.05 -48.28 -5.13
N ASP C 460 -4.97 -48.94 -4.69
CA ASP C 460 -5.10 -49.98 -3.69
C ASP C 460 -5.60 -49.41 -2.37
N ALA C 461 -5.10 -48.23 -1.99
CA ALA C 461 -5.59 -47.57 -0.79
C ALA C 461 -7.03 -47.11 -0.96
N LYS C 462 -7.43 -46.72 -2.17
CA LYS C 462 -8.82 -46.38 -2.43
C LYS C 462 -9.73 -47.60 -2.27
N THR C 463 -9.28 -48.75 -2.78
CA THR C 463 -10.03 -49.99 -2.60
C THR C 463 -10.13 -50.36 -1.13
N MET C 464 -9.04 -50.20 -0.39
CA MET C 464 -9.05 -50.49 1.05
C MET C 464 -9.98 -49.55 1.79
N LEU C 465 -10.00 -48.27 1.39
CA LEU C 465 -10.91 -47.30 2.00
C LEU C 465 -12.36 -47.66 1.73
N GLU C 466 -12.68 -48.05 0.50
CA GLU C 466 -14.04 -48.46 0.17
C GLU C 466 -14.43 -49.73 0.94
N GLU C 467 -13.51 -50.67 1.07
CA GLU C 467 -13.77 -51.89 1.84
C GLU C 467 -14.03 -51.56 3.31
N LYS C 468 -13.23 -50.66 3.89
CA LYS C 468 -13.43 -50.28 5.29
C LYS C 468 -14.75 -49.54 5.48
N GLY C 469 -15.12 -48.68 4.52
CA GLY C 469 -16.42 -48.04 4.59
C GLY C 469 -17.57 -49.02 4.50
N LYS C 470 -17.43 -50.03 3.63
CA LYS C 470 -18.44 -51.08 3.54
C LYS C 470 -18.55 -51.87 4.85
N GLN C 471 -17.41 -52.21 5.46
CA GLN C 471 -17.43 -52.92 6.74
C GLN C 471 -18.07 -52.09 7.83
N ILE C 472 -17.79 -50.78 7.84
CA ILE C 472 -18.42 -49.89 8.81
C ILE C 472 -19.93 -49.82 8.60
N LEU C 473 -20.36 -49.71 7.34
CA LEU C 473 -21.78 -49.60 7.05
C LEU C 473 -22.53 -50.91 7.24
N MET C 474 -21.82 -52.06 7.26
CA MET C 474 -22.49 -53.32 7.57
C MET C 474 -22.57 -53.59 9.06
N LYS C 475 -21.57 -53.19 9.84
CA LYS C 475 -21.64 -53.36 11.29
C LYS C 475 -22.76 -52.52 11.88
N ASP C 476 -22.91 -51.28 11.41
CA ASP C 476 -24.01 -50.43 11.83
C ASP C 476 -25.34 -50.80 11.18
N GLY C 477 -25.32 -51.63 10.14
CA GLY C 477 -26.53 -51.98 9.42
C GLY C 477 -27.14 -50.84 8.62
N LEU C 478 -26.31 -50.03 7.97
CA LEU C 478 -26.78 -48.94 7.12
C LEU C 478 -26.38 -49.15 5.66
N LEU C 479 -26.27 -50.41 5.23
CA LEU C 479 -25.92 -50.70 3.85
C LEU C 479 -27.14 -51.19 3.07
N VAL D 26 -20.08 -15.40 38.87
CA VAL D 26 -20.24 -14.64 37.63
C VAL D 26 -18.87 -14.41 36.98
N VAL D 27 -18.83 -14.52 35.64
CA VAL D 27 -17.61 -14.34 34.88
C VAL D 27 -17.87 -13.29 33.81
N ILE D 28 -17.00 -12.28 33.73
CA ILE D 28 -17.15 -11.19 32.78
C ILE D 28 -16.64 -11.64 31.42
N ASP D 29 -17.47 -11.48 30.40
CA ASP D 29 -17.06 -11.78 29.04
C ASP D 29 -16.13 -10.68 28.52
N PRO D 30 -14.92 -11.00 28.07
CA PRO D 30 -14.00 -9.94 27.63
C PRO D 30 -14.45 -9.22 26.36
N SER D 31 -15.26 -9.87 25.53
CA SER D 31 -15.73 -9.24 24.29
C SER D 31 -17.06 -8.52 24.46
N GLY D 32 -17.60 -8.47 25.68
CA GLY D 32 -18.86 -7.81 25.93
C GLY D 32 -18.70 -6.32 26.17
N ASN D 33 -19.82 -5.68 26.49
CA ASN D 33 -19.83 -4.25 26.77
C ASN D 33 -19.44 -3.92 28.20
N THR D 34 -19.71 -4.83 29.14
CA THR D 34 -19.32 -4.61 30.53
C THR D 34 -17.80 -4.57 30.67
N TYR D 35 -17.10 -5.41 29.92
CA TYR D 35 -15.64 -5.39 29.95
C TYR D 35 -15.09 -4.07 29.41
N TYR D 36 -15.70 -3.55 28.34
CA TYR D 36 -15.28 -2.25 27.82
C TYR D 36 -15.57 -1.11 28.79
N ASN D 37 -16.73 -1.18 29.46
CA ASN D 37 -17.05 -0.17 30.46
C ASN D 37 -16.06 -0.22 31.62
N TRP D 38 -15.69 -1.41 32.06
CA TRP D 38 -14.68 -1.50 33.12
C TRP D 38 -13.31 -1.09 32.61
N LEU D 39 -13.03 -1.29 31.33
CA LEU D 39 -11.77 -0.81 30.76
C LEU D 39 -11.69 0.71 30.84
N PHE D 40 -12.81 1.39 30.55
CA PHE D 40 -12.86 2.84 30.76
C PHE D 40 -12.69 3.20 32.24
N CYS D 41 -13.38 2.45 33.11
CA CYS D 41 -13.37 2.74 34.55
C CYS D 41 -12.00 2.51 35.19
N ILE D 42 -11.18 1.65 34.59
CA ILE D 42 -9.81 1.46 35.08
C ILE D 42 -8.83 2.36 34.32
N THR D 43 -9.17 2.79 33.11
CA THR D 43 -8.33 3.73 32.38
C THR D 43 -8.34 5.10 33.03
N LEU D 44 -9.46 5.50 33.63
CA LEU D 44 -9.51 6.80 34.29
C LEU D 44 -8.47 6.94 35.42
N PRO D 45 -8.34 6.01 36.38
CA PRO D 45 -7.24 6.16 37.36
C PRO D 45 -5.86 5.95 36.76
N VAL D 46 -5.72 5.12 35.73
CA VAL D 46 -4.42 4.94 35.09
C VAL D 46 -3.97 6.24 34.43
N MET D 47 -4.88 6.90 33.70
CA MET D 47 -4.55 8.20 33.12
C MET D 47 -4.29 9.24 34.21
N TYR D 48 -5.08 9.21 35.30
CA TYR D 48 -4.85 10.13 36.40
C TYR D 48 -3.46 9.99 36.98
N ASN D 49 -3.03 8.75 37.24
CA ASN D 49 -1.69 8.50 37.76
C ASN D 49 -0.62 8.94 36.76
N TRP D 50 -0.76 8.51 35.50
CA TRP D 50 0.24 8.79 34.48
C TRP D 50 0.38 10.28 34.21
N THR D 51 -0.68 11.05 34.43
CA THR D 51 -0.60 12.48 34.20
C THR D 51 -0.22 13.28 35.44
N MET D 52 -0.53 12.78 36.64
CA MET D 52 -0.41 13.62 37.82
C MET D 52 0.63 13.20 38.84
N VAL D 53 1.10 11.94 38.82
CA VAL D 53 2.13 11.54 39.76
C VAL D 53 3.43 12.30 39.49
N ILE D 54 3.83 12.38 38.22
CA ILE D 54 5.02 13.13 37.85
C ILE D 54 4.81 14.63 38.08
N ALA D 55 3.57 15.11 37.89
CA ALA D 55 3.29 16.53 38.11
C ALA D 55 3.44 16.90 39.58
N ARG D 56 2.92 16.08 40.47
CA ARG D 56 3.07 16.34 41.89
C ARG D 56 4.50 16.09 42.37
N ALA D 57 5.21 15.17 41.72
CA ALA D 57 6.59 14.90 42.09
C ALA D 57 7.51 16.04 41.69
N CYS D 58 7.26 16.66 40.54
CA CYS D 58 8.13 17.72 40.05
C CYS D 58 7.68 19.10 40.53
N PHE D 59 6.39 19.40 40.43
CA PHE D 59 5.84 20.64 40.97
C PHE D 59 5.44 20.37 42.42
N ASP D 60 6.30 20.79 43.35
CA ASP D 60 6.08 20.47 44.77
C ASP D 60 4.89 21.21 45.33
N GLU D 61 4.60 22.41 44.82
CA GLU D 61 3.46 23.17 45.31
C GLU D 61 2.14 22.52 44.92
N LEU D 62 2.10 21.84 43.77
CA LEU D 62 0.90 21.10 43.39
C LEU D 62 0.64 19.95 44.35
N GLN D 63 1.69 19.27 44.79
CA GLN D 63 1.53 18.19 45.76
C GLN D 63 1.14 18.73 47.13
N SER D 64 1.78 19.81 47.57
CA SER D 64 1.58 20.30 48.93
C SER D 64 0.26 21.04 49.10
N ASP D 65 -0.16 21.81 48.09
CA ASP D 65 -1.32 22.69 48.25
C ASP D 65 -2.63 21.92 48.27
N TYR D 66 -2.74 20.89 47.42
CA TYR D 66 -3.95 20.10 47.30
C TYR D 66 -3.72 18.67 47.78
N LEU D 67 -2.98 18.53 48.88
CA LEU D 67 -2.53 17.21 49.32
C LEU D 67 -3.71 16.32 49.74
N GLU D 68 -4.74 16.90 50.35
CA GLU D 68 -5.90 16.13 50.73
C GLU D 68 -6.63 15.58 49.50
N TYR D 69 -6.80 16.43 48.49
CA TYR D 69 -7.44 15.98 47.25
C TYR D 69 -6.65 14.86 46.60
N TRP D 70 -5.32 14.97 46.60
CA TRP D 70 -4.50 13.88 46.09
C TRP D 70 -4.62 12.64 46.95
N LEU D 71 -4.85 12.80 48.25
CA LEU D 71 -4.99 11.63 49.13
C LEU D 71 -6.26 10.84 48.80
N ILE D 72 -7.40 11.53 48.71
CA ILE D 72 -8.63 10.83 48.32
C ILE D 72 -8.54 10.30 46.89
N LEU D 73 -7.94 11.07 45.97
CA LEU D 73 -7.84 10.59 44.59
C LEU D 73 -6.95 9.36 44.48
N ASP D 74 -5.84 9.32 45.21
CA ASP D 74 -4.95 8.16 45.19
C ASP D 74 -5.61 6.96 45.86
N TYR D 75 -6.35 7.18 46.95
CA TYR D 75 -7.05 6.09 47.61
C TYR D 75 -8.11 5.49 46.70
N VAL D 76 -8.86 6.35 46.00
CA VAL D 76 -9.87 5.88 45.04
C VAL D 76 -9.19 5.14 43.88
N SER D 77 -8.07 5.65 43.39
CA SER D 77 -7.36 4.98 42.30
C SER D 77 -6.85 3.61 42.73
N ASP D 78 -6.34 3.49 43.95
CA ASP D 78 -5.90 2.19 44.44
C ASP D 78 -7.07 1.23 44.64
N ILE D 79 -8.23 1.76 45.06
CA ILE D 79 -9.43 0.92 45.16
C ILE D 79 -9.83 0.39 43.79
N VAL D 80 -9.82 1.26 42.78
CA VAL D 80 -10.16 0.83 41.43
C VAL D 80 -9.13 -0.15 40.89
N TYR D 81 -7.85 0.01 41.27
CA TYR D 81 -6.83 -0.96 40.90
C TYR D 81 -7.11 -2.33 41.51
N LEU D 82 -7.52 -2.35 42.79
CA LEU D 82 -7.88 -3.61 43.44
C LEU D 82 -9.08 -4.26 42.77
N ILE D 83 -10.09 -3.46 42.42
CA ILE D 83 -11.25 -4.01 41.72
C ILE D 83 -10.85 -4.48 40.33
N ASP D 84 -9.85 -3.84 39.71
CA ASP D 84 -9.35 -4.30 38.42
C ASP D 84 -8.67 -5.66 38.54
N MET D 85 -7.91 -5.87 39.63
CA MET D 85 -7.34 -7.19 39.86
C MET D 85 -8.43 -8.23 40.11
N PHE D 86 -9.48 -7.84 40.82
CA PHE D 86 -10.62 -8.74 41.01
C PHE D 86 -11.30 -9.09 39.69
N VAL D 87 -11.45 -8.09 38.81
CA VAL D 87 -12.04 -8.32 37.49
C VAL D 87 -11.16 -9.24 36.67
N ARG D 88 -9.84 -9.06 36.76
CA ARG D 88 -8.90 -9.95 36.08
C ARG D 88 -9.05 -11.39 36.59
N THR D 89 -9.26 -11.55 37.89
CA THR D 89 -9.54 -12.88 38.42
C THR D 89 -10.88 -13.41 37.94
N ARG D 90 -11.83 -12.51 37.64
CA ARG D 90 -13.16 -12.91 37.18
C ARG D 90 -13.33 -12.74 35.66
N THR D 91 -12.25 -12.52 34.92
CA THR D 91 -12.32 -12.39 33.47
C THR D 91 -12.04 -13.73 32.83
N GLY D 92 -13.01 -14.24 32.08
CA GLY D 92 -12.89 -15.55 31.46
C GLY D 92 -12.16 -15.49 30.12
N TYR D 93 -11.24 -16.42 29.93
CA TYR D 93 -10.56 -16.56 28.65
C TYR D 93 -11.24 -17.65 27.82
N LEU D 94 -10.78 -17.78 26.58
CA LEU D 94 -11.48 -18.58 25.58
C LEU D 94 -10.67 -19.84 25.31
N GLU D 95 -11.10 -20.95 25.93
CA GLU D 95 -10.46 -22.24 25.75
C GLU D 95 -11.44 -23.18 25.04
N GLN D 96 -10.97 -23.82 23.97
CA GLN D 96 -11.80 -24.68 23.11
C GLN D 96 -13.02 -23.94 22.58
N GLY D 97 -12.85 -22.65 22.30
CA GLY D 97 -13.94 -21.83 21.82
C GLY D 97 -15.02 -21.55 22.84
N LEU D 98 -14.82 -21.93 24.09
CA LEU D 98 -15.80 -21.71 25.15
C LEU D 98 -15.20 -20.81 26.20
N LEU D 99 -16.04 -19.94 26.76
CA LEU D 99 -15.59 -19.06 27.83
C LEU D 99 -15.38 -19.86 29.11
N VAL D 100 -14.17 -19.76 29.66
CA VAL D 100 -13.84 -20.49 30.88
C VAL D 100 -14.53 -19.81 32.05
N LYS D 101 -15.34 -20.57 32.80
CA LYS D 101 -16.06 -20.04 33.94
C LYS D 101 -15.64 -20.67 35.26
N GLU D 102 -14.67 -21.57 35.26
CA GLU D 102 -14.17 -22.15 36.50
C GLU D 102 -13.28 -21.13 37.20
N GLU D 103 -13.57 -20.86 38.47
CA GLU D 103 -12.90 -19.77 39.18
C GLU D 103 -11.43 -20.06 39.39
N LEU D 104 -11.10 -21.27 39.84
CA LEU D 104 -9.70 -21.61 40.12
C LEU D 104 -8.86 -21.60 38.85
N LYS D 105 -9.45 -22.03 37.73
CA LYS D 105 -8.74 -21.96 36.46
C LYS D 105 -8.44 -20.51 36.07
N LEU D 106 -9.39 -19.61 36.33
CA LEU D 106 -9.15 -18.19 36.06
C LEU D 106 -8.07 -17.62 36.98
N ILE D 107 -8.07 -18.04 38.25
CA ILE D 107 -7.01 -17.62 39.18
C ILE D 107 -5.64 -18.06 38.68
N ASN D 108 -5.55 -19.32 38.25
CA ASN D 108 -4.27 -19.85 37.76
C ASN D 108 -3.85 -19.15 36.48
N LYS D 109 -4.80 -18.88 35.58
CA LYS D 109 -4.50 -18.19 34.33
C LYS D 109 -4.01 -16.77 34.59
N TYR D 110 -4.64 -16.07 35.54
CA TYR D 110 -4.22 -14.71 35.86
C TYR D 110 -2.83 -14.71 36.51
N LYS D 111 -2.62 -15.57 37.51
CA LYS D 111 -1.34 -15.58 38.21
C LYS D 111 -0.21 -16.13 37.36
N SER D 112 -0.52 -16.86 36.29
CA SER D 112 0.52 -17.38 35.40
C SER D 112 0.96 -16.35 34.36
N ASN D 113 0.37 -15.17 34.36
CA ASN D 113 0.69 -14.13 33.38
C ASN D 113 1.53 -13.04 34.03
N LEU D 114 2.27 -12.32 33.20
CA LEU D 114 3.07 -11.18 33.66
C LEU D 114 2.19 -10.05 34.18
N GLN D 115 0.93 -9.99 33.73
CA GLN D 115 0.03 -8.91 34.16
C GLN D 115 -0.25 -8.98 35.65
N PHE D 116 -0.33 -10.17 36.23
CA PHE D 116 -0.53 -10.29 37.67
C PHE D 116 0.66 -9.71 38.44
N LYS D 117 1.88 -10.00 37.99
CA LYS D 117 3.06 -9.44 38.63
C LYS D 117 3.09 -7.92 38.48
N LEU D 118 2.71 -7.42 37.30
CA LEU D 118 2.66 -5.98 37.08
C LEU D 118 1.63 -5.32 37.98
N ASP D 119 0.47 -5.94 38.14
CA ASP D 119 -0.57 -5.39 39.02
C ASP D 119 -0.14 -5.41 40.48
N VAL D 120 0.55 -6.49 40.90
CA VAL D 120 1.05 -6.57 42.27
C VAL D 120 2.09 -5.48 42.51
N LEU D 121 3.00 -5.28 41.56
CA LEU D 121 3.98 -4.20 41.67
C LEU D 121 3.30 -2.83 41.67
N SER D 122 2.20 -2.68 40.92
CA SER D 122 1.46 -1.43 40.92
C SER D 122 0.85 -1.16 42.28
N LEU D 123 0.30 -2.19 42.92
CA LEU D 123 -0.36 -2.03 44.21
C LEU D 123 0.55 -2.38 45.40
N ILE D 124 1.86 -2.32 45.21
CA ILE D 124 2.76 -2.40 46.35
C ILE D 124 2.57 -1.16 47.21
N PRO D 125 2.31 -1.30 48.51
CA PRO D 125 2.07 -0.11 49.34
C PRO D 125 3.34 0.68 49.59
N THR D 126 3.48 1.81 48.90
CA THR D 126 4.58 2.73 49.12
C THR D 126 4.15 4.02 49.79
N ASP D 127 2.85 4.17 50.09
CA ASP D 127 2.39 5.30 50.88
C ASP D 127 2.89 5.24 52.31
N LEU D 128 3.33 4.06 52.77
CA LEU D 128 3.99 3.96 54.06
C LEU D 128 5.37 4.62 54.05
N LEU D 129 5.93 4.86 52.87
CA LEU D 129 7.21 5.55 52.75
C LEU D 129 7.05 7.06 52.80
N TYR D 130 5.81 7.57 52.87
CA TYR D 130 5.60 8.99 53.10
C TYR D 130 6.09 9.41 54.48
N PHE D 131 6.05 8.49 55.45
CA PHE D 131 6.58 8.80 56.78
C PHE D 131 8.10 8.88 56.79
N LYS D 132 8.76 8.07 55.96
CA LYS D 132 10.22 8.06 55.93
C LYS D 132 10.76 9.18 55.05
N LEU D 133 10.41 9.17 53.76
CA LEU D 133 10.98 10.16 52.83
C LEU D 133 10.36 11.54 53.05
N GLY D 134 9.07 11.60 53.34
CA GLY D 134 8.41 12.87 53.52
C GLY D 134 7.12 12.97 52.73
N TRP D 135 6.22 13.87 53.14
CA TRP D 135 4.93 14.02 52.48
C TRP D 135 5.02 14.75 51.14
N ASN D 136 6.18 15.32 50.81
CA ASN D 136 6.39 16.01 49.54
C ASN D 136 7.13 15.15 48.52
N TYR D 137 7.02 13.83 48.63
CA TYR D 137 7.70 12.90 47.73
C TYR D 137 6.68 11.92 47.16
N PRO D 138 5.91 12.33 46.15
CA PRO D 138 4.97 11.40 45.52
C PRO D 138 5.60 10.60 44.38
N GLU D 139 6.94 10.57 44.32
CA GLU D 139 7.63 9.66 43.41
C GLU D 139 7.41 8.20 43.79
N ILE D 140 7.04 7.94 45.05
CA ILE D 140 6.81 6.58 45.51
C ILE D 140 5.59 5.95 44.85
N ARG D 141 4.68 6.76 44.32
CA ARG D 141 3.51 6.25 43.62
C ARG D 141 3.75 6.07 42.13
N LEU D 142 5.02 6.00 41.70
CA LEU D 142 5.32 5.77 40.30
C LEU D 142 5.11 4.33 39.87
N ASN D 143 4.94 3.41 40.82
CA ASN D 143 4.64 2.03 40.45
C ASN D 143 3.21 1.87 39.96
N ARG D 144 2.32 2.82 40.29
CA ARG D 144 0.96 2.80 39.76
C ARG D 144 0.93 3.01 38.25
N LEU D 145 2.03 3.48 37.67
CA LEU D 145 2.17 3.61 36.23
C LEU D 145 2.27 2.26 35.52
N LEU D 146 2.47 1.17 36.26
CA LEU D 146 2.61 -0.15 35.67
C LEU D 146 1.28 -0.77 35.28
N ARG D 147 0.16 -0.10 35.53
CA ARG D 147 -1.14 -0.49 35.03
C ARG D 147 -1.44 0.08 33.65
N PHE D 148 -0.39 0.39 32.88
CA PHE D 148 -0.56 0.96 31.55
C PHE D 148 -1.23 0.00 30.57
N SER D 149 -1.17 -1.31 30.84
CA SER D 149 -1.76 -2.28 29.93
C SER D 149 -3.27 -2.14 29.85
N ARG D 150 -3.93 -1.76 30.95
CA ARG D 150 -5.36 -1.52 30.92
C ARG D 150 -5.71 -0.33 30.02
N MET D 151 -4.90 0.73 30.10
CA MET D 151 -5.14 1.92 29.28
C MET D 151 -4.99 1.61 27.79
N PHE D 152 -3.91 0.90 27.43
CA PHE D 152 -3.70 0.52 26.04
C PHE D 152 -4.76 -0.46 25.57
N GLU D 153 -5.19 -1.38 26.43
CA GLU D 153 -6.24 -2.32 26.09
C GLU D 153 -7.55 -1.60 25.81
N PHE D 154 -7.89 -0.62 26.64
CA PHE D 154 -9.10 0.17 26.43
C PHE D 154 -9.01 0.97 25.14
N PHE D 155 -7.83 1.53 24.84
CA PHE D 155 -7.67 2.26 23.59
C PHE D 155 -7.82 1.36 22.37
N GLN D 156 -7.23 0.16 22.41
CA GLN D 156 -7.39 -0.78 21.30
C GLN D 156 -8.84 -1.23 21.15
N ARG D 157 -9.52 -1.47 22.27
CA ARG D 157 -10.92 -1.87 22.22
C ARG D 157 -11.80 -0.75 21.65
N THR D 158 -11.50 0.49 22.02
CA THR D 158 -12.23 1.62 21.45
C THR D 158 -11.95 1.74 19.95
N GLU D 159 -10.70 1.52 19.54
CA GLU D 159 -10.35 1.59 18.12
C GLU D 159 -11.09 0.53 17.32
N THR D 160 -11.18 -0.69 17.85
CA THR D 160 -11.91 -1.75 17.16
C THR D 160 -13.41 -1.71 17.41
N ARG D 161 -13.89 -0.79 18.26
CA ARG D 161 -15.30 -0.72 18.64
C ARG D 161 -16.02 0.50 18.10
N THR D 162 -15.40 1.68 18.15
CA THR D 162 -16.09 2.91 17.83
C THR D 162 -16.40 3.01 16.33
N ASN D 163 -17.36 3.85 16.00
CA ASN D 163 -17.77 4.10 14.63
C ASN D 163 -16.94 5.20 13.97
N TYR D 164 -16.03 5.82 14.70
CA TYR D 164 -15.14 6.86 14.17
C TYR D 164 -13.71 6.46 14.50
N PRO D 165 -13.15 5.50 13.75
CA PRO D 165 -11.76 5.10 14.02
C PRO D 165 -10.75 6.21 13.80
N ASN D 166 -10.99 7.07 12.81
CA ASN D 166 -10.05 8.15 12.52
C ASN D 166 -10.12 9.26 13.55
N ILE D 167 -11.33 9.64 13.97
CA ILE D 167 -11.49 10.67 14.99
C ILE D 167 -10.91 10.18 16.32
N PHE D 168 -11.18 8.92 16.67
CA PHE D 168 -10.60 8.36 17.89
C PHE D 168 -9.09 8.23 17.78
N ARG D 169 -8.56 7.93 16.60
CA ARG D 169 -7.11 7.83 16.44
C ARG D 169 -6.45 9.19 16.60
N ILE D 170 -7.09 10.24 16.07
CA ILE D 170 -6.63 11.62 16.33
C ILE D 170 -6.66 11.92 17.82
N SER D 171 -7.76 11.57 18.50
CA SER D 171 -7.86 11.85 19.93
C SER D 171 -6.79 11.11 20.72
N ASN D 172 -6.53 9.85 20.37
CA ASN D 172 -5.53 9.05 21.06
C ASN D 172 -4.13 9.61 20.82
N LEU D 173 -3.81 9.96 19.57
CA LEU D 173 -2.51 10.55 19.29
C LEU D 173 -2.33 11.89 20.00
N VAL D 174 -3.39 12.70 20.03
CA VAL D 174 -3.32 13.99 20.72
C VAL D 174 -3.10 13.79 22.21
N MET D 175 -3.78 12.81 22.81
CA MET D 175 -3.61 12.59 24.24
C MET D 175 -2.22 12.04 24.56
N TYR D 176 -1.69 11.18 23.68
CA TYR D 176 -0.31 10.72 23.83
C TYR D 176 0.68 11.89 23.75
N ILE D 177 0.49 12.79 22.79
CA ILE D 177 1.40 13.91 22.65
C ILE D 177 1.27 14.85 23.84
N VAL D 178 0.05 15.05 24.34
CA VAL D 178 -0.17 15.91 25.49
C VAL D 178 0.49 15.33 26.73
N ILE D 179 0.37 14.02 26.96
CA ILE D 179 0.98 13.43 28.15
C ILE D 179 2.50 13.41 28.02
N ILE D 180 3.04 13.23 26.81
CA ILE D 180 4.49 13.27 26.65
C ILE D 180 5.02 14.69 26.86
N ILE D 181 4.31 15.69 26.35
CA ILE D 181 4.70 17.08 26.55
C ILE D 181 4.59 17.45 28.02
N HIS D 182 3.56 16.96 28.70
CA HIS D 182 3.42 17.20 30.14
C HIS D 182 4.55 16.57 30.93
N TRP D 183 4.94 15.35 30.57
CA TRP D 183 6.06 14.69 31.23
C TRP D 183 7.36 15.44 31.00
N ASN D 184 7.59 15.90 29.77
CA ASN D 184 8.79 16.68 29.48
C ASN D 184 8.76 18.03 30.18
N ALA D 185 7.58 18.62 30.36
CA ALA D 185 7.46 19.85 31.13
C ALA D 185 7.84 19.63 32.59
N CYS D 186 7.37 18.53 33.18
CA CYS D 186 7.75 18.19 34.54
C CYS D 186 9.23 17.92 34.64
N VAL D 187 9.81 17.25 33.63
CA VAL D 187 11.24 16.97 33.62
C VAL D 187 12.04 18.27 33.54
N PHE D 188 11.61 19.20 32.69
CA PHE D 188 12.29 20.49 32.58
C PHE D 188 12.21 21.27 33.89
N TYR D 189 11.03 21.25 34.53
CA TYR D 189 10.89 21.95 35.81
C TYR D 189 11.76 21.32 36.89
N SER D 190 11.84 19.99 36.93
CA SER D 190 12.67 19.32 37.92
C SER D 190 14.16 19.57 37.66
N ILE D 191 14.56 19.64 36.39
CA ILE D 191 15.94 19.96 36.05
C ILE D 191 16.27 21.40 36.47
N SER D 192 15.33 22.32 36.24
CA SER D 192 15.51 23.70 36.69
C SER D 192 15.61 23.78 38.21
N LYS D 193 14.80 22.97 38.91
CA LYS D 193 14.85 22.93 40.36
C LYS D 193 16.20 22.40 40.86
N ALA D 194 16.69 21.34 40.22
CA ALA D 194 17.97 20.75 40.62
C ALA D 194 19.12 21.70 40.35
N ILE D 195 19.12 22.37 39.19
CA ILE D 195 20.18 23.32 38.86
C ILE D 195 20.05 24.56 39.74
N GLY D 196 18.84 25.07 39.90
CA GLY D 196 18.61 26.27 40.68
C GLY D 196 17.68 27.23 39.96
N PHE D 197 16.61 27.64 40.64
CA PHE D 197 15.63 28.52 40.02
C PHE D 197 16.21 29.92 39.85
N GLY D 198 16.34 30.36 38.61
CA GLY D 198 16.89 31.67 38.33
C GLY D 198 18.39 31.75 38.34
N ASN D 199 19.10 30.62 38.41
CA ASN D 199 20.55 30.63 38.41
C ASN D 199 21.09 31.15 37.08
N ASP D 200 20.50 30.73 35.97
CA ASP D 200 20.86 31.23 34.66
C ASP D 200 19.58 31.43 33.86
N THR D 201 19.74 31.79 32.58
CA THR D 201 18.59 32.16 31.76
C THR D 201 17.84 30.97 31.19
N TRP D 202 18.45 29.78 31.17
CA TRP D 202 17.79 28.64 30.55
C TRP D 202 16.74 28.01 31.47
N VAL D 203 17.04 27.93 32.76
CA VAL D 203 16.17 27.27 33.73
C VAL D 203 14.89 28.07 33.91
N TYR D 204 13.91 27.47 34.57
CA TYR D 204 12.77 28.24 35.04
C TYR D 204 13.25 29.33 35.98
N PRO D 205 12.73 30.55 35.87
CA PRO D 205 13.27 31.66 36.67
C PRO D 205 13.00 31.54 38.15
N ASP D 206 13.42 32.56 38.92
CA ASP D 206 13.32 32.50 40.37
C ASP D 206 11.86 32.41 40.81
N ILE D 207 11.58 31.47 41.72
CA ILE D 207 10.22 31.15 42.11
C ILE D 207 9.79 32.03 43.27
N ASN D 208 10.62 33.01 43.62
CA ASN D 208 10.23 34.05 44.56
C ASN D 208 9.63 35.26 43.85
N ASP D 209 9.58 35.24 42.53
CA ASP D 209 8.97 36.32 41.77
C ASP D 209 7.45 36.31 41.97
N PRO D 210 6.82 37.49 42.00
CA PRO D 210 5.35 37.52 42.10
C PRO D 210 4.64 36.82 40.96
N GLU D 211 5.19 36.88 39.74
CA GLU D 211 4.53 36.27 38.59
C GLU D 211 4.93 34.81 38.39
N PHE D 212 6.22 34.53 38.38
CA PHE D 212 6.69 33.18 38.11
C PHE D 212 6.70 32.28 39.35
N GLY D 213 6.37 32.83 40.52
CA GLY D 213 6.25 32.00 41.70
C GLY D 213 4.93 31.28 41.84
N ARG D 214 3.95 31.64 41.02
CA ARG D 214 2.65 30.97 41.06
C ARG D 214 2.74 29.57 40.47
N LEU D 215 2.03 28.62 41.07
CA LEU D 215 2.04 27.25 40.60
C LEU D 215 1.45 27.13 39.21
N ALA D 216 0.37 27.87 38.94
CA ALA D 216 -0.21 27.86 37.60
C ALA D 216 0.77 28.37 36.57
N ARG D 217 1.47 29.47 36.88
CA ARG D 217 2.50 29.99 35.97
C ARG D 217 3.64 28.99 35.80
N LYS D 218 4.06 28.33 36.89
CA LYS D 218 5.11 27.32 36.82
C LYS D 218 4.74 26.23 35.84
N TYR D 219 3.56 25.64 36.02
CA TYR D 219 3.15 24.54 35.15
C TYR D 219 2.95 25.01 33.71
N VAL D 220 2.36 26.19 33.51
CA VAL D 220 2.02 26.54 32.14
C VAL D 220 3.27 27.00 31.38
N TYR D 221 4.26 27.61 32.08
CA TYR D 221 5.50 27.95 31.39
C TYR D 221 6.33 26.70 31.11
N SER D 222 6.32 25.73 32.03
CA SER D 222 6.99 24.46 31.74
C SER D 222 6.34 23.76 30.57
N LEU D 223 5.01 23.80 30.50
CA LEU D 223 4.27 23.21 29.38
C LEU D 223 4.59 23.94 28.08
N TYR D 224 4.70 25.26 28.13
CA TYR D 224 5.06 26.05 26.94
C TYR D 224 6.46 25.72 26.46
N TRP D 225 7.42 25.62 27.38
CA TRP D 225 8.79 25.27 27.01
C TRP D 225 8.84 23.87 26.41
N SER D 226 8.13 22.91 27.02
CA SER D 226 8.08 21.55 26.51
C SER D 226 7.39 21.49 25.15
N THR D 227 6.32 22.28 24.97
CA THR D 227 5.62 22.31 23.69
C THR D 227 6.52 22.86 22.59
N LEU D 228 7.27 23.92 22.89
CA LEU D 228 8.20 24.44 21.89
C LEU D 228 9.29 23.43 21.56
N THR D 229 9.86 22.79 22.59
CA THR D 229 11.01 21.91 22.35
C THR D 229 10.59 20.63 21.64
N LEU D 230 9.52 19.98 22.11
CA LEU D 230 9.12 18.69 21.55
C LEU D 230 8.52 18.84 20.16
N THR D 231 7.95 19.99 19.85
CA THR D 231 7.47 20.23 18.50
C THR D 231 8.52 20.84 17.59
N THR D 232 9.78 20.88 18.05
CA THR D 232 10.94 21.32 17.26
C THR D 232 10.78 22.76 16.78
N ILE D 233 10.14 23.59 17.61
CA ILE D 233 9.98 25.01 17.29
C ILE D 233 11.12 25.85 17.87
N GLY D 234 11.77 25.37 18.93
CA GLY D 234 12.80 26.17 19.58
C GLY D 234 12.20 27.40 20.23
N GLU D 235 12.86 28.55 20.04
CA GLU D 235 12.45 29.83 20.61
C GLU D 235 12.31 29.75 22.11
N THR D 236 13.25 29.07 22.74
CA THR D 236 13.43 28.99 24.19
C THR D 236 14.78 29.59 24.51
N PRO D 237 14.98 30.09 25.73
CA PRO D 237 16.29 30.60 26.13
C PRO D 237 17.37 29.55 25.92
N PRO D 238 18.47 29.94 25.28
CA PRO D 238 19.53 28.96 24.99
C PRO D 238 20.15 28.44 26.26
N PRO D 239 20.65 27.20 26.24
CA PRO D 239 21.25 26.62 27.44
C PRO D 239 22.53 27.35 27.83
N VAL D 240 22.83 27.31 29.12
CA VAL D 240 24.07 27.87 29.66
C VAL D 240 25.03 26.77 30.10
N ARG D 241 24.58 25.86 30.95
CA ARG D 241 25.44 24.81 31.47
C ARG D 241 25.52 23.64 30.49
N ASP D 242 26.54 22.81 30.68
CA ASP D 242 26.75 21.66 29.80
C ASP D 242 25.61 20.66 29.92
N SER D 243 25.12 20.44 31.14
CA SER D 243 23.99 19.52 31.34
C SER D 243 22.75 20.04 30.63
N GLU D 244 22.52 21.36 30.69
CA GLU D 244 21.40 21.96 29.98
C GLU D 244 21.52 21.76 28.48
N TYR D 245 22.72 21.96 27.93
CA TYR D 245 22.93 21.75 26.50
C TYR D 245 22.68 20.30 26.11
N VAL D 246 23.17 19.36 26.92
CA VAL D 246 22.99 17.94 26.62
C VAL D 246 21.52 17.55 26.67
N PHE D 247 20.81 18.02 27.72
CA PHE D 247 19.38 17.73 27.84
C PHE D 247 18.60 18.34 26.69
N VAL D 248 18.97 19.55 26.27
CA VAL D 248 18.30 20.20 25.14
C VAL D 248 18.55 19.45 23.85
N VAL D 249 19.76 18.95 23.64
CA VAL D 249 20.06 18.15 22.44
C VAL D 249 19.21 16.89 22.44
N VAL D 250 19.21 16.17 23.56
CA VAL D 250 18.45 14.92 23.65
C VAL D 250 16.96 15.20 23.49
N ASP D 251 16.48 16.32 24.02
CA ASP D 251 15.05 16.55 24.05
C ASP D 251 14.53 17.09 22.71
N PHE D 252 15.33 17.87 21.97
CA PHE D 252 14.96 18.15 20.58
C PHE D 252 15.09 16.93 19.69
N LEU D 253 16.03 16.02 19.96
CA LEU D 253 16.05 14.77 19.18
C LEU D 253 14.80 13.94 19.44
N ILE D 254 14.39 13.84 20.71
CA ILE D 254 13.16 13.14 21.08
C ILE D 254 11.96 13.85 20.46
N GLY D 255 12.00 15.19 20.41
CA GLY D 255 10.92 15.93 19.79
C GLY D 255 10.85 15.74 18.29
N VAL D 256 12.00 15.60 17.63
CA VAL D 256 12.03 15.27 16.21
C VAL D 256 11.41 13.90 15.98
N LEU D 257 11.74 12.93 16.84
CA LEU D 257 11.14 11.60 16.74
C LEU D 257 9.63 11.66 16.97
N ILE D 258 9.20 12.47 17.94
CA ILE D 258 7.77 12.61 18.24
C ILE D 258 7.03 13.24 17.07
N PHE D 259 7.60 14.30 16.49
CA PHE D 259 6.97 14.95 15.35
C PHE D 259 6.90 14.01 14.16
N ALA D 260 7.96 13.24 13.92
CA ALA D 260 7.94 12.26 12.84
C ALA D 260 6.89 11.18 13.09
N THR D 261 6.72 10.78 14.36
CA THR D 261 5.67 9.81 14.69
C THR D 261 4.28 10.39 14.46
N ILE D 262 4.06 11.66 14.81
CA ILE D 262 2.77 12.31 14.57
C ILE D 262 2.48 12.37 13.08
N VAL D 263 3.48 12.79 12.30
CA VAL D 263 3.32 12.92 10.85
C VAL D 263 3.08 11.55 10.23
N GLY D 264 3.80 10.53 10.69
CA GLY D 264 3.60 9.20 10.16
C GLY D 264 2.23 8.62 10.48
N ASN D 265 1.76 8.82 11.71
CA ASN D 265 0.43 8.34 12.09
C ASN D 265 -0.66 9.04 11.29
N ILE D 266 -0.57 10.37 11.19
CA ILE D 266 -1.60 11.12 10.49
C ILE D 266 -1.55 10.84 8.98
N GLY D 267 -0.35 10.68 8.42
CA GLY D 267 -0.24 10.35 7.02
C GLY D 267 -0.73 8.95 6.69
N SER D 268 -0.46 7.99 7.58
CA SER D 268 -1.00 6.64 7.41
C SER D 268 -2.52 6.65 7.49
N MET D 269 -3.07 7.43 8.43
CA MET D 269 -4.52 7.54 8.53
C MET D 269 -5.10 8.19 7.28
N ILE D 270 -4.45 9.22 6.75
CA ILE D 270 -4.93 9.91 5.56
C ILE D 270 -4.90 8.97 4.36
N SER D 271 -3.82 8.20 4.22
CA SER D 271 -3.72 7.22 3.15
C SER D 271 -4.80 6.15 3.29
N ASN D 272 -5.12 5.76 4.52
CA ASN D 272 -6.19 4.78 4.73
C ASN D 272 -7.56 5.36 4.38
N MET D 273 -7.79 6.63 4.71
CA MET D 273 -9.10 7.25 4.49
C MET D 273 -9.41 7.47 3.02
N ASN D 274 -8.39 7.52 2.16
CA ASN D 274 -8.62 7.63 0.73
C ASN D 274 -7.94 6.52 -0.05
N ALA D 275 -7.68 5.38 0.60
CA ALA D 275 -7.19 4.20 -0.11
C ALA D 275 -8.23 3.68 -1.08
N ALA D 276 -9.50 3.67 -0.65
CA ALA D 276 -10.58 3.26 -1.54
C ALA D 276 -10.72 4.22 -2.72
N ARG D 277 -10.64 5.53 -2.47
CA ARG D 277 -10.68 6.50 -3.55
C ARG D 277 -9.47 6.38 -4.46
N ALA D 278 -8.28 6.16 -3.90
CA ALA D 278 -7.09 6.00 -4.74
C ALA D 278 -7.21 4.78 -5.63
N GLU D 279 -7.71 3.67 -5.07
CA GLU D 279 -7.90 2.44 -5.85
C GLU D 279 -8.96 2.63 -6.94
N PHE D 280 -10.07 3.28 -6.61
CA PHE D 280 -11.12 3.51 -7.59
C PHE D 280 -10.65 4.45 -8.70
N GLN D 281 -9.91 5.50 -8.35
CA GLN D 281 -9.39 6.42 -9.36
C GLN D 281 -8.34 5.75 -10.23
N ALA D 282 -7.53 4.86 -9.65
CA ALA D 282 -6.58 4.09 -10.46
C ALA D 282 -7.31 3.16 -11.42
N ARG D 283 -8.39 2.53 -10.96
CA ARG D 283 -9.18 1.67 -11.84
C ARG D 283 -9.80 2.48 -12.98
N ILE D 284 -10.36 3.65 -12.67
CA ILE D 284 -10.96 4.50 -13.70
C ILE D 284 -9.90 4.98 -14.68
N ASP D 285 -8.71 5.32 -14.18
CA ASP D 285 -7.62 5.74 -15.05
C ASP D 285 -7.19 4.61 -15.98
N ALA D 286 -7.11 3.39 -15.46
CA ALA D 286 -6.77 2.24 -16.31
C ALA D 286 -7.82 2.00 -17.37
N ILE D 287 -9.11 2.13 -17.00
CA ILE D 287 -10.19 1.94 -17.96
C ILE D 287 -10.13 3.02 -19.04
N LYS D 288 -9.89 4.28 -18.64
CA LYS D 288 -9.80 5.37 -19.61
C LYS D 288 -8.59 5.20 -20.53
N GLN D 289 -7.47 4.73 -19.97
CA GLN D 289 -6.30 4.45 -20.80
C GLN D 289 -6.58 3.35 -21.81
N TYR D 290 -7.32 2.31 -21.39
CA TYR D 290 -7.72 1.27 -22.33
C TYR D 290 -8.63 1.81 -23.43
N MET D 291 -9.58 2.66 -23.06
CA MET D 291 -10.53 3.17 -24.05
C MET D 291 -9.84 4.12 -25.04
N HIS D 292 -8.88 4.93 -24.57
CA HIS D 292 -8.11 5.75 -25.48
C HIS D 292 -7.17 4.90 -26.33
N PHE D 293 -6.67 3.80 -25.77
CA PHE D 293 -5.80 2.89 -26.53
C PHE D 293 -6.58 2.24 -27.67
N ARG D 294 -7.81 1.80 -27.39
CA ARG D 294 -8.59 1.04 -28.36
C ARG D 294 -9.44 1.93 -29.26
N ASN D 295 -9.32 3.25 -29.15
CA ASN D 295 -10.11 4.20 -29.93
C ASN D 295 -11.61 3.95 -29.76
N VAL D 296 -12.03 3.73 -28.52
CA VAL D 296 -13.43 3.52 -28.21
C VAL D 296 -14.21 4.81 -28.45
N SER D 297 -15.44 4.68 -28.96
CA SER D 297 -16.25 5.83 -29.33
C SER D 297 -16.56 6.69 -28.10
N LYS D 298 -16.84 7.97 -28.38
CA LYS D 298 -17.01 8.95 -27.31
C LYS D 298 -18.22 8.65 -26.44
N ASP D 299 -19.31 8.20 -27.07
CA ASP D 299 -20.52 7.88 -26.30
C ASP D 299 -20.29 6.70 -25.36
N MET D 300 -19.54 5.69 -25.81
CA MET D 300 -19.24 4.56 -24.95
C MET D 300 -18.36 4.97 -23.78
N GLU D 301 -17.37 5.83 -24.02
CA GLU D 301 -16.53 6.33 -22.92
C GLU D 301 -17.35 7.15 -21.94
N LYS D 302 -18.26 7.98 -22.45
CA LYS D 302 -19.13 8.75 -21.57
C LYS D 302 -20.03 7.85 -20.74
N ARG D 303 -20.52 6.76 -21.34
CA ARG D 303 -21.34 5.81 -20.60
C ARG D 303 -20.53 5.13 -19.50
N VAL D 304 -19.28 4.77 -19.79
CA VAL D 304 -18.43 4.14 -18.77
C VAL D 304 -18.14 5.11 -17.63
N ILE D 305 -17.83 6.38 -17.95
CA ILE D 305 -17.58 7.38 -16.92
C ILE D 305 -18.83 7.62 -16.08
N LYS D 306 -20.00 7.67 -16.73
CA LYS D 306 -21.25 7.82 -16.00
C LYS D 306 -21.52 6.63 -15.08
N TRP D 307 -21.20 5.43 -15.55
CA TRP D 307 -21.38 4.24 -14.73
C TRP D 307 -20.47 4.26 -13.51
N PHE D 308 -19.21 4.67 -13.68
CA PHE D 308 -18.29 4.72 -12.55
C PHE D 308 -18.67 5.85 -11.58
N ASP D 309 -19.18 6.97 -12.11
CA ASP D 309 -19.71 8.02 -11.25
C ASP D 309 -20.91 7.52 -10.45
N TYR D 310 -21.79 6.73 -11.07
CA TYR D 310 -22.90 6.11 -10.37
C TYR D 310 -22.41 5.17 -9.29
N LEU D 311 -21.34 4.41 -9.58
CA LEU D 311 -20.79 3.48 -8.59
C LEU D 311 -20.23 4.23 -7.39
N TRP D 312 -19.46 5.29 -7.62
CA TRP D 312 -18.89 6.06 -6.51
C TRP D 312 -19.97 6.78 -5.72
N THR D 313 -20.96 7.36 -6.40
CA THR D 313 -21.97 8.16 -5.72
C THR D 313 -22.84 7.31 -4.81
N ASN D 314 -23.21 6.11 -5.25
CA ASN D 314 -24.17 5.27 -4.54
C ASN D 314 -23.50 4.16 -3.73
N LYS D 315 -22.19 4.23 -3.53
CA LYS D 315 -21.44 3.33 -2.65
C LYS D 315 -21.58 1.87 -3.09
N LYS D 316 -21.41 1.63 -4.39
CA LYS D 316 -21.42 0.29 -4.96
C LYS D 316 -20.11 -0.02 -5.68
N THR D 317 -19.01 0.57 -5.21
CA THR D 317 -17.75 0.51 -5.93
C THR D 317 -17.14 -0.89 -5.89
N VAL D 318 -17.08 -1.48 -4.70
CA VAL D 318 -16.43 -2.77 -4.54
C VAL D 318 -17.32 -3.87 -5.09
N ASP D 319 -16.72 -4.78 -5.88
CA ASP D 319 -17.47 -5.90 -6.41
C ASP D 319 -17.82 -6.87 -5.31
N GLU D 320 -19.00 -7.48 -5.41
CA GLU D 320 -19.55 -8.25 -4.31
C GLU D 320 -18.83 -9.57 -4.09
N LYS D 321 -18.28 -10.16 -5.16
CA LYS D 321 -17.63 -11.46 -5.02
C LYS D 321 -16.38 -11.35 -4.15
N GLU D 322 -15.51 -10.38 -4.44
CA GLU D 322 -14.29 -10.23 -3.65
C GLU D 322 -14.59 -9.74 -2.24
N VAL D 323 -15.69 -9.01 -2.05
CA VAL D 323 -16.11 -8.64 -0.70
C VAL D 323 -16.54 -9.87 0.08
N LEU D 324 -17.29 -10.77 -0.55
CA LEU D 324 -17.74 -11.97 0.13
C LEU D 324 -16.65 -13.02 0.29
N LYS D 325 -15.54 -12.92 -0.46
CA LYS D 325 -14.41 -13.80 -0.21
C LYS D 325 -13.82 -13.61 1.18
N TYR D 326 -13.94 -12.40 1.74
CA TYR D 326 -13.41 -12.15 3.08
C TYR D 326 -14.20 -12.90 4.15
N LEU D 327 -15.46 -13.22 3.87
CA LEU D 327 -16.28 -13.97 4.81
C LEU D 327 -15.94 -15.46 4.77
N PRO D 328 -16.15 -16.17 5.88
CA PRO D 328 -16.03 -17.63 5.84
C PRO D 328 -17.16 -18.24 5.03
N ASP D 329 -16.96 -19.50 4.63
CA ASP D 329 -17.92 -20.18 3.78
C ASP D 329 -19.29 -20.31 4.47
N LYS D 330 -19.29 -20.67 5.76
CA LYS D 330 -20.54 -20.74 6.51
C LYS D 330 -21.20 -19.38 6.64
N LEU D 331 -20.40 -18.35 6.94
CA LEU D 331 -20.99 -17.03 7.15
C LEU D 331 -21.35 -16.36 5.84
N ARG D 332 -20.57 -16.58 4.77
CA ARG D 332 -20.98 -16.13 3.44
C ARG D 332 -22.25 -16.82 3.00
N ALA D 333 -22.38 -18.11 3.31
CA ALA D 333 -23.62 -18.83 3.00
C ALA D 333 -24.80 -18.24 3.76
N GLU D 334 -24.59 -17.89 5.03
CA GLU D 334 -25.66 -17.26 5.82
C GLU D 334 -26.07 -15.92 5.23
N ILE D 335 -25.08 -15.10 4.84
CA ILE D 335 -25.37 -13.81 4.21
C ILE D 335 -26.16 -14.01 2.92
N ALA D 336 -25.72 -14.95 2.08
CA ALA D 336 -26.40 -15.22 0.83
C ALA D 336 -27.81 -15.71 1.05
N ILE D 337 -28.02 -16.58 2.04
CA ILE D 337 -29.35 -17.06 2.36
C ILE D 337 -30.24 -15.90 2.77
N ASN D 338 -29.76 -15.07 3.71
CA ASN D 338 -30.54 -13.94 4.20
C ASN D 338 -30.87 -12.95 3.09
N VAL D 339 -30.02 -12.87 2.06
CA VAL D 339 -30.30 -11.94 0.97
C VAL D 339 -31.25 -12.54 -0.05
N HIS D 340 -31.08 -13.82 -0.40
CA HIS D 340 -31.69 -14.37 -1.60
C HIS D 340 -32.73 -15.47 -1.40
N LEU D 341 -32.85 -16.06 -0.21
CA LEU D 341 -33.68 -17.25 -0.07
C LEU D 341 -35.16 -16.93 -0.25
N ASP D 342 -35.60 -15.80 0.30
CA ASP D 342 -37.01 -15.42 0.19
C ASP D 342 -37.41 -15.16 -1.25
N THR D 343 -36.55 -14.48 -2.01
CA THR D 343 -36.88 -14.20 -3.41
C THR D 343 -36.64 -15.39 -4.32
N LEU D 344 -35.82 -16.37 -3.91
CA LEU D 344 -35.68 -17.58 -4.71
C LEU D 344 -36.82 -18.57 -4.45
N LYS D 345 -37.39 -18.55 -3.24
CA LYS D 345 -38.52 -19.43 -2.94
C LYS D 345 -39.80 -19.01 -3.67
N LYS D 346 -39.86 -17.79 -4.22
CA LYS D 346 -41.02 -17.36 -4.98
C LYS D 346 -40.98 -17.80 -6.43
N VAL D 347 -39.84 -18.34 -6.90
CA VAL D 347 -39.76 -18.83 -8.27
C VAL D 347 -40.60 -20.10 -8.38
N ARG D 348 -41.38 -20.19 -9.47
CA ARG D 348 -42.39 -21.24 -9.58
C ARG D 348 -41.77 -22.63 -9.69
N ILE D 349 -40.64 -22.74 -10.38
CA ILE D 349 -39.98 -24.05 -10.48
C ILE D 349 -39.36 -24.44 -9.14
N PHE D 350 -38.82 -23.47 -8.40
CA PHE D 350 -38.23 -23.72 -7.09
C PHE D 350 -39.23 -23.52 -5.96
N ALA D 351 -40.52 -23.72 -6.22
CA ALA D 351 -41.53 -23.50 -5.20
C ALA D 351 -41.44 -24.52 -4.08
N ASP D 352 -41.22 -25.79 -4.43
CA ASP D 352 -41.16 -26.89 -3.46
C ASP D 352 -39.87 -27.65 -3.69
N CYS D 353 -38.78 -27.19 -3.08
CA CYS D 353 -37.47 -27.80 -3.26
C CYS D 353 -36.82 -28.02 -1.90
N GLU D 354 -35.80 -28.86 -1.90
CA GLU D 354 -35.04 -29.13 -0.68
C GLU D 354 -34.28 -27.88 -0.24
N ALA D 355 -34.06 -27.78 1.07
CA ALA D 355 -33.37 -26.62 1.62
C ALA D 355 -31.92 -26.53 1.14
N GLY D 356 -31.23 -27.66 1.08
CA GLY D 356 -29.84 -27.65 0.65
C GLY D 356 -29.68 -27.24 -0.81
N LEU D 357 -30.58 -27.71 -1.67
CA LEU D 357 -30.55 -27.30 -3.08
C LEU D 357 -30.79 -25.81 -3.22
N LEU D 358 -31.76 -25.27 -2.47
CA LEU D 358 -32.03 -23.84 -2.53
C LEU D 358 -30.83 -23.03 -2.01
N VAL D 359 -30.17 -23.51 -0.95
CA VAL D 359 -29.00 -22.82 -0.42
C VAL D 359 -27.87 -22.81 -1.45
N GLU D 360 -27.65 -23.96 -2.10
CA GLU D 360 -26.60 -24.03 -3.13
C GLU D 360 -26.92 -23.13 -4.32
N LEU D 361 -28.19 -23.10 -4.75
CA LEU D 361 -28.60 -22.25 -5.86
C LEU D 361 -28.46 -20.78 -5.51
N VAL D 362 -28.75 -20.42 -4.25
CA VAL D 362 -28.50 -19.07 -3.76
C VAL D 362 -27.01 -18.75 -3.84
N LEU D 363 -26.16 -19.68 -3.41
CA LEU D 363 -24.72 -19.49 -3.49
C LEU D 363 -24.22 -19.39 -4.92
N LYS D 364 -24.97 -19.93 -5.89
CA LYS D 364 -24.58 -19.85 -7.29
C LYS D 364 -25.05 -18.56 -7.97
N LEU D 365 -25.77 -17.70 -7.27
CA LEU D 365 -26.28 -16.48 -7.89
C LEU D 365 -25.15 -15.48 -8.13
N GLN D 366 -25.23 -14.79 -9.27
CA GLN D 366 -24.20 -13.83 -9.68
C GLN D 366 -24.83 -12.46 -9.88
N PRO D 367 -24.31 -11.42 -9.24
CA PRO D 367 -24.92 -10.09 -9.37
C PRO D 367 -24.63 -9.46 -10.73
N GLN D 368 -25.67 -8.87 -11.32
CA GLN D 368 -25.54 -8.13 -12.57
C GLN D 368 -26.25 -6.79 -12.41
N VAL D 369 -25.54 -5.71 -12.71
CA VAL D 369 -26.08 -4.35 -12.60
C VAL D 369 -26.17 -3.76 -14.00
N TYR D 370 -27.31 -3.16 -14.31
CA TYR D 370 -27.58 -2.62 -15.64
C TYR D 370 -27.91 -1.14 -15.53
N SER D 371 -27.37 -0.36 -16.48
CA SER D 371 -27.70 1.05 -16.58
C SER D 371 -29.10 1.21 -17.16
N PRO D 372 -29.73 2.38 -16.97
CA PRO D 372 -31.01 2.64 -17.63
C PRO D 372 -30.90 2.55 -19.14
N GLY D 373 -31.89 1.92 -19.76
CA GLY D 373 -31.90 1.71 -21.19
C GLY D 373 -31.12 0.50 -21.67
N ASP D 374 -30.45 -0.20 -20.77
CA ASP D 374 -29.68 -1.39 -21.15
C ASP D 374 -30.62 -2.56 -21.42
N TYR D 375 -30.22 -3.41 -22.36
CA TYR D 375 -30.99 -4.59 -22.73
C TYR D 375 -30.41 -5.80 -22.02
N ILE D 376 -31.16 -6.35 -21.06
CA ILE D 376 -30.75 -7.58 -20.40
C ILE D 376 -30.81 -8.75 -21.38
N CYS D 377 -31.93 -8.87 -22.09
CA CYS D 377 -32.11 -9.91 -23.10
C CYS D 377 -32.75 -9.31 -24.33
N LYS D 378 -32.33 -9.79 -25.50
CA LYS D 378 -32.91 -9.39 -26.78
C LYS D 378 -33.67 -10.57 -27.36
N LYS D 379 -34.68 -10.26 -28.18
CA LYS D 379 -35.42 -11.30 -28.87
C LYS D 379 -34.52 -11.98 -29.88
N GLY D 380 -34.36 -13.29 -29.75
CA GLY D 380 -33.43 -14.06 -30.55
C GLY D 380 -32.12 -14.37 -29.86
N ASP D 381 -31.80 -13.66 -28.78
CA ASP D 381 -30.61 -13.98 -28.00
C ASP D 381 -30.80 -15.31 -27.28
N ILE D 382 -29.69 -15.98 -27.00
CA ILE D 382 -29.74 -17.30 -26.38
C ILE D 382 -29.87 -17.13 -24.86
N GLY D 383 -30.90 -17.76 -24.30
CA GLY D 383 -31.12 -17.74 -22.88
C GLY D 383 -30.49 -18.92 -22.16
N ARG D 384 -29.43 -18.65 -21.40
CA ARG D 384 -28.80 -19.65 -20.55
C ARG D 384 -28.75 -19.22 -19.09
N GLU D 385 -29.46 -18.16 -18.73
CA GLU D 385 -29.47 -17.64 -17.38
C GLU D 385 -30.89 -17.33 -16.94
N MET D 386 -31.11 -17.39 -15.63
CA MET D 386 -32.34 -16.94 -15.00
C MET D 386 -32.05 -15.68 -14.21
N TYR D 387 -32.71 -14.58 -14.55
CA TYR D 387 -32.44 -13.30 -13.92
C TYR D 387 -33.53 -12.99 -12.88
N ILE D 388 -33.11 -12.69 -11.66
CA ILE D 388 -34.01 -12.36 -10.56
C ILE D 388 -33.73 -10.92 -10.15
N ILE D 389 -34.75 -10.08 -10.21
CA ILE D 389 -34.59 -8.64 -9.99
C ILE D 389 -34.54 -8.38 -8.49
N LYS D 390 -33.34 -8.09 -7.97
CA LYS D 390 -33.21 -7.72 -6.57
C LYS D 390 -33.79 -6.34 -6.32
N GLU D 391 -33.43 -5.36 -7.17
CA GLU D 391 -34.03 -4.04 -7.12
C GLU D 391 -33.98 -3.44 -8.51
N GLY D 392 -34.95 -2.60 -8.82
CA GLY D 392 -35.06 -1.98 -10.12
C GLY D 392 -36.32 -2.42 -10.84
N LYS D 393 -36.55 -1.77 -11.98
CA LYS D 393 -37.70 -2.05 -12.83
C LYS D 393 -37.23 -2.46 -14.21
N LEU D 394 -37.77 -3.58 -14.69
CA LEU D 394 -37.42 -4.13 -16.00
C LEU D 394 -38.65 -4.12 -16.89
N ALA D 395 -38.45 -3.78 -18.15
CA ALA D 395 -39.54 -3.65 -19.11
C ALA D 395 -39.46 -4.74 -20.16
N VAL D 396 -40.58 -5.41 -20.41
CA VAL D 396 -40.70 -6.35 -21.53
C VAL D 396 -41.11 -5.51 -22.73
N VAL D 397 -40.11 -4.99 -23.43
CA VAL D 397 -40.32 -4.01 -24.50
C VAL D 397 -40.47 -4.75 -25.82
N ALA D 398 -41.24 -4.16 -26.73
CA ALA D 398 -41.48 -4.75 -28.04
C ALA D 398 -40.26 -4.53 -28.95
N ASP D 399 -40.41 -4.94 -30.21
CA ASP D 399 -39.31 -4.83 -31.16
C ASP D 399 -38.99 -3.40 -31.55
N ASP D 400 -39.95 -2.48 -31.40
CA ASP D 400 -39.70 -1.08 -31.72
C ASP D 400 -38.81 -0.39 -30.70
N GLY D 401 -38.73 -0.92 -29.48
CA GLY D 401 -37.90 -0.35 -28.45
C GLY D 401 -38.52 0.77 -27.65
N VAL D 402 -39.79 1.08 -27.86
CA VAL D 402 -40.44 2.17 -27.15
C VAL D 402 -41.73 1.74 -26.46
N THR D 403 -42.37 0.65 -26.87
CA THR D 403 -43.61 0.18 -26.26
C THR D 403 -43.34 -1.07 -25.44
N GLN D 404 -43.80 -1.06 -24.19
CA GLN D 404 -43.54 -2.14 -23.25
C GLN D 404 -44.82 -2.94 -22.99
N PHE D 405 -44.65 -4.24 -22.75
CA PHE D 405 -45.76 -5.12 -22.43
C PHE D 405 -46.10 -5.10 -20.94
N VAL D 406 -45.11 -5.31 -20.09
CA VAL D 406 -45.31 -5.33 -18.65
C VAL D 406 -44.01 -4.88 -17.98
N VAL D 407 -44.14 -4.15 -16.88
CA VAL D 407 -42.99 -3.72 -16.10
C VAL D 407 -42.76 -4.74 -14.99
N LEU D 408 -41.55 -5.29 -14.93
CA LEU D 408 -41.17 -6.26 -13.91
C LEU D 408 -40.47 -5.53 -12.77
N SER D 409 -41.00 -5.68 -11.56
CA SER D 409 -40.49 -4.97 -10.40
C SER D 409 -39.49 -5.85 -9.66
N ASP D 410 -39.10 -5.43 -8.46
CA ASP D 410 -38.16 -6.20 -7.66
C ASP D 410 -38.80 -7.52 -7.19
N GLY D 411 -37.94 -8.52 -6.97
CA GLY D 411 -38.39 -9.85 -6.62
C GLY D 411 -38.89 -10.69 -7.78
N SER D 412 -39.24 -10.06 -8.91
CA SER D 412 -39.70 -10.79 -10.07
C SER D 412 -38.54 -11.52 -10.74
N TYR D 413 -38.89 -12.40 -11.68
CA TYR D 413 -37.89 -13.25 -12.31
C TYR D 413 -38.34 -13.59 -13.73
N PHE D 414 -37.37 -13.97 -14.55
CA PHE D 414 -37.64 -14.47 -15.89
C PHE D 414 -36.48 -15.36 -16.31
N GLY D 415 -36.72 -16.17 -17.34
CA GLY D 415 -35.72 -17.12 -17.78
C GLY D 415 -35.66 -18.39 -16.96
N GLU D 416 -36.69 -18.67 -16.16
CA GLU D 416 -36.71 -19.88 -15.35
C GLU D 416 -36.87 -21.14 -16.19
N ILE D 417 -37.34 -21.00 -17.43
CA ILE D 417 -37.50 -22.15 -18.32
C ILE D 417 -36.23 -22.42 -19.11
N SER D 418 -35.53 -21.36 -19.53
CA SER D 418 -34.35 -21.51 -20.38
C SER D 418 -33.22 -22.24 -19.67
N ILE D 419 -33.11 -22.08 -18.34
CA ILE D 419 -32.09 -22.82 -17.60
C ILE D 419 -32.38 -24.31 -17.60
N LEU D 420 -33.65 -24.70 -17.57
CA LEU D 420 -34.01 -26.10 -17.66
C LEU D 420 -33.89 -26.59 -19.11
N ASN D 421 -33.21 -27.71 -19.31
CA ASN D 421 -33.05 -28.29 -20.64
C ASN D 421 -34.17 -29.30 -20.86
N ILE D 422 -35.20 -28.90 -21.59
CA ILE D 422 -36.39 -29.73 -21.82
C ILE D 422 -36.40 -30.12 -23.30
N LYS D 423 -36.45 -31.42 -23.56
CA LYS D 423 -36.47 -31.91 -24.92
C LYS D 423 -37.83 -31.63 -25.57
N GLY D 424 -37.80 -31.30 -26.86
CA GLY D 424 -39.01 -31.05 -27.62
C GLY D 424 -39.62 -29.68 -27.42
N SER D 425 -38.92 -28.76 -26.77
CA SER D 425 -39.46 -27.43 -26.53
C SER D 425 -39.58 -26.67 -27.84
N LYS D 426 -40.68 -25.93 -28.00
CA LYS D 426 -40.88 -25.11 -29.19
C LYS D 426 -39.82 -24.02 -29.28
N ALA D 427 -39.55 -23.34 -28.18
CA ALA D 427 -38.50 -22.34 -28.10
C ALA D 427 -37.33 -22.95 -27.34
N GLY D 428 -36.24 -23.23 -28.05
CA GLY D 428 -35.08 -23.86 -27.45
C GLY D 428 -33.95 -22.89 -27.22
N ASN D 429 -33.62 -22.66 -25.94
CA ASN D 429 -32.56 -21.76 -25.47
C ASN D 429 -32.53 -20.43 -26.23
N ARG D 430 -33.70 -19.84 -26.41
CA ARG D 430 -33.83 -18.53 -27.04
C ARG D 430 -34.75 -17.65 -26.20
N ARG D 431 -34.58 -16.34 -26.34
CA ARG D 431 -35.39 -15.38 -25.60
C ARG D 431 -36.59 -14.97 -26.46
N THR D 432 -37.78 -15.08 -25.88
CA THR D 432 -39.00 -14.79 -26.62
C THR D 432 -39.24 -13.30 -26.80
N ALA D 433 -38.84 -12.48 -25.84
CA ALA D 433 -39.12 -11.05 -25.87
C ALA D 433 -37.89 -10.28 -25.43
N ASN D 434 -37.91 -8.97 -25.74
CA ASN D 434 -36.82 -8.08 -25.37
C ASN D 434 -37.02 -7.59 -23.94
N ILE D 435 -35.95 -7.65 -23.15
CA ILE D 435 -35.96 -7.21 -21.76
C ILE D 435 -35.06 -5.99 -21.66
N LYS D 436 -35.62 -4.86 -21.22
CA LYS D 436 -34.89 -3.60 -21.15
C LYS D 436 -34.93 -3.06 -19.72
N SER D 437 -33.78 -2.59 -19.24
CA SER D 437 -33.68 -1.97 -17.93
C SER D 437 -34.19 -0.54 -18.02
N ILE D 438 -35.27 -0.24 -17.30
CA ILE D 438 -35.81 1.12 -17.29
C ILE D 438 -34.86 2.07 -16.57
N GLY D 439 -34.38 1.67 -15.40
CA GLY D 439 -33.47 2.45 -14.61
C GLY D 439 -32.21 1.67 -14.27
N TYR D 440 -31.59 2.04 -13.17
CA TYR D 440 -30.38 1.36 -12.70
C TYR D 440 -30.81 0.07 -12.01
N SER D 441 -30.93 -0.99 -12.80
CA SER D 441 -31.45 -2.26 -12.32
C SER D 441 -30.30 -3.13 -11.82
N ASP D 442 -30.43 -3.60 -10.59
CA ASP D 442 -29.47 -4.51 -9.97
C ASP D 442 -30.16 -5.84 -9.73
N LEU D 443 -29.61 -6.91 -10.30
CA LEU D 443 -30.29 -8.19 -10.33
C LEU D 443 -29.28 -9.32 -10.35
N PHE D 444 -29.75 -10.51 -9.99
CA PHE D 444 -28.90 -11.69 -9.88
C PHE D 444 -29.28 -12.72 -10.93
N CYS D 445 -28.27 -13.30 -11.57
CA CYS D 445 -28.47 -14.28 -12.63
C CYS D 445 -28.03 -15.66 -12.15
N LEU D 446 -28.84 -16.67 -12.48
CA LEU D 446 -28.51 -18.07 -12.24
C LEU D 446 -28.31 -18.73 -13.59
N SER D 447 -27.07 -19.09 -13.90
CA SER D 447 -26.76 -19.66 -15.20
C SER D 447 -27.23 -21.10 -15.30
N LYS D 448 -27.32 -21.60 -16.53
CA LYS D 448 -27.68 -22.99 -16.76
C LYS D 448 -26.63 -23.93 -16.21
N ASP D 449 -25.35 -23.60 -16.43
CA ASP D 449 -24.26 -24.46 -15.97
C ASP D 449 -24.23 -24.55 -14.45
N ASP D 450 -24.45 -23.42 -13.77
CA ASP D 450 -24.46 -23.42 -12.31
C ASP D 450 -25.64 -24.22 -11.78
N LEU D 451 -26.81 -24.11 -12.43
CA LEU D 451 -27.97 -24.90 -12.02
C LEU D 451 -27.71 -26.39 -12.20
N MET D 452 -27.10 -26.78 -13.32
CA MET D 452 -26.78 -28.19 -13.53
C MET D 452 -25.76 -28.69 -12.51
N GLU D 453 -24.74 -27.88 -12.22
CA GLU D 453 -23.73 -28.29 -11.25
C GLU D 453 -24.30 -28.40 -9.85
N ALA D 454 -25.28 -27.55 -9.51
CA ALA D 454 -25.96 -27.68 -8.22
C ALA D 454 -26.87 -28.91 -8.21
N LEU D 455 -27.50 -29.22 -9.34
CA LEU D 455 -28.41 -30.35 -9.43
C LEU D 455 -27.69 -31.69 -9.57
N THR D 456 -26.37 -31.68 -9.77
CA THR D 456 -25.61 -32.93 -9.83
C THR D 456 -25.81 -33.76 -8.57
N GLU D 457 -25.79 -33.13 -7.39
CA GLU D 457 -25.99 -33.82 -6.14
C GLU D 457 -27.46 -33.95 -5.75
N TYR D 458 -28.37 -33.44 -6.57
CA TYR D 458 -29.81 -33.54 -6.33
C TYR D 458 -30.48 -34.08 -7.59
N PRO D 459 -30.38 -35.39 -7.82
CA PRO D 459 -30.98 -35.95 -9.05
C PRO D 459 -32.49 -36.00 -9.01
N ASP D 460 -33.08 -36.31 -7.84
CA ASP D 460 -34.53 -36.30 -7.72
C ASP D 460 -35.09 -34.89 -7.90
N ALA D 461 -34.40 -33.90 -7.34
CA ALA D 461 -34.81 -32.50 -7.54
C ALA D 461 -34.67 -32.10 -9.00
N LYS D 462 -33.63 -32.60 -9.67
CA LYS D 462 -33.46 -32.33 -11.11
C LYS D 462 -34.61 -32.92 -11.91
N THR D 463 -35.00 -34.15 -11.60
CA THR D 463 -36.13 -34.78 -12.29
C THR D 463 -37.43 -34.02 -12.02
N MET D 464 -37.62 -33.57 -10.78
CA MET D 464 -38.81 -32.79 -10.45
C MET D 464 -38.82 -31.47 -11.20
N LEU D 465 -37.66 -30.83 -11.33
CA LEU D 465 -37.56 -29.58 -12.08
C LEU D 465 -37.89 -29.80 -13.56
N GLU D 466 -37.38 -30.89 -14.14
CA GLU D 466 -37.72 -31.20 -15.53
C GLU D 466 -39.22 -31.44 -15.68
N GLU D 467 -39.83 -32.17 -14.74
CA GLU D 467 -41.26 -32.43 -14.80
C GLU D 467 -42.07 -31.14 -14.68
N LYS D 468 -41.67 -30.25 -13.78
CA LYS D 468 -42.38 -28.99 -13.59
C LYS D 468 -42.25 -28.10 -14.83
N GLY D 469 -41.06 -28.05 -15.41
CA GLY D 469 -40.90 -27.29 -16.65
C GLY D 469 -41.72 -27.86 -17.79
N LYS D 470 -41.77 -29.19 -17.89
CA LYS D 470 -42.57 -29.84 -18.93
C LYS D 470 -44.05 -29.54 -18.75
N GLN D 471 -44.54 -29.60 -17.51
CA GLN D 471 -45.96 -29.31 -17.29
C GLN D 471 -46.28 -27.83 -17.48
N ILE D 472 -45.32 -26.95 -17.19
CA ILE D 472 -45.51 -25.52 -17.46
C ILE D 472 -45.61 -25.28 -18.96
N LEU D 473 -44.73 -25.93 -19.73
CA LEU D 473 -44.77 -25.76 -21.19
C LEU D 473 -46.04 -26.35 -21.78
N MET D 474 -46.53 -27.47 -21.24
CA MET D 474 -47.81 -28.01 -21.71
C MET D 474 -48.97 -27.09 -21.35
N LYS D 475 -48.95 -26.50 -20.15
CA LYS D 475 -50.01 -25.59 -19.75
C LYS D 475 -50.03 -24.33 -20.60
N ASP D 476 -48.86 -23.80 -20.93
CA ASP D 476 -48.75 -22.56 -21.70
C ASP D 476 -48.96 -22.78 -23.20
N GLY D 477 -49.11 -24.02 -23.65
CA GLY D 477 -49.25 -24.30 -25.06
C GLY D 477 -47.95 -24.54 -25.80
N LEU D 478 -46.82 -24.45 -25.12
CA LEU D 478 -45.52 -24.69 -25.72
C LEU D 478 -45.27 -26.19 -25.82
N LEU D 479 -44.02 -26.58 -26.08
CA LEU D 479 -43.58 -27.97 -26.13
C LEU D 479 -44.31 -28.77 -27.21
P CMP E . -2.34 -21.29 -41.09
O1P CMP E . -2.90 -20.65 -39.85
O2P CMP E . -2.61 -22.74 -41.35
O5' CMP E . -0.74 -21.09 -41.04
C5' CMP E . -0.13 -19.82 -41.25
C4' CMP E . -1.04 -18.97 -42.09
O4' CMP E . -0.30 -18.09 -42.96
C3' CMP E . -1.90 -19.75 -43.04
O3' CMP E . -2.91 -20.47 -42.37
C2' CMP E . -2.36 -18.67 -44.02
O2' CMP E . -3.39 -17.89 -43.44
C1' CMP E . -1.09 -17.81 -44.11
N9 CMP E . -0.29 -18.13 -45.30
C8 CMP E . 0.60 -19.13 -45.40
N7 CMP E . 1.18 -19.16 -46.64
C5 CMP E . 0.64 -18.16 -47.35
C6 CMP E . 0.78 -17.63 -48.72
N6 CMP E . 1.65 -18.20 -49.61
N1 CMP E . 0.04 -16.57 -49.07
C2 CMP E . -0.84 -16.00 -48.23
N3 CMP E . -1.02 -16.43 -46.96
C4 CMP E . -0.33 -17.49 -46.48
P CMP F . 12.92 -42.86 -10.32
O1P CMP F . 12.20 -41.55 -10.59
O2P CMP F . 12.14 -44.14 -10.31
O5' CMP F . 13.63 -42.73 -8.89
C5' CMP F . 14.77 -41.90 -8.67
C4' CMP F . 15.47 -41.69 -9.98
O4' CMP F . 16.90 -41.52 -9.82
C3' CMP F . 15.38 -42.86 -10.93
O3' CMP F . 14.08 -43.01 -11.45
C2' CMP F . 16.47 -42.54 -11.93
O2' CMP F . 16.04 -41.54 -12.85
C1' CMP F . 17.54 -41.92 -11.02
N9 CMP F . 18.62 -42.87 -10.69
C8 CMP F . 18.54 -43.87 -9.80
N7 CMP F . 19.71 -44.57 -9.74
C5 CMP F . 20.56 -43.99 -10.61
C6 CMP F . 21.96 -44.22 -11.04
N6 CMP F . 22.69 -45.24 -10.51
N1 CMP F . 22.46 -43.40 -11.98
C2 CMP F . 21.74 -42.39 -12.51
N3 CMP F . 20.48 -42.13 -12.16
C4 CMP F . 19.84 -42.88 -11.23
P CMP G . -22.73 -37.99 8.69
O1P CMP G . -21.63 -37.19 8.04
O2P CMP G . -23.64 -38.82 7.82
O5' CMP G . -23.66 -36.96 9.49
C5' CMP G . -23.23 -36.33 10.70
C4' CMP G . -22.20 -37.20 11.35
O4' CMP G . -22.27 -37.13 12.80
C3' CMP G . -22.38 -38.67 11.08
O3' CMP G . -22.05 -39.00 9.75
C2' CMP G . -21.51 -39.29 12.17
O2' CMP G . -20.13 -39.24 11.81
C1' CMP G . -21.75 -38.33 13.34
N9 CMP G . -22.71 -38.86 14.32
C8 CMP G . -24.04 -38.95 14.12
N7 CMP G . -24.65 -39.49 15.22
C5 CMP G . -23.69 -39.75 16.13
C6 CMP G . -23.65 -40.30 17.50
N6 CMP G . -24.78 -40.71 18.13
N1 CMP G . -22.44 -40.40 18.10
C2 CMP G . -21.31 -40.00 17.49
N3 CMP G . -21.28 -39.49 16.25
C4 CMP G . -22.42 -39.33 15.52
P CMP H . -37.38 -16.11 -21.89
O1P CMP H . -36.27 -16.21 -20.88
O2P CMP H . -37.51 -17.18 -22.93
O5' CMP H . -37.20 -14.71 -22.67
C5' CMP H . -37.48 -13.47 -22.02
C4' CMP H . -38.46 -13.69 -20.91
O4' CMP H . -39.35 -12.55 -20.73
C3' CMP H . -39.42 -14.81 -21.16
O3' CMP H . -38.78 -16.07 -21.07
C2' CMP H . -40.50 -14.54 -20.12
O2' CMP H . -40.08 -14.95 -18.82
C1' CMP H . -40.56 -13.00 -20.16
N9 CMP H . -41.68 -12.50 -20.96
C8 CMP H . -41.70 -12.44 -22.30
N7 CMP H . -42.88 -11.93 -22.75
C5 CMP H . -43.64 -11.66 -21.67
C6 CMP H . -44.99 -11.10 -21.42
N6 CMP H . -45.78 -10.73 -22.44
N1 CMP H . -45.39 -10.99 -20.13
C2 CMP H . -44.60 -11.36 -19.11
N3 CMP H . -43.37 -11.86 -19.27
C4 CMP H . -42.83 -12.04 -20.50
#